data_6R5N
#
_entry.id   6R5N
#
_cell.length_a   77.942
_cell.length_b   86.882
_cell.length_c   244.180
_cell.angle_alpha   90.00
_cell.angle_beta   90.00
_cell.angle_gamma   90.00
#
_symmetry.space_group_name_H-M   'P 21 21 21'
#
loop_
_entity.id
_entity.type
_entity.pdbx_description
1 polymer 'Periplasmic beta-glucosidase'
2 non-polymer 'TRIETHYLENE GLYCOL'
3 non-polymer 1-DEOXYNOJIRIMYCIN
4 non-polymer 'MAGNESIUM ION'
5 water water
#
_entity_poly.entity_id   1
_entity_poly.type   'polypeptide(L)'
_entity_poly.pdbx_seq_one_letter_code
;TDKERFIASLMARMSNAEKIGQLRLVSVGADHPKEALMADIRAGKVGAIFNTVTRPDIRAMQDQVRHSRLKIPLFHAYDV
AHGHRTIFPISLGLAASWDPEVVARSARISALEASADGLDMSFSPMVDITRDARWGRVSEGFGEDTYLTSLLSGVMVRAY
QGSNLAAPDSIMAAVKHFALYGAAEGGRDYNTVDMSLPRMFQDYLPPYKAAVDAGAGAVMVSLNTINGVPATANRWLLTD
LLRQQWGFKGLTISDHGAVKELIKHGLAGNERDATRLAIQAGVDMNMNDDLYSTWLPKLLAAGEIDQADIDRACRDVLAA
KYDLGLFADPYRRLGKPDDPPFDTNAESRLHRQAAREVAREGLVLLKNRDGLLPLKKQGRIAVIGPLAKSQRDVIGSWSA
AGVPRQAVTVYQGLANAVGERATLLYAKGANVSGDQAILDYLNSYNPEVEVDPRSAEAMLEEALRTARDADLVVAVVGES
QGMAHEASSRTDLRIPASQRRLLKALKATGKPLVLVLMNGRPLSLGWEQENADAILETWFSGTEGGNAIADVLFGEHNPS
GKLTMSFPRSVGQVPVYYNHLNTGRPMDHDNPGKYTSRYFDEANGPLYPFGYGLSYTEFSLSPLRLSSERLARGATLEAR
VTLSNSGKRAGATVVQLYLQDPVASLSRPVKELRGFRKVMLEPGESREIVFRLGEADLKFYDSQLRHTAEPGEFKVFVGL
DSAQTESRSFTLL
;
_entity_poly.pdbx_strand_id   B,A
#
loop_
_chem_comp.id
_chem_comp.type
_chem_comp.name
_chem_comp.formula
MG non-polymer 'MAGNESIUM ION' 'Mg 2'
NOJ non-polymer 1-DEOXYNOJIRIMYCIN 'C6 H13 N O4'
PGE non-polymer 'TRIETHYLENE GLYCOL' 'C6 H14 O4'
#
# COMPACT_ATOMS: atom_id res chain seq x y z
N THR A 1 -15.92 -7.95 -47.05
CA THR A 1 -15.21 -9.12 -46.44
C THR A 1 -16.14 -10.34 -46.47
N ASP A 2 -15.62 -11.47 -46.92
CA ASP A 2 -16.28 -12.79 -46.80
C ASP A 2 -16.64 -13.04 -45.32
N LYS A 3 -15.76 -12.65 -44.39
CA LYS A 3 -15.99 -12.87 -42.93
C LYS A 3 -17.27 -12.17 -42.49
N GLU A 4 -17.33 -10.86 -42.71
CA GLU A 4 -18.45 -9.98 -42.29
C GLU A 4 -19.77 -10.51 -42.90
N ARG A 5 -19.72 -10.88 -44.18
CA ARG A 5 -20.89 -11.39 -44.94
C ARG A 5 -21.32 -12.74 -44.36
N PHE A 6 -20.38 -13.65 -44.11
CA PHE A 6 -20.68 -14.97 -43.50
C PHE A 6 -21.39 -14.77 -42.16
N ILE A 7 -20.83 -13.94 -41.28
CA ILE A 7 -21.38 -13.69 -39.92
C ILE A 7 -22.76 -13.00 -40.01
N ALA A 8 -22.89 -11.98 -40.85
CA ALA A 8 -24.15 -11.20 -41.04
C ALA A 8 -25.24 -12.15 -41.48
N SER A 9 -24.89 -13.00 -42.43
CA SER A 9 -25.77 -14.00 -43.05
C SER A 9 -26.24 -15.03 -42.01
N LEU A 10 -25.33 -15.51 -41.13
CA LEU A 10 -25.71 -16.46 -40.04
C LEU A 10 -26.60 -15.73 -39.03
N MET A 11 -26.20 -14.53 -38.61
CA MET A 11 -26.95 -13.79 -37.57
C MET A 11 -28.35 -13.43 -38.09
N ALA A 12 -28.53 -13.25 -39.41
CA ALA A 12 -29.86 -13.00 -40.04
C ALA A 12 -30.82 -14.17 -39.76
N ARG A 13 -30.29 -15.38 -39.59
CA ARG A 13 -31.12 -16.61 -39.42
C ARG A 13 -31.32 -16.91 -37.94
N MET A 14 -30.74 -16.12 -37.03
CA MET A 14 -30.68 -16.46 -35.58
C MET A 14 -31.80 -15.75 -34.81
N SER A 15 -32.50 -16.46 -33.93
CA SER A 15 -33.38 -15.88 -32.88
C SER A 15 -32.54 -15.19 -31.80
N ASN A 16 -33.16 -14.36 -30.97
CA ASN A 16 -32.42 -13.70 -29.85
C ASN A 16 -32.00 -14.79 -28.83
N ALA A 17 -32.80 -15.83 -28.63
CA ALA A 17 -32.46 -16.99 -27.77
C ALA A 17 -31.11 -17.58 -28.24
N GLU A 18 -30.93 -17.73 -29.55
CA GLU A 18 -29.71 -18.32 -30.13
C GLU A 18 -28.56 -17.32 -30.01
N LYS A 19 -28.84 -16.04 -30.27
CA LYS A 19 -27.80 -14.97 -30.13
C LYS A 19 -27.30 -14.94 -28.70
N ILE A 20 -28.22 -15.00 -27.75
CA ILE A 20 -27.94 -14.95 -26.30
C ILE A 20 -27.21 -16.23 -25.91
N GLY A 21 -27.60 -17.39 -26.45
CA GLY A 21 -26.93 -18.69 -26.21
C GLY A 21 -25.45 -18.62 -26.53
N GLN A 22 -25.08 -17.86 -27.57
CA GLN A 22 -23.66 -17.69 -27.99
C GLN A 22 -22.82 -17.03 -26.88
N LEU A 23 -23.44 -16.30 -25.95
CA LEU A 23 -22.71 -15.48 -24.94
C LEU A 23 -22.42 -16.32 -23.69
N ARG A 24 -22.98 -17.53 -23.61
CA ARG A 24 -22.91 -18.38 -22.41
C ARG A 24 -21.63 -19.22 -22.42
N LEU A 25 -20.77 -19.00 -21.44
CA LEU A 25 -19.49 -19.72 -21.25
C LEU A 25 -19.57 -20.52 -19.96
N VAL A 26 -19.53 -21.86 -20.03
CA VAL A 26 -19.80 -22.71 -18.85
C VAL A 26 -18.76 -23.82 -18.74
N SER A 27 -18.65 -24.39 -17.55
CA SER A 27 -17.76 -25.53 -17.29
C SER A 27 -18.57 -26.58 -16.56
N VAL A 28 -18.24 -27.84 -16.74
CA VAL A 28 -18.82 -28.96 -15.96
C VAL A 28 -18.42 -28.77 -14.50
N GLY A 29 -19.39 -28.82 -13.60
CA GLY A 29 -19.22 -28.63 -12.14
C GLY A 29 -20.54 -28.80 -11.44
N ALA A 30 -20.56 -28.58 -10.13
CA ALA A 30 -21.79 -28.66 -9.30
C ALA A 30 -22.87 -27.74 -9.88
N ASP A 31 -22.48 -26.53 -10.29
CA ASP A 31 -23.38 -25.53 -10.95
C ASP A 31 -23.93 -26.08 -12.27
N HIS A 32 -23.15 -26.87 -13.02
CA HIS A 32 -23.52 -27.33 -14.39
C HIS A 32 -23.12 -28.79 -14.58
N PRO A 33 -23.95 -29.74 -14.14
CA PRO A 33 -23.68 -31.16 -14.34
C PRO A 33 -23.51 -31.47 -15.84
N LYS A 34 -22.67 -32.45 -16.15
CA LYS A 34 -22.23 -32.76 -17.54
C LYS A 34 -23.48 -32.94 -18.43
N GLU A 35 -24.46 -33.73 -18.01
CA GLU A 35 -25.62 -34.14 -18.84
C GLU A 35 -26.55 -32.95 -19.10
N ALA A 36 -26.80 -32.10 -18.11
CA ALA A 36 -27.58 -30.85 -18.27
C ALA A 36 -26.88 -29.98 -19.32
N LEU A 37 -25.54 -29.92 -19.26
CA LEU A 37 -24.74 -29.10 -20.19
C LEU A 37 -24.84 -29.67 -21.61
N MET A 38 -24.79 -30.99 -21.75
CA MET A 38 -24.87 -31.71 -23.06
C MET A 38 -26.24 -31.38 -23.69
N ALA A 39 -27.30 -31.44 -22.90
CA ALA A 39 -28.69 -31.12 -23.34
C ALA A 39 -28.76 -29.66 -23.82
N ASP A 40 -28.08 -28.77 -23.12
CA ASP A 40 -28.09 -27.31 -23.45
C ASP A 40 -27.37 -27.10 -24.77
N ILE A 41 -26.27 -27.83 -25.00
CA ILE A 41 -25.51 -27.74 -26.27
C ILE A 41 -26.45 -28.16 -27.41
N ARG A 42 -27.17 -29.28 -27.24
CA ARG A 42 -28.15 -29.80 -28.25
C ARG A 42 -29.24 -28.76 -28.53
N ALA A 43 -29.60 -27.93 -27.56
CA ALA A 43 -30.68 -26.92 -27.67
C ALA A 43 -30.11 -25.59 -28.17
N GLY A 44 -28.81 -25.51 -28.49
CA GLY A 44 -28.20 -24.26 -28.95
C GLY A 44 -28.09 -23.21 -27.86
N LYS A 45 -27.99 -23.62 -26.59
CA LYS A 45 -27.99 -22.69 -25.44
C LYS A 45 -26.58 -22.48 -24.87
N VAL A 46 -25.54 -22.90 -25.58
CA VAL A 46 -24.15 -22.80 -25.07
C VAL A 46 -23.27 -22.24 -26.18
N GLY A 47 -22.44 -21.25 -25.86
CA GLY A 47 -21.48 -20.65 -26.80
C GLY A 47 -20.09 -21.26 -26.68
N ALA A 48 -19.66 -21.60 -25.47
CA ALA A 48 -18.30 -22.12 -25.27
C ALA A 48 -18.19 -22.80 -23.92
N ILE A 49 -17.14 -23.61 -23.80
CA ILE A 49 -16.86 -24.45 -22.61
C ILE A 49 -15.47 -24.05 -22.10
N PHE A 50 -15.26 -24.07 -20.79
CA PHE A 50 -13.90 -24.06 -20.19
C PHE A 50 -13.78 -25.25 -19.23
N ASN A 51 -12.55 -25.73 -19.03
CA ASN A 51 -12.10 -26.81 -18.10
C ASN A 51 -12.45 -28.22 -18.61
N THR A 52 -12.87 -28.38 -19.87
CA THR A 52 -12.93 -29.68 -20.58
C THR A 52 -11.74 -29.76 -21.54
N VAL A 53 -10.82 -30.70 -21.34
CA VAL A 53 -9.41 -30.53 -21.76
C VAL A 53 -8.81 -31.78 -22.43
N THR A 54 -9.61 -32.79 -22.77
CA THR A 54 -9.07 -33.97 -23.49
C THR A 54 -9.81 -34.15 -24.81
N ARG A 55 -9.16 -34.79 -25.78
CA ARG A 55 -9.78 -35.02 -27.11
C ARG A 55 -11.11 -35.75 -26.94
N PRO A 56 -11.21 -36.90 -26.22
CA PRO A 56 -12.50 -37.58 -26.12
C PRO A 56 -13.60 -36.72 -25.47
N ASP A 57 -13.27 -35.94 -24.42
CA ASP A 57 -14.27 -35.09 -23.71
C ASP A 57 -14.71 -33.95 -24.65
N ILE A 58 -13.78 -33.32 -25.37
CA ILE A 58 -14.13 -32.14 -26.23
C ILE A 58 -14.90 -32.64 -27.47
N ARG A 59 -14.48 -33.74 -28.07
CA ARG A 59 -15.18 -34.38 -29.21
C ARG A 59 -16.64 -34.63 -28.83
N ALA A 60 -16.87 -35.20 -27.66
CA ALA A 60 -18.24 -35.52 -27.15
C ALA A 60 -19.08 -34.24 -27.03
N MET A 61 -18.52 -33.13 -26.54
CA MET A 61 -19.24 -31.82 -26.48
C MET A 61 -19.58 -31.35 -27.91
N GLN A 62 -18.57 -31.30 -28.79
CA GLN A 62 -18.71 -30.75 -30.17
C GLN A 62 -19.71 -31.63 -30.95
N ASP A 63 -19.68 -32.96 -30.73
CA ASP A 63 -20.67 -33.92 -31.29
C ASP A 63 -22.11 -33.48 -30.97
N GLN A 64 -22.36 -32.88 -29.81
CA GLN A 64 -23.75 -32.50 -29.42
C GLN A 64 -24.30 -31.37 -30.31
N VAL A 65 -23.42 -30.53 -30.84
CA VAL A 65 -23.78 -29.33 -31.67
C VAL A 65 -24.67 -29.74 -32.86
N ARG A 66 -24.39 -30.92 -33.44
CA ARG A 66 -25.12 -31.50 -34.59
C ARG A 66 -26.62 -31.54 -34.31
N HIS A 67 -27.05 -31.68 -33.06
CA HIS A 67 -28.49 -31.78 -32.69
C HIS A 67 -29.19 -30.42 -32.66
N SER A 68 -28.43 -29.33 -32.68
CA SER A 68 -28.98 -27.95 -32.53
C SER A 68 -29.48 -27.47 -33.90
N ARG A 69 -30.41 -26.53 -33.93
CA ARG A 69 -31.03 -26.06 -35.20
C ARG A 69 -29.94 -25.52 -36.13
N LEU A 70 -29.04 -24.65 -35.67
CA LEU A 70 -28.07 -23.96 -36.54
C LEU A 70 -26.68 -24.59 -36.48
N LYS A 71 -26.41 -25.55 -35.58
CA LYS A 71 -25.14 -26.32 -35.56
C LYS A 71 -23.94 -25.38 -35.39
N ILE A 72 -24.09 -24.34 -34.58
CA ILE A 72 -22.96 -23.40 -34.37
C ILE A 72 -21.95 -24.11 -33.47
N PRO A 73 -20.69 -24.26 -33.92
CA PRO A 73 -19.67 -24.95 -33.15
C PRO A 73 -19.31 -24.23 -31.84
N LEU A 74 -18.93 -25.03 -30.83
CA LEU A 74 -18.39 -24.53 -29.54
C LEU A 74 -16.92 -24.16 -29.74
N PHE A 75 -16.39 -23.27 -28.91
CA PHE A 75 -14.93 -23.21 -28.67
C PHE A 75 -14.70 -23.72 -27.24
N HIS A 76 -13.53 -24.30 -26.99
CA HIS A 76 -13.12 -24.88 -25.70
C HIS A 76 -11.89 -24.14 -25.17
N ALA A 77 -11.95 -23.68 -23.93
CA ALA A 77 -10.88 -22.86 -23.34
C ALA A 77 -10.40 -23.51 -22.05
N TYR A 78 -9.23 -23.10 -21.61
CA TYR A 78 -8.55 -23.61 -20.39
C TYR A 78 -7.52 -22.60 -19.95
N ASP A 79 -7.08 -22.74 -18.70
CA ASP A 79 -6.02 -21.93 -18.09
C ASP A 79 -4.68 -22.61 -18.39
N VAL A 80 -4.20 -22.44 -19.63
CA VAL A 80 -2.85 -22.91 -20.03
C VAL A 80 -1.91 -21.74 -19.75
N ALA A 81 -1.48 -21.63 -18.51
CA ALA A 81 -0.79 -20.44 -17.99
C ALA A 81 0.70 -20.56 -18.30
N HIS A 82 1.29 -21.74 -17.99
CA HIS A 82 2.74 -21.99 -18.16
C HIS A 82 2.96 -23.45 -18.55
N GLY A 83 2.16 -23.95 -19.49
CA GLY A 83 2.21 -25.34 -19.93
C GLY A 83 0.85 -25.98 -19.87
N HIS A 84 0.62 -26.96 -20.73
CA HIS A 84 -0.63 -27.77 -20.73
C HIS A 84 -0.40 -29.12 -20.03
N ARG A 85 0.42 -30.01 -20.61
CA ARG A 85 0.77 -31.31 -19.97
C ARG A 85 2.21 -31.26 -19.47
N THR A 86 3.12 -30.81 -20.34
CA THR A 86 4.52 -30.52 -19.99
C THR A 86 4.53 -29.15 -19.33
N ILE A 87 4.84 -29.11 -18.04
CA ILE A 87 4.71 -27.86 -17.28
C ILE A 87 6.07 -27.16 -17.23
N PHE A 88 6.09 -25.96 -17.77
CA PHE A 88 7.22 -25.01 -17.71
C PHE A 88 7.24 -24.29 -16.37
N PRO A 89 8.34 -23.58 -16.02
CA PRO A 89 8.31 -22.72 -14.84
C PRO A 89 7.09 -21.80 -14.86
N ILE A 90 6.58 -21.44 -13.67
CA ILE A 90 5.60 -20.34 -13.55
C ILE A 90 6.12 -19.09 -14.29
N SER A 91 5.21 -18.25 -14.76
CA SER A 91 5.53 -17.04 -15.55
C SER A 91 6.59 -16.20 -14.84
N LEU A 92 6.58 -16.08 -13.53
CA LEU A 92 7.55 -15.22 -12.81
C LEU A 92 8.96 -15.77 -13.05
N GLY A 93 9.09 -17.09 -13.11
CA GLY A 93 10.35 -17.80 -13.40
C GLY A 93 10.72 -17.70 -14.86
N LEU A 94 9.74 -17.78 -15.78
CA LEU A 94 9.95 -17.62 -17.23
C LEU A 94 10.51 -16.22 -17.50
N ALA A 95 9.97 -15.22 -16.83
CA ALA A 95 10.40 -13.81 -16.98
C ALA A 95 11.87 -13.70 -16.61
N ALA A 96 12.32 -14.45 -15.59
CA ALA A 96 13.69 -14.34 -15.05
C ALA A 96 14.70 -14.88 -16.06
N SER A 97 14.23 -15.54 -17.14
CA SER A 97 15.12 -15.96 -18.25
C SER A 97 15.63 -14.72 -19.02
N TRP A 98 14.89 -13.61 -18.97
CA TRP A 98 15.23 -12.38 -19.73
C TRP A 98 15.50 -12.76 -21.19
N ASP A 99 14.74 -13.70 -21.71
CA ASP A 99 14.94 -14.20 -23.09
C ASP A 99 13.58 -14.40 -23.74
N PRO A 100 13.15 -13.44 -24.59
CA PRO A 100 11.85 -13.56 -25.26
C PRO A 100 11.73 -14.88 -26.05
N GLU A 101 12.82 -15.42 -26.57
CA GLU A 101 12.79 -16.71 -27.31
C GLU A 101 12.49 -17.88 -26.36
N VAL A 102 12.96 -17.84 -25.12
CA VAL A 102 12.67 -18.93 -24.12
C VAL A 102 11.18 -18.86 -23.76
N VAL A 103 10.68 -17.65 -23.56
CA VAL A 103 9.23 -17.46 -23.24
C VAL A 103 8.38 -17.93 -24.43
N ALA A 104 8.73 -17.53 -25.66
CA ALA A 104 7.97 -17.88 -26.90
C ALA A 104 7.94 -19.41 -27.03
N ARG A 105 9.05 -20.07 -26.71
CA ARG A 105 9.15 -21.55 -26.81
C ARG A 105 8.16 -22.21 -25.85
N SER A 106 8.11 -21.75 -24.60
CA SER A 106 7.19 -22.33 -23.58
C SER A 106 5.75 -22.14 -24.08
N ALA A 107 5.43 -20.95 -24.63
CA ALA A 107 4.07 -20.64 -25.13
C ALA A 107 3.73 -21.49 -26.36
N ARG A 108 4.68 -21.59 -27.30
CA ARG A 108 4.49 -22.37 -28.56
C ARG A 108 4.18 -23.83 -28.19
N ILE A 109 4.98 -24.41 -27.29
CA ILE A 109 4.81 -25.84 -26.88
C ILE A 109 3.49 -25.98 -26.10
N SER A 110 3.15 -25.01 -25.27
CA SER A 110 1.85 -25.04 -24.52
C SER A 110 0.69 -25.08 -25.51
N ALA A 111 0.71 -24.22 -26.52
CA ALA A 111 -0.38 -24.11 -27.53
C ALA A 111 -0.42 -25.42 -28.32
N LEU A 112 0.74 -25.98 -28.62
CA LEU A 112 0.87 -27.23 -29.41
C LEU A 112 0.17 -28.35 -28.63
N GLU A 113 0.51 -28.49 -27.35
CA GLU A 113 -0.03 -29.57 -26.49
C GLU A 113 -1.53 -29.37 -26.21
N ALA A 114 -1.96 -28.13 -26.00
CA ALA A 114 -3.36 -27.79 -25.70
C ALA A 114 -4.22 -28.06 -26.92
N SER A 115 -3.80 -27.52 -28.07
CA SER A 115 -4.49 -27.73 -29.38
C SER A 115 -4.50 -29.22 -29.74
N ALA A 116 -3.44 -29.95 -29.41
CA ALA A 116 -3.35 -31.42 -29.66
C ALA A 116 -4.44 -32.16 -28.88
N ASP A 117 -4.90 -31.61 -27.77
CA ASP A 117 -5.97 -32.19 -26.92
C ASP A 117 -7.33 -31.61 -27.28
N GLY A 118 -7.41 -30.71 -28.27
CA GLY A 118 -8.70 -30.18 -28.75
C GLY A 118 -9.02 -28.76 -28.31
N LEU A 119 -8.15 -28.11 -27.52
CA LEU A 119 -8.46 -26.76 -26.97
C LEU A 119 -8.22 -25.69 -28.05
N ASP A 120 -9.09 -24.69 -28.11
CA ASP A 120 -9.02 -23.55 -29.08
C ASP A 120 -8.46 -22.27 -28.43
N MET A 121 -8.47 -22.19 -27.10
CA MET A 121 -8.21 -20.90 -26.39
C MET A 121 -7.57 -21.13 -25.04
N SER A 122 -6.63 -20.28 -24.67
CA SER A 122 -6.14 -20.20 -23.27
C SER A 122 -6.53 -18.84 -22.70
N PHE A 123 -6.94 -18.88 -21.43
CA PHE A 123 -7.06 -17.72 -20.54
C PHE A 123 -5.64 -17.33 -20.10
N SER A 124 -4.91 -16.79 -21.07
CA SER A 124 -3.48 -16.44 -20.97
CA SER A 124 -3.48 -16.42 -20.96
C SER A 124 -3.11 -15.57 -22.17
N PRO A 125 -2.04 -14.74 -22.12
CA PRO A 125 -1.21 -14.54 -20.93
C PRO A 125 -1.86 -13.67 -19.84
N MET A 126 -1.49 -13.94 -18.59
CA MET A 126 -1.73 -13.03 -17.46
C MET A 126 -0.61 -11.98 -17.48
N VAL A 127 -0.96 -10.71 -17.59
CA VAL A 127 0.06 -9.65 -17.86
C VAL A 127 -0.10 -8.52 -16.85
N ASP A 128 -0.67 -8.83 -15.68
CA ASP A 128 -0.94 -7.81 -14.63
C ASP A 128 0.40 -7.39 -14.02
N ILE A 129 0.66 -6.08 -13.94
CA ILE A 129 1.85 -5.53 -13.24
C ILE A 129 1.69 -5.76 -11.74
N THR A 130 2.75 -6.22 -11.08
CA THR A 130 2.72 -6.59 -9.65
C THR A 130 3.87 -5.90 -8.90
N ARG A 131 3.50 -5.03 -7.94
CA ARG A 131 4.45 -4.34 -7.02
C ARG A 131 4.25 -4.78 -5.57
N ASP A 132 3.33 -5.71 -5.32
CA ASP A 132 2.97 -6.15 -3.97
C ASP A 132 3.13 -7.68 -3.89
N ALA A 133 4.20 -8.11 -3.24
CA ALA A 133 4.55 -9.53 -3.10
C ALA A 133 3.52 -10.31 -2.29
N ARG A 134 2.62 -9.65 -1.53
CA ARG A 134 1.65 -10.40 -0.70
C ARG A 134 0.64 -11.13 -1.59
N TRP A 135 0.33 -10.55 -2.75
CA TRP A 135 -0.70 -11.09 -3.68
C TRP A 135 -0.28 -12.47 -4.17
N GLY A 136 -1.18 -13.45 -4.05
CA GLY A 136 -0.88 -14.84 -4.41
C GLY A 136 -0.70 -15.05 -5.91
N ARG A 137 -1.23 -14.15 -6.75
CA ARG A 137 -1.19 -14.30 -8.22
C ARG A 137 0.05 -13.65 -8.85
N VAL A 138 0.99 -13.16 -8.04
CA VAL A 138 2.29 -12.65 -8.54
C VAL A 138 3.00 -13.73 -9.36
N SER A 139 2.84 -15.01 -8.99
CA SER A 139 3.48 -16.14 -9.70
C SER A 139 3.08 -16.14 -11.19
N GLU A 140 1.89 -15.67 -11.51
CA GLU A 140 1.29 -15.78 -12.88
C GLU A 140 1.75 -14.65 -13.81
N GLY A 141 2.38 -13.60 -13.30
CA GLY A 141 2.80 -12.45 -14.12
C GLY A 141 4.27 -12.51 -14.42
N PHE A 142 4.84 -11.41 -14.93
CA PHE A 142 6.25 -11.31 -15.34
C PHE A 142 7.04 -10.36 -14.44
N GLY A 143 6.45 -9.94 -13.32
CA GLY A 143 7.08 -9.08 -12.31
C GLY A 143 6.60 -7.64 -12.37
N GLU A 144 7.46 -6.73 -11.95
CA GLU A 144 7.06 -5.34 -11.62
C GLU A 144 7.30 -4.38 -12.78
N ASP A 145 7.96 -4.78 -13.86
CA ASP A 145 8.41 -3.83 -14.91
C ASP A 145 7.44 -3.76 -16.11
N THR A 146 7.04 -2.53 -16.46
CA THR A 146 6.09 -2.24 -17.56
C THR A 146 6.73 -2.65 -18.90
N TYR A 147 8.00 -2.33 -19.13
CA TYR A 147 8.64 -2.63 -20.44
C TYR A 147 8.74 -4.16 -20.63
N LEU A 148 9.30 -4.88 -19.67
CA LEU A 148 9.48 -6.35 -19.77
C LEU A 148 8.12 -7.05 -19.90
N THR A 149 7.16 -6.71 -19.06
CA THR A 149 5.83 -7.37 -19.08
C THR A 149 5.12 -7.08 -20.41
N SER A 150 5.23 -5.86 -20.92
CA SER A 150 4.59 -5.46 -22.21
C SER A 150 5.22 -6.26 -23.35
N LEU A 151 6.55 -6.34 -23.36
CA LEU A 151 7.31 -7.13 -24.35
C LEU A 151 6.85 -8.60 -24.30
N LEU A 152 6.87 -9.21 -23.11
CA LEU A 152 6.56 -10.65 -22.99
C LEU A 152 5.07 -10.87 -23.27
N SER A 153 4.23 -9.90 -22.95
CA SER A 153 2.78 -9.96 -23.26
C SER A 153 2.64 -10.21 -24.77
N GLY A 154 3.29 -9.36 -25.57
CA GLY A 154 3.28 -9.49 -27.03
C GLY A 154 3.79 -10.86 -27.51
N VAL A 155 4.93 -11.28 -26.97
CA VAL A 155 5.61 -12.57 -27.28
C VAL A 155 4.65 -13.74 -27.04
N MET A 156 3.96 -13.77 -25.89
CA MET A 156 3.04 -14.88 -25.52
C MET A 156 1.90 -14.97 -26.53
N VAL A 157 1.29 -13.83 -26.86
CA VAL A 157 0.15 -13.76 -27.80
C VAL A 157 0.60 -14.34 -29.15
N ARG A 158 1.71 -13.84 -29.68
CA ARG A 158 2.23 -14.23 -31.02
C ARG A 158 2.59 -15.71 -31.01
N ALA A 159 3.20 -16.21 -29.94
CA ALA A 159 3.60 -17.64 -29.86
C ALA A 159 2.35 -18.55 -29.79
N TYR A 160 1.31 -18.14 -29.07
CA TYR A 160 0.08 -18.95 -28.93
C TYR A 160 -0.66 -19.00 -30.28
N GLN A 161 -0.80 -17.84 -30.94
CA GLN A 161 -1.73 -17.62 -32.07
C GLN A 161 -1.06 -18.02 -33.40
N GLY A 162 0.27 -18.03 -33.44
CA GLY A 162 1.06 -18.34 -34.65
C GLY A 162 0.71 -17.38 -35.81
N SER A 163 0.84 -17.80 -37.06
CA SER A 163 0.58 -16.93 -38.23
C SER A 163 -0.89 -17.05 -38.64
N ASN A 164 -1.61 -18.02 -38.09
CA ASN A 164 -3.01 -18.32 -38.46
C ASN A 164 -3.74 -18.96 -37.28
N LEU A 165 -4.80 -18.32 -36.81
CA LEU A 165 -5.64 -18.82 -35.68
C LEU A 165 -6.38 -20.10 -36.04
N ALA A 166 -6.50 -20.46 -37.34
CA ALA A 166 -7.19 -21.70 -37.78
C ALA A 166 -6.24 -22.90 -37.74
N ALA A 167 -4.94 -22.66 -37.53
CA ALA A 167 -3.92 -23.74 -37.52
C ALA A 167 -4.22 -24.69 -36.36
N PRO A 168 -4.21 -26.01 -36.59
CA PRO A 168 -4.48 -26.97 -35.52
C PRO A 168 -3.39 -27.07 -34.43
N ASP A 169 -2.32 -26.29 -34.53
CA ASP A 169 -1.29 -26.20 -33.46
C ASP A 169 -1.30 -24.80 -32.82
N SER A 170 -2.29 -23.98 -33.18
CA SER A 170 -2.52 -22.64 -32.60
C SER A 170 -3.72 -22.64 -31.65
N ILE A 171 -3.71 -21.72 -30.69
CA ILE A 171 -4.87 -21.35 -29.85
C ILE A 171 -4.99 -19.84 -29.81
N MET A 172 -6.19 -19.38 -29.52
CA MET A 172 -6.48 -17.95 -29.28
C MET A 172 -6.00 -17.58 -27.87
N ALA A 173 -5.34 -16.44 -27.75
CA ALA A 173 -4.93 -15.83 -26.48
C ALA A 173 -6.09 -14.96 -25.97
N ALA A 174 -6.56 -15.22 -24.74
CA ALA A 174 -7.46 -14.32 -23.97
C ALA A 174 -6.59 -13.66 -22.89
N VAL A 175 -6.04 -12.48 -23.21
CA VAL A 175 -5.14 -11.76 -22.27
C VAL A 175 -5.95 -11.35 -21.03
N LYS A 176 -5.36 -11.46 -19.84
CA LYS A 176 -6.06 -11.18 -18.57
C LYS A 176 -5.07 -10.47 -17.67
N HIS A 177 -5.53 -9.81 -16.61
CA HIS A 177 -6.92 -9.57 -16.29
C HIS A 177 -7.19 -8.08 -16.46
N PHE A 178 -7.99 -7.71 -17.46
CA PHE A 178 -8.14 -6.29 -17.88
C PHE A 178 -9.11 -5.61 -16.92
N ALA A 179 -8.65 -4.78 -15.97
CA ALA A 179 -7.30 -4.25 -15.84
C ALA A 179 -6.96 -3.99 -14.38
N LEU A 180 -5.66 -3.90 -14.08
CA LEU A 180 -5.06 -3.35 -12.83
C LEU A 180 -5.22 -4.32 -11.65
N TYR A 181 -5.56 -5.57 -11.93
CA TYR A 181 -5.93 -6.61 -10.95
C TYR A 181 -4.84 -6.79 -9.88
N GLY A 182 -3.58 -6.69 -10.27
CA GLY A 182 -2.41 -6.89 -9.39
C GLY A 182 -2.06 -5.72 -8.50
N ALA A 183 -2.76 -4.58 -8.56
CA ALA A 183 -2.58 -3.44 -7.63
C ALA A 183 -3.59 -3.53 -6.46
N ALA A 184 -4.23 -4.69 -6.26
CA ALA A 184 -5.15 -4.93 -5.13
C ALA A 184 -4.59 -4.31 -3.84
N GLU A 185 -5.39 -3.49 -3.18
CA GLU A 185 -4.98 -2.86 -1.90
C GLU A 185 -4.71 -3.97 -0.86
N GLY A 186 -3.60 -3.86 -0.14
CA GLY A 186 -3.14 -4.85 0.85
C GLY A 186 -2.65 -6.15 0.24
N GLY A 187 -2.58 -6.26 -1.08
CA GLY A 187 -2.29 -7.53 -1.77
C GLY A 187 -3.34 -8.59 -1.46
N ARG A 188 -4.51 -8.16 -1.01
CA ARG A 188 -5.65 -9.07 -0.77
C ARG A 188 -6.30 -9.34 -2.12
N ASP A 189 -6.50 -10.60 -2.47
CA ASP A 189 -7.07 -10.91 -3.80
C ASP A 189 -8.44 -10.24 -3.91
N TYR A 190 -8.78 -9.77 -5.10
CA TYR A 190 -10.11 -9.26 -5.49
C TYR A 190 -10.31 -7.84 -4.94
N ASN A 191 -9.32 -7.28 -4.23
CA ASN A 191 -9.54 -6.05 -3.45
C ASN A 191 -9.44 -4.82 -4.37
N THR A 192 -10.06 -3.74 -3.90
CA THR A 192 -10.01 -2.35 -4.40
C THR A 192 -8.68 -1.99 -5.09
N VAL A 193 -8.79 -1.39 -6.28
CA VAL A 193 -7.65 -0.76 -6.98
C VAL A 193 -7.98 0.71 -7.18
N ASP A 194 -7.06 1.54 -6.73
CA ASP A 194 -7.22 3.00 -6.74
C ASP A 194 -5.88 3.60 -7.14
N MET A 195 -5.86 4.31 -8.27
CA MET A 195 -4.63 4.92 -8.81
C MET A 195 -4.98 6.08 -9.74
N SER A 196 -4.01 6.96 -9.92
CA SER A 196 -4.11 8.12 -10.84
C SER A 196 -4.13 7.62 -12.29
N LEU A 197 -4.69 8.40 -13.20
CA LEU A 197 -4.73 8.05 -14.63
C LEU A 197 -3.30 8.08 -15.20
N PRO A 198 -2.39 9.00 -14.81
CA PRO A 198 -1.01 8.94 -15.33
C PRO A 198 -0.27 7.65 -14.96
N ARG A 199 -0.42 7.18 -13.74
CA ARG A 199 0.20 5.90 -13.30
C ARG A 199 -0.46 4.77 -14.08
N MET A 200 -1.78 4.80 -14.19
CA MET A 200 -2.55 3.78 -14.93
C MET A 200 -2.06 3.66 -16.39
N PHE A 201 -1.99 4.78 -17.12
CA PHE A 201 -1.58 4.83 -18.55
C PHE A 201 -0.09 4.52 -18.73
N GLN A 202 0.78 5.02 -17.86
CA GLN A 202 2.25 4.87 -18.00
C GLN A 202 2.70 3.44 -17.63
N ASP A 203 2.16 2.87 -16.53
CA ASP A 203 2.77 1.69 -15.87
C ASP A 203 1.89 0.43 -15.94
N TYR A 204 0.56 0.56 -15.85
CA TYR A 204 -0.28 -0.65 -15.61
C TYR A 204 -1.03 -1.07 -16.88
N LEU A 205 -1.42 -0.13 -17.73
CA LEU A 205 -2.21 -0.46 -18.95
C LEU A 205 -1.35 -0.99 -20.12
N PRO A 206 -0.09 -0.56 -20.34
CA PRO A 206 0.61 -0.95 -21.56
C PRO A 206 0.70 -2.46 -21.84
N PRO A 207 0.80 -3.39 -20.86
CA PRO A 207 0.81 -4.81 -21.19
C PRO A 207 -0.45 -5.32 -21.90
N TYR A 208 -1.63 -4.81 -21.53
CA TYR A 208 -2.91 -5.20 -22.18
C TYR A 208 -2.93 -4.64 -23.61
N LYS A 209 -2.41 -3.43 -23.79
CA LYS A 209 -2.36 -2.78 -25.13
C LYS A 209 -1.37 -3.57 -26.00
N ALA A 210 -0.26 -4.03 -25.44
CA ALA A 210 0.74 -4.86 -26.15
C ALA A 210 0.11 -6.16 -26.66
N ALA A 211 -0.76 -6.78 -25.88
CA ALA A 211 -1.46 -8.01 -26.27
C ALA A 211 -2.47 -7.69 -27.36
N VAL A 212 -3.18 -6.57 -27.25
CA VAL A 212 -4.16 -6.16 -28.30
C VAL A 212 -3.41 -5.93 -29.61
N ASP A 213 -2.29 -5.22 -29.56
CA ASP A 213 -1.45 -4.85 -30.73
C ASP A 213 -0.77 -6.09 -31.32
N ALA A 214 -0.54 -7.16 -30.55
CA ALA A 214 0.00 -8.44 -31.06
C ALA A 214 -1.11 -9.27 -31.72
N GLY A 215 -2.36 -8.82 -31.65
CA GLY A 215 -3.50 -9.47 -32.32
C GLY A 215 -4.23 -10.47 -31.43
N ALA A 216 -4.16 -10.33 -30.11
CA ALA A 216 -4.93 -11.16 -29.16
C ALA A 216 -6.39 -11.20 -29.60
N GLY A 217 -7.02 -12.37 -29.68
CA GLY A 217 -8.41 -12.49 -30.16
C GLY A 217 -9.42 -12.20 -29.06
N ALA A 218 -9.00 -12.28 -27.80
CA ALA A 218 -9.90 -12.15 -26.64
C ALA A 218 -9.20 -11.39 -25.50
N VAL A 219 -10.02 -10.75 -24.69
CA VAL A 219 -9.63 -10.05 -23.44
C VAL A 219 -10.53 -10.56 -22.32
N MET A 220 -9.93 -11.02 -21.23
CA MET A 220 -10.70 -11.38 -20.01
C MET A 220 -10.73 -10.17 -19.08
N VAL A 221 -11.94 -9.80 -18.67
CA VAL A 221 -12.20 -8.60 -17.83
C VAL A 221 -12.05 -8.98 -16.36
N SER A 222 -11.43 -8.12 -15.58
CA SER A 222 -10.95 -8.41 -14.21
C SER A 222 -12.10 -8.31 -13.19
N LEU A 223 -11.88 -8.82 -11.98
CA LEU A 223 -12.86 -8.92 -10.88
C LEU A 223 -12.83 -7.66 -9.98
N ASN A 224 -11.86 -6.77 -10.17
CA ASN A 224 -11.59 -5.65 -9.23
C ASN A 224 -12.35 -4.39 -9.64
N THR A 225 -12.59 -3.50 -8.67
CA THR A 225 -12.89 -2.08 -8.95
C THR A 225 -11.65 -1.38 -9.49
N ILE A 226 -11.89 -0.42 -10.38
CA ILE A 226 -10.90 0.58 -10.81
C ILE A 226 -11.47 1.94 -10.43
N ASN A 227 -10.86 2.59 -9.45
CA ASN A 227 -11.30 3.91 -8.98
C ASN A 227 -12.80 3.86 -8.68
N GLY A 228 -13.25 2.76 -8.06
CA GLY A 228 -14.63 2.61 -7.58
C GLY A 228 -15.55 1.91 -8.56
N VAL A 229 -15.14 1.70 -9.82
CA VAL A 229 -16.02 1.05 -10.84
C VAL A 229 -15.48 -0.34 -11.16
N PRO A 230 -16.21 -1.42 -10.83
CA PRO A 230 -15.82 -2.76 -11.23
C PRO A 230 -15.48 -2.78 -12.73
N ALA A 231 -14.42 -3.49 -13.11
CA ALA A 231 -14.01 -3.58 -14.52
C ALA A 231 -15.20 -4.10 -15.35
N THR A 232 -15.98 -5.02 -14.77
CA THR A 232 -17.10 -5.69 -15.47
C THR A 232 -18.20 -4.69 -15.84
N ALA A 233 -18.27 -3.55 -15.15
CA ALA A 233 -19.33 -2.54 -15.37
C ALA A 233 -18.71 -1.24 -15.91
N ASN A 234 -17.47 -1.28 -16.39
CA ASN A 234 -16.66 -0.07 -16.62
C ASN A 234 -16.69 0.28 -18.12
N ARG A 235 -17.69 1.07 -18.53
CA ARG A 235 -17.84 1.40 -19.97
C ARG A 235 -16.63 2.19 -20.45
N TRP A 236 -16.08 3.06 -19.61
CA TRP A 236 -14.84 3.79 -20.00
C TRP A 236 -13.76 2.78 -20.37
N LEU A 237 -13.51 1.79 -19.50
CA LEU A 237 -12.42 0.79 -19.70
C LEU A 237 -12.70 -0.05 -20.96
N LEU A 238 -13.90 -0.63 -21.06
CA LEU A 238 -14.17 -1.69 -22.06
C LEU A 238 -14.57 -1.11 -23.42
N THR A 239 -15.16 0.09 -23.47
CA THR A 239 -15.68 0.68 -24.73
C THR A 239 -14.80 1.87 -25.13
N ASP A 240 -14.66 2.89 -24.29
CA ASP A 240 -13.91 4.13 -24.67
C ASP A 240 -12.45 3.79 -24.90
N LEU A 241 -11.83 3.06 -23.97
CA LEU A 241 -10.37 2.80 -24.04
C LEU A 241 -10.13 1.61 -24.99
N LEU A 242 -10.68 0.43 -24.65
CA LEU A 242 -10.32 -0.84 -25.33
C LEU A 242 -10.79 -0.79 -26.80
N ARG A 243 -12.04 -0.38 -27.05
CA ARG A 243 -12.62 -0.44 -28.43
C ARG A 243 -12.27 0.84 -29.22
N GLN A 244 -12.66 2.03 -28.76
CA GLN A 244 -12.54 3.27 -29.55
C GLN A 244 -11.10 3.77 -29.60
N GLN A 245 -10.36 3.76 -28.49
CA GLN A 245 -8.98 4.33 -28.48
C GLN A 245 -7.96 3.29 -28.95
N TRP A 246 -8.05 2.04 -28.48
CA TRP A 246 -7.04 0.99 -28.80
C TRP A 246 -7.42 0.25 -30.07
N GLY A 247 -8.68 0.27 -30.46
CA GLY A 247 -9.13 -0.38 -31.70
C GLY A 247 -9.22 -1.91 -31.58
N PHE A 248 -9.44 -2.43 -30.38
CA PHE A 248 -9.62 -3.90 -30.20
C PHE A 248 -10.89 -4.35 -30.94
N LYS A 249 -10.78 -5.40 -31.74
CA LYS A 249 -11.84 -5.90 -32.65
C LYS A 249 -12.36 -7.27 -32.19
N GLY A 250 -11.83 -7.80 -31.09
CA GLY A 250 -12.07 -9.20 -30.70
C GLY A 250 -13.15 -9.33 -29.66
N LEU A 251 -13.01 -10.33 -28.79
CA LEU A 251 -14.06 -10.81 -27.88
C LEU A 251 -13.69 -10.43 -26.45
N THR A 252 -14.61 -9.83 -25.69
CA THR A 252 -14.45 -9.63 -24.23
C THR A 252 -15.16 -10.74 -23.47
N ILE A 253 -14.49 -11.30 -22.48
CA ILE A 253 -15.00 -12.43 -21.65
C ILE A 253 -14.97 -11.98 -20.20
N SER A 254 -16.07 -12.14 -19.48
CA SER A 254 -16.12 -11.88 -18.02
C SER A 254 -15.30 -12.94 -17.27
N ASP A 255 -14.79 -12.59 -16.07
CA ASP A 255 -14.14 -13.58 -15.17
C ASP A 255 -15.30 -14.34 -14.49
N HIS A 256 -14.98 -15.29 -13.63
CA HIS A 256 -15.95 -16.28 -13.10
C HIS A 256 -16.94 -15.59 -12.15
N GLY A 257 -18.22 -15.56 -12.53
CA GLY A 257 -19.28 -14.93 -11.73
C GLY A 257 -19.12 -13.41 -11.64
N ALA A 258 -18.28 -12.77 -12.45
CA ALA A 258 -18.02 -11.30 -12.38
C ALA A 258 -19.32 -10.48 -12.55
N VAL A 259 -20.23 -10.91 -13.42
CA VAL A 259 -21.49 -10.14 -13.68
C VAL A 259 -22.35 -10.15 -12.41
N LYS A 260 -22.62 -11.32 -11.84
CA LYS A 260 -23.41 -11.42 -10.59
C LYS A 260 -22.72 -10.64 -9.45
N GLU A 261 -21.39 -10.59 -9.42
CA GLU A 261 -20.63 -9.97 -8.31
C GLU A 261 -20.79 -8.43 -8.31
N LEU A 262 -21.33 -7.85 -9.40
CA LEU A 262 -21.65 -6.41 -9.43
C LEU A 262 -22.60 -6.07 -8.28
N ILE A 263 -23.43 -7.03 -7.85
CA ILE A 263 -24.35 -6.86 -6.68
C ILE A 263 -23.51 -6.68 -5.40
N LYS A 264 -22.56 -7.56 -5.12
CA LYS A 264 -21.69 -7.50 -3.93
C LYS A 264 -20.86 -6.22 -3.95
N HIS A 265 -20.40 -5.79 -5.13
CA HIS A 265 -19.62 -4.52 -5.31
C HIS A 265 -20.51 -3.30 -5.00
N GLY A 266 -21.81 -3.49 -5.03
CA GLY A 266 -22.79 -2.43 -4.74
C GLY A 266 -23.04 -1.51 -5.93
N LEU A 267 -22.92 -2.03 -7.15
CA LEU A 267 -23.28 -1.29 -8.39
C LEU A 267 -24.70 -1.65 -8.82
N ALA A 268 -25.23 -2.77 -8.33
CA ALA A 268 -26.54 -3.31 -8.74
C ALA A 268 -27.27 -3.87 -7.52
N GLY A 269 -28.57 -3.70 -7.48
CA GLY A 269 -29.40 -4.25 -6.40
C GLY A 269 -29.91 -5.62 -6.76
N ASN A 270 -29.78 -6.03 -8.02
CA ASN A 270 -30.38 -7.31 -8.50
C ASN A 270 -29.65 -7.77 -9.76
N GLU A 271 -29.86 -9.03 -10.14
CA GLU A 271 -29.19 -9.69 -11.30
C GLU A 271 -29.55 -8.98 -12.61
N ARG A 272 -30.78 -8.50 -12.74
CA ARG A 272 -31.26 -7.88 -14.01
C ARG A 272 -30.42 -6.62 -14.25
N ASP A 273 -30.24 -5.80 -13.22
CA ASP A 273 -29.48 -4.54 -13.32
C ASP A 273 -28.01 -4.89 -13.56
N ALA A 274 -27.46 -5.90 -12.86
CA ALA A 274 -26.05 -6.33 -13.04
C ALA A 274 -25.83 -6.74 -14.49
N THR A 275 -26.75 -7.53 -15.04
CA THR A 275 -26.71 -8.01 -16.44
C THR A 275 -26.68 -6.80 -17.36
N ARG A 276 -27.57 -5.84 -17.17
CA ARG A 276 -27.65 -4.64 -18.03
C ARG A 276 -26.31 -3.89 -17.97
N LEU A 277 -25.73 -3.71 -16.78
CA LEU A 277 -24.48 -2.91 -16.67
C LEU A 277 -23.35 -3.58 -17.44
N ALA A 278 -23.20 -4.90 -17.31
CA ALA A 278 -22.09 -5.66 -17.93
C ALA A 278 -22.22 -5.61 -19.46
N ILE A 279 -23.39 -5.91 -20.02
CA ILE A 279 -23.48 -6.02 -21.50
C ILE A 279 -23.33 -4.62 -22.11
N GLN A 280 -23.85 -3.56 -21.49
CA GLN A 280 -23.72 -2.18 -22.06
C GLN A 280 -22.32 -1.63 -21.80
N ALA A 281 -21.59 -2.08 -20.78
CA ALA A 281 -20.20 -1.64 -20.55
C ALA A 281 -19.32 -2.17 -21.70
N GLY A 282 -19.65 -3.37 -22.21
CA GLY A 282 -18.93 -4.02 -23.30
C GLY A 282 -18.38 -5.39 -22.93
N VAL A 283 -19.05 -6.14 -22.07
CA VAL A 283 -18.72 -7.56 -21.79
C VAL A 283 -19.58 -8.44 -22.71
N ASP A 284 -18.94 -9.17 -23.63
CA ASP A 284 -19.62 -9.98 -24.66
C ASP A 284 -20.07 -11.31 -24.07
N MET A 285 -19.19 -11.97 -23.34
CA MET A 285 -19.40 -13.38 -22.95
C MET A 285 -19.38 -13.48 -21.42
N ASN A 286 -20.35 -14.22 -20.88
CA ASN A 286 -20.73 -14.33 -19.45
C ASN A 286 -20.24 -15.67 -18.91
N MET A 287 -19.26 -15.65 -18.00
CA MET A 287 -18.66 -16.89 -17.42
C MET A 287 -19.44 -17.39 -16.18
N ASN A 288 -20.02 -18.59 -16.34
CA ASN A 288 -20.59 -19.53 -15.35
CA ASN A 288 -20.55 -19.47 -15.25
C ASN A 288 -21.92 -19.04 -14.71
N ASP A 289 -22.12 -17.76 -14.38
CA ASP A 289 -23.29 -17.37 -13.53
C ASP A 289 -24.62 -17.37 -14.31
N ASP A 290 -24.62 -17.40 -15.64
CA ASP A 290 -25.83 -17.60 -16.48
C ASP A 290 -26.80 -16.40 -16.40
N LEU A 291 -26.34 -15.26 -15.88
CA LEU A 291 -27.18 -14.02 -15.81
C LEU A 291 -27.62 -13.58 -17.20
N TYR A 292 -26.74 -13.65 -18.20
CA TYR A 292 -27.06 -13.20 -19.59
C TYR A 292 -28.25 -13.99 -20.11
N SER A 293 -28.19 -15.31 -19.97
CA SER A 293 -29.24 -16.21 -20.51
C SER A 293 -30.54 -15.99 -19.76
N THR A 294 -30.46 -15.70 -18.45
CA THR A 294 -31.63 -15.47 -17.57
C THR A 294 -32.28 -14.12 -17.87
N TRP A 295 -31.53 -13.02 -18.08
CA TRP A 295 -32.09 -11.65 -17.99
C TRP A 295 -32.08 -10.89 -19.33
N LEU A 296 -31.24 -11.23 -20.29
CA LEU A 296 -31.11 -10.40 -21.53
C LEU A 296 -32.45 -10.35 -22.27
N PRO A 297 -33.26 -11.43 -22.37
CA PRO A 297 -34.55 -11.36 -23.05
C PRO A 297 -35.48 -10.32 -22.42
N LYS A 298 -35.63 -10.38 -21.09
CA LYS A 298 -36.48 -9.42 -20.34
C LYS A 298 -35.94 -8.00 -20.50
N LEU A 299 -34.63 -7.78 -20.40
CA LEU A 299 -34.04 -6.42 -20.58
C LEU A 299 -34.40 -5.87 -21.96
N LEU A 300 -34.28 -6.69 -23.02
CA LEU A 300 -34.57 -6.28 -24.41
C LEU A 300 -36.05 -5.94 -24.53
N ALA A 301 -36.93 -6.87 -24.12
CA ALA A 301 -38.40 -6.72 -24.22
C ALA A 301 -38.79 -5.39 -23.56
N ALA A 302 -38.16 -5.05 -22.44
CA ALA A 302 -38.47 -3.87 -21.61
C ALA A 302 -37.78 -2.60 -22.16
N GLY A 303 -36.95 -2.71 -23.19
CA GLY A 303 -36.23 -1.55 -23.73
C GLY A 303 -35.13 -1.05 -22.82
N GLU A 304 -34.68 -1.86 -21.86
CA GLU A 304 -33.57 -1.50 -20.92
C GLU A 304 -32.20 -1.68 -21.60
N ILE A 305 -32.10 -2.52 -22.66
CA ILE A 305 -30.92 -2.64 -23.55
C ILE A 305 -31.41 -2.53 -24.98
N ASP A 306 -30.48 -2.33 -25.91
CA ASP A 306 -30.74 -2.27 -27.37
C ASP A 306 -30.46 -3.64 -27.99
N GLN A 307 -31.15 -3.97 -29.09
CA GLN A 307 -30.79 -5.10 -29.98
C GLN A 307 -29.30 -5.03 -30.31
N ALA A 308 -28.76 -3.84 -30.55
CA ALA A 308 -27.34 -3.59 -30.88
C ALA A 308 -26.38 -4.18 -29.81
N ASP A 309 -26.75 -4.17 -28.53
CA ASP A 309 -25.90 -4.73 -27.43
C ASP A 309 -25.82 -6.26 -27.61
N ILE A 310 -26.93 -6.93 -27.87
CA ILE A 310 -26.97 -8.40 -28.11
C ILE A 310 -26.18 -8.70 -29.39
N ASP A 311 -26.42 -7.95 -30.47
CA ASP A 311 -25.78 -8.23 -31.77
C ASP A 311 -24.27 -8.01 -31.69
N ARG A 312 -23.80 -6.97 -31.00
CA ARG A 312 -22.36 -6.68 -30.85
C ARG A 312 -21.70 -7.90 -30.19
N ALA A 313 -22.26 -8.37 -29.08
CA ALA A 313 -21.70 -9.46 -28.25
C ALA A 313 -21.68 -10.76 -29.06
N CYS A 314 -22.78 -11.08 -29.73
CA CYS A 314 -22.95 -12.29 -30.56
C CYS A 314 -21.96 -12.27 -31.74
N ARG A 315 -21.87 -11.16 -32.47
CA ARG A 315 -20.93 -10.99 -33.61
C ARG A 315 -19.51 -11.31 -33.12
N ASP A 316 -19.12 -10.82 -31.95
CA ASP A 316 -17.76 -11.02 -31.39
C ASP A 316 -17.49 -12.51 -31.13
N VAL A 317 -18.45 -13.26 -30.60
CA VAL A 317 -18.30 -14.72 -30.35
C VAL A 317 -18.18 -15.44 -31.70
N LEU A 318 -19.08 -15.14 -32.65
CA LEU A 318 -19.09 -15.83 -33.96
C LEU A 318 -17.77 -15.50 -34.71
N ALA A 319 -17.28 -14.27 -34.59
CA ALA A 319 -16.05 -13.81 -35.25
C ALA A 319 -14.85 -14.58 -34.66
N ALA A 320 -14.83 -14.86 -33.36
CA ALA A 320 -13.74 -15.64 -32.74
C ALA A 320 -13.76 -17.07 -33.33
N LYS A 321 -14.93 -17.69 -33.35
CA LYS A 321 -15.14 -19.06 -33.89
C LYS A 321 -14.73 -19.12 -35.37
N TYR A 322 -15.01 -18.06 -36.12
CA TYR A 322 -14.61 -17.96 -37.55
C TYR A 322 -13.07 -17.99 -37.64
N ASP A 323 -12.40 -17.10 -36.92
CA ASP A 323 -10.92 -16.94 -36.94
C ASP A 323 -10.25 -18.26 -36.49
N LEU A 324 -10.87 -19.00 -35.58
CA LEU A 324 -10.33 -20.29 -35.06
C LEU A 324 -10.54 -21.43 -36.07
N GLY A 325 -11.24 -21.17 -37.18
CA GLY A 325 -11.45 -22.14 -38.26
C GLY A 325 -12.65 -23.06 -38.02
N LEU A 326 -13.45 -22.79 -36.98
CA LEU A 326 -14.42 -23.80 -36.48
C LEU A 326 -15.64 -23.88 -37.40
N PHE A 327 -15.90 -22.86 -38.20
CA PHE A 327 -16.99 -22.87 -39.21
C PHE A 327 -16.53 -23.68 -40.43
N ALA A 328 -15.23 -23.66 -40.76
CA ALA A 328 -14.65 -24.46 -41.85
C ALA A 328 -14.64 -25.94 -41.42
N ASP A 329 -14.19 -26.23 -40.20
CA ASP A 329 -14.09 -27.62 -39.68
C ASP A 329 -14.10 -27.58 -38.16
N PRO A 330 -15.24 -27.88 -37.53
CA PRO A 330 -15.30 -27.87 -36.06
C PRO A 330 -14.41 -28.95 -35.41
N TYR A 331 -13.87 -29.89 -36.20
CA TYR A 331 -13.04 -31.01 -35.70
C TYR A 331 -11.58 -30.81 -36.08
N ARG A 332 -11.19 -29.61 -36.51
CA ARG A 332 -9.82 -29.34 -37.00
C ARG A 332 -8.78 -29.60 -35.90
N ARG A 333 -9.12 -29.44 -34.61
CA ARG A 333 -8.17 -29.72 -33.48
C ARG A 333 -8.45 -31.09 -32.84
N LEU A 334 -9.30 -31.92 -33.43
CA LEU A 334 -9.83 -33.14 -32.79
C LEU A 334 -9.59 -34.40 -33.63
N GLY A 335 -8.83 -34.32 -34.73
CA GLY A 335 -8.59 -35.50 -35.60
C GLY A 335 -9.91 -36.12 -36.05
N LYS A 336 -9.99 -37.47 -36.07
CA LYS A 336 -11.19 -38.26 -36.46
C LYS A 336 -11.39 -39.40 -35.45
N PRO A 337 -12.60 -39.97 -35.29
CA PRO A 337 -12.84 -41.04 -34.31
C PRO A 337 -12.11 -42.38 -34.58
N ASP A 338 -11.70 -42.61 -35.83
CA ASP A 338 -11.01 -43.86 -36.26
C ASP A 338 -9.47 -43.65 -36.25
N ASP A 339 -8.97 -42.41 -36.06
CA ASP A 339 -7.54 -42.14 -35.72
C ASP A 339 -7.02 -43.25 -34.80
N PRO A 340 -5.74 -43.62 -34.86
CA PRO A 340 -5.21 -44.59 -33.90
C PRO A 340 -5.37 -44.07 -32.48
N PRO A 341 -5.91 -44.86 -31.51
CA PRO A 341 -6.04 -44.41 -30.13
C PRO A 341 -4.68 -44.00 -29.54
N PHE A 342 -4.74 -43.14 -28.54
CA PHE A 342 -3.60 -42.69 -27.73
C PHE A 342 -4.09 -42.42 -26.31
N ASP A 343 -3.18 -42.59 -25.36
CA ASP A 343 -3.31 -42.14 -23.97
C ASP A 343 -3.03 -40.63 -23.97
N THR A 344 -3.97 -39.83 -23.46
CA THR A 344 -3.79 -38.35 -23.38
C THR A 344 -2.46 -38.06 -22.65
N ASN A 345 -2.15 -38.87 -21.65
CA ASN A 345 -1.01 -38.60 -20.73
C ASN A 345 0.22 -39.46 -21.07
N ALA A 346 0.31 -39.98 -22.30
CA ALA A 346 1.47 -40.78 -22.77
C ALA A 346 2.76 -39.96 -22.64
N GLU A 347 3.82 -40.57 -22.15
CA GLU A 347 5.18 -39.97 -22.13
C GLU A 347 5.54 -39.44 -23.52
N SER A 348 5.11 -40.12 -24.57
CA SER A 348 5.46 -39.77 -25.96
C SER A 348 4.87 -38.41 -26.35
N ARG A 349 3.87 -37.90 -25.61
CA ARG A 349 3.19 -36.63 -26.00
C ARG A 349 3.74 -35.44 -25.21
N LEU A 350 4.73 -35.68 -24.34
CA LEU A 350 5.37 -34.62 -23.52
C LEU A 350 6.56 -34.06 -24.30
N HIS A 351 7.11 -32.94 -23.81
CA HIS A 351 8.26 -32.19 -24.37
C HIS A 351 9.24 -31.93 -23.24
N ARG A 352 9.76 -33.01 -22.66
CA ARG A 352 10.64 -32.95 -21.46
C ARG A 352 11.92 -32.17 -21.79
N GLN A 353 12.55 -32.41 -22.94
CA GLN A 353 13.85 -31.76 -23.25
C GLN A 353 13.63 -30.25 -23.28
N ALA A 354 12.55 -29.78 -23.91
CA ALA A 354 12.25 -28.33 -24.00
C ALA A 354 12.04 -27.78 -22.58
N ALA A 355 11.28 -28.50 -21.74
CA ALA A 355 10.94 -28.06 -20.37
C ALA A 355 12.23 -27.94 -19.56
N ARG A 356 13.16 -28.88 -19.72
CA ARG A 356 14.44 -28.88 -18.99
C ARG A 356 15.29 -27.68 -19.43
N GLU A 357 15.36 -27.42 -20.74
CA GLU A 357 16.20 -26.33 -21.29
C GLU A 357 15.60 -24.98 -20.86
N VAL A 358 14.29 -24.84 -20.94
CA VAL A 358 13.59 -23.59 -20.54
C VAL A 358 13.80 -23.36 -19.03
N ALA A 359 13.64 -24.41 -18.21
CA ALA A 359 13.68 -24.30 -16.74
C ALA A 359 15.08 -23.90 -16.26
N ARG A 360 16.14 -24.27 -16.98
CA ARG A 360 17.52 -23.89 -16.61
C ARG A 360 17.65 -22.36 -16.62
N GLU A 361 16.95 -21.69 -17.54
CA GLU A 361 17.18 -20.26 -17.87
C GLU A 361 16.66 -19.33 -16.79
N GLY A 362 15.65 -19.73 -16.03
CA GLY A 362 14.96 -18.86 -15.05
C GLY A 362 15.54 -18.98 -13.65
N LEU A 363 16.44 -19.92 -13.40
CA LEU A 363 16.97 -20.14 -12.03
C LEU A 363 17.92 -18.98 -11.70
N VAL A 364 17.76 -18.38 -10.52
CA VAL A 364 18.51 -17.16 -10.12
C VAL A 364 19.40 -17.52 -8.94
N LEU A 365 20.70 -17.41 -9.13
CA LEU A 365 21.67 -17.57 -8.02
C LEU A 365 21.66 -16.27 -7.23
N LEU A 366 21.22 -16.29 -5.97
CA LEU A 366 21.10 -15.06 -5.17
C LEU A 366 22.31 -14.91 -4.26
N LYS A 367 22.99 -16.02 -3.95
CA LYS A 367 24.18 -16.01 -3.06
C LYS A 367 25.02 -17.25 -3.36
N ASN A 368 26.35 -17.11 -3.26
CA ASN A 368 27.30 -18.24 -3.47
C ASN A 368 28.62 -17.92 -2.79
N ARG A 369 28.68 -18.12 -1.48
CA ARG A 369 29.86 -17.76 -0.66
C ARG A 369 31.03 -18.68 -1.01
N ASP A 370 32.19 -18.11 -1.33
CA ASP A 370 33.48 -18.86 -1.51
C ASP A 370 33.34 -19.94 -2.58
N GLY A 371 32.51 -19.71 -3.60
CA GLY A 371 32.37 -20.66 -4.71
C GLY A 371 31.97 -22.03 -4.24
N LEU A 372 31.11 -22.15 -3.23
CA LEU A 372 30.60 -23.49 -2.83
C LEU A 372 29.92 -24.15 -4.03
N LEU A 373 29.07 -23.44 -4.75
CA LEU A 373 28.50 -23.93 -6.03
C LEU A 373 29.45 -23.55 -7.18
N PRO A 374 29.61 -24.39 -8.23
CA PRO A 374 28.86 -25.64 -8.37
C PRO A 374 29.44 -26.77 -7.51
N LEU A 375 28.58 -27.71 -7.15
CA LEU A 375 28.94 -28.93 -6.40
C LEU A 375 29.69 -29.88 -7.33
N LYS A 376 30.53 -30.75 -6.76
CA LYS A 376 31.17 -31.89 -7.46
C LYS A 376 30.31 -33.11 -7.18
N LYS A 377 30.24 -34.06 -8.13
CA LYS A 377 29.47 -35.31 -7.94
C LYS A 377 30.32 -36.31 -7.16
N GLN A 378 30.43 -36.12 -5.85
CA GLN A 378 31.25 -37.01 -4.99
C GLN A 378 30.81 -36.79 -3.53
N GLY A 379 31.24 -37.69 -2.64
CA GLY A 379 31.01 -37.58 -1.19
C GLY A 379 29.55 -37.87 -0.83
N ARG A 380 29.10 -37.23 0.25
CA ARG A 380 27.79 -37.47 0.88
CA ARG A 380 27.78 -37.47 0.87
C ARG A 380 27.03 -36.14 0.95
N ILE A 381 25.84 -36.10 0.33
CA ILE A 381 25.02 -34.88 0.20
C ILE A 381 23.73 -35.15 0.96
N ALA A 382 23.47 -34.36 1.99
CA ALA A 382 22.21 -34.42 2.75
C ALA A 382 21.19 -33.60 1.96
N VAL A 383 20.07 -34.20 1.58
CA VAL A 383 18.97 -33.48 0.89
C VAL A 383 17.83 -33.41 1.89
N ILE A 384 17.53 -32.21 2.36
CA ILE A 384 16.67 -32.02 3.56
C ILE A 384 15.59 -31.00 3.24
N GLY A 385 14.35 -31.28 3.61
CA GLY A 385 13.30 -30.25 3.53
C GLY A 385 12.02 -30.75 2.90
N PRO A 386 10.87 -30.11 3.21
CA PRO A 386 9.57 -30.61 2.76
C PRO A 386 9.31 -30.44 1.27
N LEU A 387 10.17 -29.72 0.55
CA LEU A 387 9.97 -29.55 -0.92
C LEU A 387 10.92 -30.45 -1.70
N ALA A 388 11.85 -31.14 -1.02
CA ALA A 388 12.86 -32.00 -1.67
C ALA A 388 12.16 -33.08 -2.50
N LYS A 389 11.12 -33.72 -1.97
CA LYS A 389 10.46 -34.84 -2.67
C LYS A 389 9.05 -34.46 -3.13
N SER A 390 8.78 -33.16 -3.32
CA SER A 390 7.43 -32.69 -3.70
C SER A 390 7.26 -32.64 -5.22
N GLN A 391 6.45 -33.55 -5.75
CA GLN A 391 6.04 -33.51 -7.17
C GLN A 391 4.93 -32.45 -7.37
N ARG A 392 4.00 -32.30 -6.43
CA ARG A 392 2.85 -31.38 -6.63
CA ARG A 392 2.85 -31.37 -6.58
C ARG A 392 3.34 -29.92 -6.62
N ASP A 393 4.38 -29.60 -5.83
CA ASP A 393 4.83 -28.19 -5.70
C ASP A 393 5.73 -27.76 -6.86
N VAL A 394 6.55 -28.67 -7.39
CA VAL A 394 7.50 -28.27 -8.45
C VAL A 394 6.71 -27.78 -9.68
N ILE A 395 5.50 -28.27 -9.93
CA ILE A 395 4.71 -27.84 -11.13
C ILE A 395 3.93 -26.54 -10.87
N GLY A 396 3.85 -26.05 -9.62
CA GLY A 396 3.38 -24.68 -9.31
C GLY A 396 1.86 -24.54 -9.37
N SER A 397 1.35 -23.32 -9.15
CA SER A 397 -0.08 -22.99 -9.28
C SER A 397 -0.43 -22.94 -10.77
N TRP A 398 -1.70 -23.09 -11.12
CA TRP A 398 -2.20 -23.04 -12.50
C TRP A 398 -1.38 -24.01 -13.37
N SER A 399 -1.26 -25.26 -12.92
CA SER A 399 -0.47 -26.32 -13.59
C SER A 399 -1.31 -27.03 -14.65
N ALA A 400 -2.51 -26.54 -14.98
CA ALA A 400 -3.32 -27.04 -16.11
C ALA A 400 -3.44 -28.57 -16.05
N ALA A 401 -3.16 -29.29 -17.13
CA ALA A 401 -3.32 -30.76 -17.18
C ALA A 401 -2.03 -31.47 -16.74
N GLY A 402 -1.10 -30.75 -16.10
CA GLY A 402 0.15 -31.31 -15.59
C GLY A 402 -0.12 -32.43 -14.59
N VAL A 403 0.62 -33.53 -14.70
CA VAL A 403 0.44 -34.73 -13.83
C VAL A 403 1.57 -34.71 -12.81
N PRO A 404 1.29 -34.51 -11.52
CA PRO A 404 2.36 -34.50 -10.51
C PRO A 404 3.31 -35.71 -10.59
N ARG A 405 2.78 -36.92 -10.84
CA ARG A 405 3.60 -38.16 -10.86
C ARG A 405 4.58 -38.12 -12.04
N GLN A 406 4.38 -37.27 -13.05
CA GLN A 406 5.32 -37.18 -14.22
C GLN A 406 6.42 -36.17 -13.90
N ALA A 407 6.36 -35.46 -12.79
CA ALA A 407 7.32 -34.37 -12.50
C ALA A 407 8.60 -34.92 -11.85
N VAL A 408 9.70 -34.23 -12.09
CA VAL A 408 11.00 -34.61 -11.49
C VAL A 408 11.23 -33.73 -10.27
N THR A 409 11.25 -34.33 -9.10
CA THR A 409 11.53 -33.62 -7.82
C THR A 409 12.99 -33.18 -7.79
N VAL A 410 13.31 -32.25 -6.90
CA VAL A 410 14.72 -31.85 -6.66
C VAL A 410 15.52 -33.09 -6.25
N TYR A 411 14.99 -33.89 -5.34
CA TYR A 411 15.69 -35.12 -4.89
C TYR A 411 16.03 -36.00 -6.09
N GLN A 412 15.04 -36.34 -6.92
CA GLN A 412 15.21 -37.27 -8.08
C GLN A 412 16.20 -36.66 -9.08
N GLY A 413 16.13 -35.34 -9.31
CA GLY A 413 17.12 -34.62 -10.14
C GLY A 413 18.55 -34.82 -9.63
N LEU A 414 18.77 -34.72 -8.33
CA LEU A 414 20.12 -34.93 -7.74
C LEU A 414 20.52 -36.41 -7.91
N ALA A 415 19.60 -37.35 -7.67
CA ALA A 415 19.84 -38.81 -7.88
C ALA A 415 20.24 -39.08 -9.34
N ASN A 416 19.47 -38.55 -10.29
CA ASN A 416 19.72 -38.69 -11.73
C ASN A 416 21.12 -38.16 -12.05
N ALA A 417 21.53 -37.02 -11.44
CA ALA A 417 22.82 -36.35 -11.74
C ALA A 417 23.99 -37.15 -11.17
N VAL A 418 23.89 -37.65 -9.94
CA VAL A 418 25.10 -38.20 -9.25
C VAL A 418 25.29 -39.68 -9.62
N GLY A 419 24.22 -40.38 -10.00
CA GLY A 419 24.26 -41.84 -10.22
C GLY A 419 24.91 -42.53 -9.03
N GLU A 420 26.02 -43.22 -9.24
CA GLU A 420 26.77 -43.95 -8.18
C GLU A 420 27.97 -43.14 -7.71
N ARG A 421 28.15 -41.92 -8.18
CA ARG A 421 29.37 -41.13 -7.87
C ARG A 421 29.27 -40.51 -6.46
N ALA A 422 28.08 -40.34 -5.89
CA ALA A 422 27.88 -39.69 -4.59
C ALA A 422 26.75 -40.39 -3.85
N THR A 423 26.69 -40.25 -2.52
CA THR A 423 25.60 -40.80 -1.68
C THR A 423 24.66 -39.65 -1.32
N LEU A 424 23.37 -39.78 -1.68
CA LEU A 424 22.30 -38.85 -1.24
C LEU A 424 21.69 -39.38 0.06
N LEU A 425 21.58 -38.51 1.07
CA LEU A 425 20.91 -38.83 2.36
C LEU A 425 19.69 -37.92 2.46
N TYR A 426 18.52 -38.47 2.68
CA TYR A 426 17.27 -37.67 2.73
C TYR A 426 16.80 -37.52 4.17
N ALA A 427 16.32 -36.36 4.53
CA ALA A 427 15.43 -36.19 5.72
C ALA A 427 14.39 -35.13 5.40
N LYS A 428 13.12 -35.39 5.70
CA LYS A 428 12.06 -34.38 5.45
C LYS A 428 12.36 -33.09 6.23
N GLY A 429 12.76 -33.20 7.50
CA GLY A 429 13.23 -32.06 8.34
C GLY A 429 12.11 -31.29 9.01
N ALA A 430 11.04 -30.98 8.26
CA ALA A 430 9.84 -30.25 8.75
C ALA A 430 8.69 -30.45 7.78
N ASN A 431 7.48 -30.22 8.24
CA ASN A 431 6.31 -30.04 7.35
C ASN A 431 6.43 -28.65 6.71
N VAL A 432 5.72 -28.43 5.59
CA VAL A 432 5.77 -27.13 4.85
C VAL A 432 5.27 -26.01 5.76
N SER A 433 4.39 -26.33 6.71
CA SER A 433 3.95 -25.41 7.78
C SER A 433 3.83 -26.17 9.11
N GLY A 434 4.08 -25.47 10.23
CA GLY A 434 3.84 -25.99 11.59
C GLY A 434 2.44 -25.67 12.09
N ASP A 435 1.65 -24.94 11.32
CA ASP A 435 0.29 -24.51 11.71
C ASP A 435 -0.72 -25.46 11.07
N GLN A 436 -1.42 -26.28 11.84
CA GLN A 436 -2.33 -27.33 11.29
C GLN A 436 -3.45 -26.65 10.49
N ALA A 437 -3.87 -25.45 10.89
CA ALA A 437 -4.91 -24.66 10.19
C ALA A 437 -4.43 -24.29 8.77
N ILE A 438 -3.16 -23.92 8.60
CA ILE A 438 -2.59 -23.63 7.26
C ILE A 438 -2.53 -24.92 6.45
N LEU A 439 -2.08 -26.03 7.06
CA LEU A 439 -2.06 -27.33 6.35
C LEU A 439 -3.50 -27.72 5.92
N ASP A 440 -4.50 -27.56 6.77
CA ASP A 440 -5.92 -27.87 6.45
C ASP A 440 -6.43 -26.96 5.32
N TYR A 441 -6.11 -25.67 5.37
CA TYR A 441 -6.44 -24.75 4.25
C TYR A 441 -5.84 -25.29 2.94
N LEU A 442 -4.56 -25.63 2.94
CA LEU A 442 -3.85 -26.12 1.71
C LEU A 442 -4.44 -27.45 1.26
N ASN A 443 -4.93 -28.29 2.17
CA ASN A 443 -5.52 -29.62 1.85
C ASN A 443 -7.06 -29.56 1.78
N SER A 444 -7.68 -28.37 1.74
CA SER A 444 -9.16 -28.13 1.84
C SER A 444 -9.91 -28.84 0.70
N TYR A 445 -9.41 -28.75 -0.53
CA TYR A 445 -10.09 -29.22 -1.75
C TYR A 445 -9.55 -30.60 -2.16
N ASN A 446 -8.21 -30.76 -2.20
CA ASN A 446 -7.52 -32.02 -2.57
C ASN A 446 -6.31 -32.20 -1.66
N PRO A 447 -5.73 -33.42 -1.55
CA PRO A 447 -4.51 -33.60 -0.76
C PRO A 447 -3.33 -32.99 -1.54
N GLU A 448 -2.85 -31.82 -1.12
CA GLU A 448 -1.84 -31.04 -1.89
C GLU A 448 -0.50 -31.06 -1.16
N VAL A 449 -0.55 -31.29 0.14
CA VAL A 449 0.63 -31.20 1.04
C VAL A 449 0.61 -32.43 1.92
N GLU A 450 1.69 -33.21 1.88
CA GLU A 450 1.87 -34.41 2.74
C GLU A 450 2.23 -33.96 4.15
N VAL A 451 1.44 -34.35 5.14
CA VAL A 451 1.66 -33.96 6.56
C VAL A 451 2.33 -35.14 7.24
N ASP A 452 3.61 -34.98 7.57
CA ASP A 452 4.35 -35.99 8.37
C ASP A 452 3.75 -35.98 9.78
N PRO A 453 3.34 -37.14 10.32
CA PRO A 453 2.73 -37.19 11.66
C PRO A 453 3.75 -37.06 12.81
N ARG A 454 5.05 -37.16 12.54
CA ARG A 454 6.07 -37.03 13.61
C ARG A 454 6.00 -35.64 14.20
N SER A 455 6.40 -35.50 15.45
CA SER A 455 6.58 -34.17 16.09
C SER A 455 7.61 -33.37 15.29
N ALA A 456 7.55 -32.04 15.37
CA ALA A 456 8.55 -31.14 14.78
C ALA A 456 9.94 -31.56 15.29
N GLU A 457 10.04 -31.95 16.56
CA GLU A 457 11.34 -32.21 17.24
C GLU A 457 11.97 -33.48 16.66
N ALA A 458 11.16 -34.51 16.46
CA ALA A 458 11.61 -35.82 15.90
C ALA A 458 12.16 -35.61 14.49
N MET A 459 11.45 -34.84 13.64
CA MET A 459 11.89 -34.56 12.26
C MET A 459 13.19 -33.77 12.30
N LEU A 460 13.34 -32.83 13.24
CA LEU A 460 14.58 -32.03 13.40
C LEU A 460 15.75 -32.93 13.79
N GLU A 461 15.51 -33.85 14.75
CA GLU A 461 16.54 -34.78 15.27
C GLU A 461 17.09 -35.62 14.11
N GLU A 462 16.19 -36.19 13.30
CA GLU A 462 16.59 -36.97 12.12
C GLU A 462 17.40 -36.10 11.15
N ALA A 463 16.97 -34.86 10.87
CA ALA A 463 17.64 -33.96 9.91
C ALA A 463 19.05 -33.63 10.42
N LEU A 464 19.19 -33.38 11.71
CA LEU A 464 20.52 -33.05 12.30
C LEU A 464 21.47 -34.25 12.19
N ARG A 465 20.98 -35.46 12.41
CA ARG A 465 21.76 -36.71 12.27
C ARG A 465 22.21 -36.88 10.80
N THR A 466 21.28 -36.78 9.86
CA THR A 466 21.57 -36.83 8.41
C THR A 466 22.66 -35.80 8.06
N ALA A 467 22.48 -34.54 8.47
CA ALA A 467 23.43 -33.44 8.20
C ALA A 467 24.81 -33.78 8.77
N ARG A 468 24.85 -34.31 9.99
CA ARG A 468 26.09 -34.50 10.79
C ARG A 468 27.11 -35.33 9.99
N ASP A 469 26.66 -36.36 9.28
CA ASP A 469 27.60 -37.28 8.58
C ASP A 469 27.65 -36.96 7.08
N ALA A 470 27.15 -35.82 6.61
CA ALA A 470 27.30 -35.42 5.18
C ALA A 470 28.43 -34.39 5.02
N ASP A 471 28.94 -34.22 3.80
CA ASP A 471 29.89 -33.14 3.42
C ASP A 471 29.13 -31.81 3.40
N LEU A 472 27.86 -31.83 2.99
CA LEU A 472 27.07 -30.59 2.87
C LEU A 472 25.57 -30.86 2.81
N VAL A 473 24.80 -29.78 2.95
CA VAL A 473 23.32 -29.85 3.03
C VAL A 473 22.73 -29.06 1.88
N VAL A 474 21.87 -29.71 1.11
CA VAL A 474 20.98 -29.03 0.14
C VAL A 474 19.60 -28.99 0.79
N ALA A 475 19.23 -27.82 1.32
CA ALA A 475 17.94 -27.63 2.02
C ALA A 475 16.92 -27.18 0.98
N VAL A 476 15.90 -27.98 0.74
CA VAL A 476 14.88 -27.66 -0.31
C VAL A 476 13.65 -27.14 0.42
N VAL A 477 13.45 -25.82 0.42
CA VAL A 477 12.53 -25.12 1.35
C VAL A 477 11.78 -24.05 0.58
N GLY A 478 10.69 -23.56 1.18
CA GLY A 478 9.95 -22.39 0.69
C GLY A 478 8.45 -22.58 0.83
N GLU A 479 7.71 -22.18 -0.20
CA GLU A 479 6.24 -22.24 -0.20
C GLU A 479 5.79 -23.50 -0.90
N SER A 480 4.67 -24.09 -0.48
CA SER A 480 3.89 -24.99 -1.36
C SER A 480 3.16 -24.11 -2.39
N GLN A 481 2.76 -24.71 -3.51
CA GLN A 481 2.15 -23.98 -4.65
C GLN A 481 0.81 -23.36 -4.21
N GLY A 482 0.09 -23.99 -3.28
CA GLY A 482 -1.20 -23.45 -2.77
C GLY A 482 -1.02 -22.17 -1.96
N MET A 483 0.21 -21.83 -1.54
CA MET A 483 0.47 -20.58 -0.79
C MET A 483 0.62 -19.40 -1.79
N ALA A 484 0.86 -19.64 -3.08
CA ALA A 484 1.06 -18.60 -4.11
C ALA A 484 0.14 -18.90 -5.29
N HIS A 485 -1.12 -18.56 -5.10
CA HIS A 485 -2.29 -19.14 -5.79
C HIS A 485 -3.39 -18.08 -5.80
N GLU A 486 -4.37 -18.18 -6.69
CA GLU A 486 -5.58 -17.31 -6.59
C GLU A 486 -6.09 -17.39 -5.16
N ALA A 487 -6.39 -16.24 -4.54
CA ALA A 487 -7.04 -16.11 -3.21
C ALA A 487 -6.13 -16.61 -2.08
N SER A 488 -4.82 -16.72 -2.28
CA SER A 488 -3.87 -17.10 -1.21
CA SER A 488 -3.88 -17.09 -1.20
C SER A 488 -2.92 -15.93 -0.95
N SER A 489 -3.44 -14.87 -0.32
CA SER A 489 -2.64 -13.68 0.03
C SER A 489 -1.95 -13.91 1.38
N ARG A 490 -0.68 -13.53 1.50
CA ARG A 490 0.14 -13.76 2.72
C ARG A 490 0.40 -12.44 3.43
N THR A 491 0.39 -12.46 4.76
CA THR A 491 0.72 -11.30 5.63
C THR A 491 2.19 -11.40 6.03
N ASP A 492 2.82 -12.53 5.74
CA ASP A 492 4.22 -12.85 6.10
C ASP A 492 4.93 -13.26 4.80
N LEU A 493 6.04 -12.62 4.44
CA LEU A 493 6.80 -12.99 3.20
C LEU A 493 7.98 -13.93 3.52
N ARG A 494 8.12 -14.38 4.75
CA ARG A 494 9.27 -15.26 5.09
C ARG A 494 8.96 -16.68 4.62
N ILE A 495 10.00 -17.50 4.50
CA ILE A 495 9.84 -18.99 4.51
C ILE A 495 8.99 -19.34 5.74
N PRO A 496 8.02 -20.27 5.64
CA PRO A 496 7.21 -20.64 6.78
C PRO A 496 8.07 -21.04 8.00
N ALA A 497 7.56 -20.73 9.19
CA ALA A 497 8.28 -20.81 10.48
C ALA A 497 8.85 -22.23 10.73
N SER A 498 8.13 -23.30 10.38
CA SER A 498 8.56 -24.70 10.63
C SER A 498 9.87 -24.97 9.87
N GLN A 499 9.96 -24.41 8.66
CA GLN A 499 11.15 -24.57 7.79
C GLN A 499 12.28 -23.62 8.24
N ARG A 500 11.97 -22.43 8.75
CA ARG A 500 13.02 -21.50 9.26
C ARG A 500 13.64 -22.10 10.53
N ARG A 501 12.85 -22.80 11.33
CA ARG A 501 13.37 -23.50 12.53
C ARG A 501 14.36 -24.60 12.07
N LEU A 502 13.96 -25.37 11.05
CA LEU A 502 14.85 -26.37 10.42
C LEU A 502 16.14 -25.71 9.89
N LEU A 503 16.08 -24.58 9.20
CA LEU A 503 17.29 -23.91 8.63
C LEU A 503 18.24 -23.47 9.77
N LYS A 504 17.69 -22.95 10.87
CA LYS A 504 18.51 -22.46 12.02
C LYS A 504 19.19 -23.66 12.66
N ALA A 505 18.48 -24.78 12.81
CA ALA A 505 19.03 -26.03 13.35
C ALA A 505 20.15 -26.56 12.43
N LEU A 506 19.95 -26.51 11.11
CA LEU A 506 20.97 -26.97 10.12
C LEU A 506 22.21 -26.06 10.13
N LYS A 507 22.02 -24.75 10.20
CA LYS A 507 23.12 -23.75 10.29
C LYS A 507 23.98 -24.08 11.52
N ALA A 508 23.36 -24.50 12.61
CA ALA A 508 24.05 -24.76 13.89
C ALA A 508 24.93 -26.02 13.78
N THR A 509 24.74 -26.89 12.77
CA THR A 509 25.61 -28.09 12.52
C THR A 509 26.98 -27.69 11.94
N GLY A 510 27.13 -26.47 11.44
CA GLY A 510 28.35 -25.93 10.84
C GLY A 510 28.59 -26.41 9.41
N LYS A 511 27.70 -27.26 8.88
CA LYS A 511 27.81 -27.85 7.51
C LYS A 511 27.49 -26.77 6.49
N PRO A 512 28.18 -26.77 5.34
CA PRO A 512 27.85 -25.86 4.25
C PRO A 512 26.36 -26.04 3.91
N LEU A 513 25.66 -24.90 3.76
CA LEU A 513 24.20 -24.88 3.62
C LEU A 513 23.82 -24.26 2.27
N VAL A 514 23.32 -25.10 1.37
CA VAL A 514 22.79 -24.62 0.05
C VAL A 514 21.27 -24.55 0.18
N LEU A 515 20.68 -23.39 -0.11
CA LEU A 515 19.20 -23.30 -0.07
C LEU A 515 18.70 -23.37 -1.51
N VAL A 516 17.84 -24.33 -1.78
CA VAL A 516 17.05 -24.40 -3.04
C VAL A 516 15.64 -23.91 -2.68
N LEU A 517 15.30 -22.68 -3.10
CA LEU A 517 14.01 -22.05 -2.77
C LEU A 517 12.99 -22.43 -3.84
N MET A 518 11.83 -22.88 -3.40
CA MET A 518 10.64 -22.96 -4.28
C MET A 518 9.63 -21.97 -3.70
N ASN A 519 8.98 -21.18 -4.55
CA ASN A 519 8.12 -20.07 -4.11
C ASN A 519 7.48 -19.45 -5.34
N GLY A 520 6.31 -18.85 -5.18
CA GLY A 520 5.57 -18.21 -6.28
C GLY A 520 5.56 -16.69 -6.16
N ARG A 521 6.28 -16.16 -5.18
CA ARG A 521 6.32 -14.71 -4.92
C ARG A 521 7.68 -14.37 -4.35
N PRO A 522 8.09 -13.11 -4.42
CA PRO A 522 9.27 -12.65 -3.67
C PRO A 522 9.11 -13.04 -2.20
N LEU A 523 10.20 -13.52 -1.59
CA LEU A 523 10.26 -13.84 -0.16
C LEU A 523 11.22 -12.87 0.53
N SER A 524 11.00 -12.69 1.84
CA SER A 524 11.93 -11.93 2.72
CA SER A 524 11.88 -11.95 2.78
C SER A 524 12.98 -12.91 3.24
N LEU A 525 14.24 -12.67 2.84
CA LEU A 525 15.32 -13.66 3.05
C LEU A 525 16.50 -13.04 3.81
N GLY A 526 16.29 -12.10 4.74
CA GLY A 526 17.39 -11.44 5.45
C GLY A 526 18.27 -12.44 6.21
N TRP A 527 17.64 -13.34 6.97
CA TRP A 527 18.37 -14.36 7.76
C TRP A 527 19.15 -15.28 6.81
N GLU A 528 18.48 -15.73 5.75
CA GLU A 528 19.05 -16.66 4.73
C GLU A 528 20.27 -15.99 4.04
N GLN A 529 20.15 -14.73 3.64
CA GLN A 529 21.26 -14.00 2.98
C GLN A 529 22.45 -13.86 3.94
N GLU A 530 22.19 -13.69 5.24
CA GLU A 530 23.26 -13.56 6.26
C GLU A 530 23.89 -14.92 6.55
N ASN A 531 23.15 -16.02 6.49
CA ASN A 531 23.55 -17.30 7.15
C ASN A 531 23.81 -18.44 6.16
N ALA A 532 23.10 -18.52 5.05
CA ALA A 532 23.29 -19.64 4.10
C ALA A 532 24.62 -19.44 3.36
N ASP A 533 25.23 -20.52 2.91
CA ASP A 533 26.42 -20.49 2.02
C ASP A 533 26.00 -20.08 0.60
N ALA A 534 24.96 -20.69 0.08
CA ALA A 534 24.49 -20.41 -1.29
C ALA A 534 22.97 -20.45 -1.27
N ILE A 535 22.35 -19.65 -2.16
CA ILE A 535 20.88 -19.56 -2.29
C ILE A 535 20.58 -19.59 -3.79
N LEU A 536 19.78 -20.55 -4.22
CA LEU A 536 19.31 -20.66 -5.62
C LEU A 536 17.78 -20.52 -5.62
N GLU A 537 17.28 -19.48 -6.26
CA GLU A 537 15.83 -19.24 -6.43
C GLU A 537 15.37 -20.10 -7.60
N THR A 538 14.45 -21.05 -7.39
CA THR A 538 13.97 -21.95 -8.44
C THR A 538 12.50 -21.73 -8.77
N TRP A 539 11.86 -20.78 -8.11
CA TRP A 539 10.42 -20.51 -8.31
C TRP A 539 9.67 -21.86 -8.17
N PHE A 540 8.72 -22.15 -9.07
CA PHE A 540 8.22 -23.54 -9.31
C PHE A 540 8.64 -23.84 -10.76
N SER A 541 9.60 -24.74 -10.93
CA SER A 541 10.38 -24.89 -12.20
CA SER A 541 10.39 -24.89 -12.20
C SER A 541 9.72 -25.90 -13.15
N GLY A 542 8.64 -26.54 -12.75
CA GLY A 542 7.81 -27.34 -13.65
C GLY A 542 8.16 -28.83 -13.68
N THR A 543 7.64 -29.51 -14.70
CA THR A 543 7.75 -30.98 -14.92
C THR A 543 9.21 -31.45 -14.87
N GLU A 544 10.15 -30.71 -15.45
CA GLU A 544 11.57 -31.12 -15.48
C GLU A 544 12.37 -30.30 -14.46
N GLY A 545 11.70 -29.67 -13.50
CA GLY A 545 12.36 -28.72 -12.61
C GLY A 545 13.54 -29.33 -11.88
N GLY A 546 13.37 -30.53 -11.30
CA GLY A 546 14.44 -31.23 -10.55
C GLY A 546 15.68 -31.42 -11.41
N ASN A 547 15.51 -31.80 -12.68
CA ASN A 547 16.64 -31.98 -13.64
C ASN A 547 17.32 -30.64 -13.91
N ALA A 548 16.58 -29.58 -14.22
CA ALA A 548 17.14 -28.24 -14.49
C ALA A 548 17.92 -27.73 -13.27
N ILE A 549 17.35 -27.93 -12.07
CA ILE A 549 17.95 -27.52 -10.78
C ILE A 549 19.29 -28.25 -10.56
N ALA A 550 19.33 -29.57 -10.73
CA ALA A 550 20.57 -30.37 -10.61
C ALA A 550 21.58 -29.92 -11.68
N ASP A 551 21.12 -29.57 -12.89
CA ASP A 551 22.01 -29.06 -13.98
C ASP A 551 22.76 -27.82 -13.47
N VAL A 552 22.05 -26.93 -12.76
CA VAL A 552 22.68 -25.71 -12.23
C VAL A 552 23.57 -26.04 -11.04
N LEU A 553 23.10 -26.87 -10.11
CA LEU A 553 23.84 -27.13 -8.85
C LEU A 553 25.18 -27.83 -9.14
N PHE A 554 25.22 -28.68 -10.17
CA PHE A 554 26.48 -29.41 -10.56
C PHE A 554 27.24 -28.68 -11.66
N GLY A 555 26.76 -27.54 -12.14
CA GLY A 555 27.52 -26.64 -13.03
C GLY A 555 27.43 -26.99 -14.51
N GLU A 556 26.53 -27.89 -14.91
CA GLU A 556 26.25 -28.18 -16.34
C GLU A 556 25.64 -26.94 -16.95
N HIS A 557 24.83 -26.20 -16.21
CA HIS A 557 24.31 -24.87 -16.62
C HIS A 557 24.84 -23.83 -15.62
N ASN A 558 25.41 -22.75 -16.13
CA ASN A 558 25.87 -21.60 -15.32
C ASN A 558 24.67 -20.70 -15.09
N PRO A 559 24.21 -20.56 -13.83
CA PRO A 559 23.02 -19.77 -13.53
C PRO A 559 23.03 -18.44 -14.27
N SER A 560 21.96 -18.16 -14.98
CA SER A 560 21.81 -16.97 -15.85
C SER A 560 20.50 -16.22 -15.58
N GLY A 561 19.67 -16.68 -14.65
CA GLY A 561 18.42 -15.98 -14.27
C GLY A 561 18.68 -14.67 -13.56
N LYS A 562 17.81 -13.68 -13.78
CA LYS A 562 17.85 -12.40 -13.04
C LYS A 562 16.43 -12.04 -12.62
N LEU A 563 16.28 -11.44 -11.43
CA LEU A 563 14.95 -11.13 -10.87
C LEU A 563 14.24 -10.11 -11.78
N THR A 564 12.93 -10.25 -11.92
CA THR A 564 12.06 -9.25 -12.58
C THR A 564 11.13 -8.60 -11.55
N MET A 565 11.34 -8.91 -10.28
CA MET A 565 10.57 -8.30 -9.18
C MET A 565 11.50 -8.11 -7.98
N SER A 566 11.51 -6.93 -7.39
CA SER A 566 12.33 -6.57 -6.20
C SER A 566 11.91 -7.47 -5.02
N PHE A 567 12.89 -8.00 -4.28
CA PHE A 567 12.67 -8.80 -3.05
C PHE A 567 12.78 -7.87 -1.85
N PRO A 568 11.65 -7.58 -1.17
CA PRO A 568 11.64 -6.72 0.00
C PRO A 568 12.42 -7.39 1.14
N ARG A 569 12.97 -6.58 2.05
CA ARG A 569 13.63 -7.10 3.26
C ARG A 569 12.57 -7.67 4.21
N SER A 570 11.35 -7.11 4.19
CA SER A 570 10.23 -7.60 5.00
C SER A 570 8.92 -7.11 4.40
N VAL A 571 7.81 -7.71 4.83
CA VAL A 571 6.44 -7.33 4.36
C VAL A 571 6.16 -5.89 4.79
N GLY A 572 6.83 -5.42 5.86
CA GLY A 572 6.71 -4.06 6.39
C GLY A 572 7.22 -3.00 5.42
N GLN A 573 7.98 -3.38 4.39
CA GLN A 573 8.51 -2.43 3.39
C GLN A 573 7.62 -2.36 2.15
N VAL A 574 6.60 -3.20 2.02
CA VAL A 574 5.77 -3.25 0.78
C VAL A 574 5.07 -1.92 0.57
N PRO A 575 5.07 -1.34 -0.65
CA PRO A 575 5.82 -1.85 -1.80
C PRO A 575 7.23 -1.28 -1.98
N VAL A 576 8.11 -2.10 -2.53
CA VAL A 576 9.45 -1.76 -3.04
C VAL A 576 9.48 -2.21 -4.51
N TYR A 577 9.98 -1.34 -5.37
CA TYR A 577 10.07 -1.55 -6.82
C TYR A 577 11.12 -0.58 -7.34
N TYR A 578 11.82 -0.97 -8.40
CA TYR A 578 13.07 -0.27 -8.80
C TYR A 578 12.69 1.08 -9.42
N ASN A 579 11.54 1.18 -10.09
CA ASN A 579 11.19 2.39 -10.90
C ASN A 579 10.31 3.33 -10.05
N HIS A 580 10.76 3.64 -8.84
CA HIS A 580 10.04 4.50 -7.87
C HIS A 580 10.45 5.97 -8.14
N LEU A 581 9.73 6.91 -7.55
CA LEU A 581 10.05 8.34 -7.71
C LEU A 581 11.10 8.70 -6.65
N ASN A 582 11.82 9.78 -6.90
CA ASN A 582 12.98 10.18 -6.06
C ASN A 582 12.48 10.73 -4.70
N THR A 583 11.32 11.40 -4.69
CA THR A 583 10.79 12.23 -3.58
C THR A 583 11.65 13.48 -3.48
N GLY A 584 11.28 14.39 -2.59
CA GLY A 584 12.03 15.62 -2.33
C GLY A 584 13.20 15.33 -1.43
N ARG A 585 13.20 14.16 -0.77
CA ARG A 585 14.14 13.83 0.32
C ARG A 585 14.59 12.38 0.20
N PRO A 586 15.28 12.01 -0.90
CA PRO A 586 15.69 10.62 -1.10
C PRO A 586 16.79 10.26 -0.09
N MET A 587 16.84 9.00 0.33
CA MET A 587 18.00 8.46 1.07
C MET A 587 19.28 8.78 0.32
N ASP A 588 20.25 9.40 0.97
CA ASP A 588 21.62 9.65 0.43
C ASP A 588 22.57 8.60 1.00
N HIS A 589 23.05 7.67 0.16
CA HIS A 589 23.91 6.52 0.58
C HIS A 589 25.33 7.01 0.88
N ASP A 590 25.76 8.14 0.30
CA ASP A 590 27.08 8.79 0.59
C ASP A 590 27.01 9.61 1.89
N ASN A 591 25.84 10.15 2.23
CA ASN A 591 25.64 11.05 3.39
C ASN A 591 24.29 10.74 4.04
N PRO A 592 24.09 9.54 4.64
CA PRO A 592 22.78 9.14 5.17
C PRO A 592 22.24 10.20 6.17
N GLY A 593 20.94 10.47 6.06
CA GLY A 593 20.24 11.50 6.85
C GLY A 593 18.97 10.93 7.44
N LYS A 594 18.64 11.37 8.64
CA LYS A 594 17.40 10.98 9.34
C LYS A 594 16.19 11.47 8.51
N TYR A 595 16.24 12.70 8.01
CA TYR A 595 15.08 13.39 7.38
C TYR A 595 15.07 13.05 5.89
N THR A 596 14.99 11.76 5.59
CA THR A 596 14.90 11.20 4.23
C THR A 596 13.75 10.20 4.19
N SER A 597 13.34 9.77 3.01
CA SER A 597 12.22 8.80 2.82
C SER A 597 12.77 7.41 3.11
N ARG A 598 12.53 6.88 4.30
CA ARG A 598 13.12 5.61 4.76
C ARG A 598 12.43 5.11 6.03
N TYR A 599 12.72 3.86 6.41
CA TYR A 599 12.40 3.25 7.72
C TYR A 599 13.61 3.38 8.65
N PHE A 600 13.37 3.47 9.96
CA PHE A 600 14.49 3.62 10.92
C PHE A 600 14.78 2.27 11.56
N ASP A 601 13.86 1.29 11.45
CA ASP A 601 13.96 0.05 12.27
C ASP A 601 14.42 -1.15 11.42
N GLU A 602 14.84 -0.91 10.18
CA GLU A 602 15.28 -1.99 9.26
C GLU A 602 16.15 -1.35 8.18
N ALA A 603 17.13 -2.08 7.63
CA ALA A 603 17.93 -1.61 6.49
C ALA A 603 16.95 -1.25 5.35
N ASN A 604 17.30 -0.25 4.55
CA ASN A 604 16.39 0.26 3.49
C ASN A 604 16.74 -0.28 2.10
N GLY A 605 15.79 -0.14 1.19
CA GLY A 605 15.86 -0.69 -0.17
C GLY A 605 15.60 -2.20 -0.15
N PRO A 606 15.47 -2.81 -1.32
CA PRO A 606 15.15 -4.23 -1.41
C PRO A 606 16.36 -5.07 -0.99
N LEU A 607 16.15 -6.29 -0.53
CA LEU A 607 17.31 -7.19 -0.25
C LEU A 607 17.99 -7.50 -1.59
N TYR A 608 17.20 -7.81 -2.61
CA TYR A 608 17.70 -8.12 -3.96
C TYR A 608 16.94 -7.24 -4.93
N PRO A 609 17.65 -6.39 -5.70
CA PRO A 609 16.97 -5.44 -6.58
C PRO A 609 16.58 -6.08 -7.92
N PHE A 610 15.70 -5.36 -8.63
CA PHE A 610 15.28 -5.74 -10.00
C PHE A 610 16.54 -5.95 -10.85
N GLY A 611 16.58 -7.05 -11.58
CA GLY A 611 17.64 -7.39 -12.54
C GLY A 611 18.83 -8.09 -11.89
N TYR A 612 18.73 -8.42 -10.61
CA TYR A 612 19.85 -9.06 -9.86
C TYR A 612 19.88 -10.56 -10.13
N GLY A 613 21.10 -11.09 -10.21
CA GLY A 613 21.35 -12.53 -10.33
C GLY A 613 22.82 -12.79 -10.50
N LEU A 614 23.37 -13.78 -9.81
CA LEU A 614 24.83 -14.03 -9.88
C LEU A 614 25.10 -15.11 -10.93
N SER A 615 26.37 -15.42 -11.10
CA SER A 615 26.89 -16.42 -12.05
C SER A 615 28.02 -17.14 -11.32
N TYR A 616 28.41 -18.28 -11.86
CA TYR A 616 29.66 -18.98 -11.46
C TYR A 616 30.86 -18.33 -12.13
N THR A 617 30.66 -17.40 -13.08
CA THR A 617 31.77 -16.59 -13.64
C THR A 617 31.53 -15.13 -13.26
N GLU A 618 32.46 -14.26 -13.62
CA GLU A 618 32.37 -12.78 -13.45
C GLU A 618 32.33 -12.13 -14.82
N PHE A 619 31.64 -11.00 -14.94
CA PHE A 619 31.47 -10.23 -16.19
C PHE A 619 31.93 -8.80 -15.93
N SER A 620 32.48 -8.12 -16.95
CA SER A 620 32.81 -6.67 -16.91
C SER A 620 32.11 -5.95 -18.05
N LEU A 621 31.82 -4.67 -17.84
CA LEU A 621 31.31 -3.77 -18.88
C LEU A 621 32.36 -2.68 -19.06
N SER A 622 32.67 -2.37 -20.32
CA SER A 622 33.47 -1.19 -20.72
C SER A 622 32.65 0.07 -20.43
N PRO A 623 33.26 1.27 -20.45
CA PRO A 623 32.48 2.50 -20.28
C PRO A 623 31.39 2.63 -21.35
N LEU A 624 30.23 3.16 -20.95
CA LEU A 624 29.08 3.40 -21.85
C LEU A 624 29.46 4.52 -22.83
N ARG A 625 29.15 4.33 -24.12
CA ARG A 625 29.35 5.34 -25.18
C ARG A 625 28.04 5.61 -25.92
N LEU A 626 27.67 6.87 -26.06
CA LEU A 626 26.46 7.30 -26.81
C LEU A 626 26.92 7.82 -28.16
N SER A 627 26.15 7.59 -29.23
CA SER A 627 26.46 8.01 -30.62
C SER A 627 26.52 9.56 -30.74
N SER A 628 25.82 10.34 -29.92
CA SER A 628 25.92 11.82 -29.91
C SER A 628 25.53 12.39 -28.55
N GLU A 629 25.87 13.66 -28.31
CA GLU A 629 25.46 14.43 -27.10
C GLU A 629 24.07 15.02 -27.28
N ARG A 630 23.62 15.17 -28.52
CA ARG A 630 22.29 15.74 -28.84
C ARG A 630 21.56 14.79 -29.79
N LEU A 631 20.24 14.71 -29.65
CA LEU A 631 19.37 13.85 -30.49
C LEU A 631 18.29 14.73 -31.11
N ALA A 632 18.23 14.77 -32.43
CA ALA A 632 17.17 15.49 -33.17
C ALA A 632 15.88 14.68 -33.05
N ARG A 633 14.75 15.37 -33.00
CA ARG A 633 13.41 14.75 -33.11
C ARG A 633 13.43 13.79 -34.31
N GLY A 634 13.07 12.52 -34.10
CA GLY A 634 12.88 11.55 -35.19
C GLY A 634 14.13 10.77 -35.51
N ALA A 635 15.29 11.22 -35.02
CA ALA A 635 16.59 10.49 -35.09
C ALA A 635 16.60 9.41 -34.01
N THR A 636 17.51 8.45 -34.15
CA THR A 636 17.72 7.35 -33.18
C THR A 636 19.12 7.52 -32.60
N LEU A 637 19.26 7.21 -31.31
CA LEU A 637 20.54 7.30 -30.57
C LEU A 637 21.05 5.86 -30.38
N GLU A 638 22.36 5.67 -30.44
CA GLU A 638 22.98 4.36 -30.16
C GLU A 638 23.78 4.46 -28.86
N ALA A 639 23.57 3.48 -28.00
CA ALA A 639 24.31 3.31 -26.74
C ALA A 639 25.09 2.01 -26.88
N ARG A 640 26.39 2.08 -26.67
CA ARG A 640 27.34 0.97 -26.96
C ARG A 640 28.09 0.66 -25.69
N VAL A 641 28.28 -0.62 -25.40
CA VAL A 641 29.14 -1.08 -24.29
C VAL A 641 29.71 -2.42 -24.73
N THR A 642 30.89 -2.77 -24.24
CA THR A 642 31.47 -4.10 -24.45
C THR A 642 31.36 -4.91 -23.17
N LEU A 643 30.73 -6.08 -23.27
CA LEU A 643 30.60 -7.07 -22.19
C LEU A 643 31.71 -8.10 -22.33
N SER A 644 32.39 -8.41 -21.22
CA SER A 644 33.46 -9.44 -21.17
C SER A 644 33.13 -10.47 -20.09
N ASN A 645 33.39 -11.74 -20.35
CA ASN A 645 33.50 -12.80 -19.33
C ASN A 645 34.92 -12.74 -18.76
N SER A 646 35.10 -12.14 -17.58
CA SER A 646 36.42 -11.95 -16.92
C SER A 646 36.74 -13.08 -15.94
N GLY A 647 35.98 -14.18 -15.98
CA GLY A 647 36.16 -15.34 -15.08
C GLY A 647 36.60 -16.57 -15.84
N LYS A 648 36.45 -17.75 -15.24
CA LYS A 648 36.99 -19.02 -15.76
C LYS A 648 35.91 -19.95 -16.33
N ARG A 649 34.62 -19.64 -16.24
CA ARG A 649 33.56 -20.56 -16.75
C ARG A 649 32.70 -19.85 -17.77
N ALA A 650 32.26 -20.57 -18.79
CA ALA A 650 31.30 -20.07 -19.80
C ALA A 650 30.02 -19.70 -19.04
N GLY A 651 29.33 -18.65 -19.46
CA GLY A 651 28.04 -18.34 -18.87
C GLY A 651 27.41 -17.14 -19.53
N ALA A 652 26.13 -16.97 -19.27
CA ALA A 652 25.28 -15.88 -19.77
C ALA A 652 25.03 -14.88 -18.62
N THR A 653 24.86 -13.63 -19.02
CA THR A 653 24.33 -12.56 -18.18
C THR A 653 23.39 -11.73 -19.04
N VAL A 654 22.82 -10.69 -18.44
CA VAL A 654 21.82 -9.82 -19.08
C VAL A 654 22.30 -8.40 -18.88
N VAL A 655 22.66 -7.76 -19.98
CA VAL A 655 22.99 -6.32 -19.99
C VAL A 655 21.65 -5.59 -20.07
N GLN A 656 21.43 -4.68 -19.13
CA GLN A 656 20.16 -3.98 -18.95
C GLN A 656 20.39 -2.50 -19.27
N LEU A 657 19.51 -1.92 -20.05
CA LEU A 657 19.55 -0.46 -20.32
C LEU A 657 18.39 0.23 -19.62
N TYR A 658 18.70 1.25 -18.83
CA TYR A 658 17.70 2.08 -18.11
C TYR A 658 17.81 3.53 -18.60
N LEU A 659 16.68 4.21 -18.54
CA LEU A 659 16.51 5.64 -18.89
C LEU A 659 15.96 6.41 -17.70
N GLN A 660 16.49 7.62 -17.48
CA GLN A 660 15.90 8.60 -16.56
C GLN A 660 15.72 9.92 -17.30
N ASP A 661 14.57 10.54 -17.08
CA ASP A 661 14.18 11.90 -17.54
C ASP A 661 14.23 12.82 -16.32
N PRO A 662 15.40 13.39 -15.94
CA PRO A 662 15.55 14.04 -14.65
C PRO A 662 14.82 15.39 -14.46
N VAL A 663 14.33 16.02 -15.52
CA VAL A 663 13.49 17.24 -15.44
C VAL A 663 12.28 17.06 -16.34
N ALA A 664 11.08 17.00 -15.76
CA ALA A 664 9.86 16.81 -16.57
C ALA A 664 8.68 17.50 -15.91
N SER A 665 7.55 17.56 -16.60
CA SER A 665 6.32 18.21 -16.10
C SER A 665 5.61 17.27 -15.09
N LEU A 666 6.04 16.02 -14.96
CA LEU A 666 5.71 15.09 -13.83
C LEU A 666 7.03 14.64 -13.22
N SER A 667 7.05 14.27 -11.95
CA SER A 667 8.19 13.58 -11.31
C SER A 667 8.28 12.19 -11.95
N ARG A 668 9.40 11.88 -12.60
CA ARG A 668 9.57 10.62 -13.34
C ARG A 668 10.48 9.69 -12.54
N PRO A 669 10.36 8.37 -12.77
CA PRO A 669 11.13 7.41 -12.00
C PRO A 669 12.64 7.62 -12.08
N VAL A 670 13.36 7.14 -11.07
CA VAL A 670 14.83 7.28 -10.94
C VAL A 670 15.47 6.53 -12.10
N LYS A 671 14.84 5.45 -12.55
CA LYS A 671 15.25 4.61 -13.71
C LYS A 671 14.02 3.90 -14.24
N GLU A 672 14.03 3.59 -15.53
CA GLU A 672 12.99 2.81 -16.24
C GLU A 672 13.70 1.94 -17.26
N LEU A 673 13.45 0.63 -17.21
CA LEU A 673 14.00 -0.32 -18.20
C LEU A 673 13.54 0.06 -19.61
N ARG A 674 14.48 0.19 -20.54
CA ARG A 674 14.18 0.51 -21.96
C ARG A 674 14.93 -0.43 -22.92
N GLY A 675 15.72 -1.37 -22.42
CA GLY A 675 16.35 -2.38 -23.28
C GLY A 675 17.09 -3.41 -22.47
N PHE A 676 17.35 -4.55 -23.10
CA PHE A 676 18.22 -5.59 -22.51
C PHE A 676 18.71 -6.53 -23.59
N ARG A 677 19.78 -7.26 -23.25
CA ARG A 677 20.38 -8.29 -24.13
C ARG A 677 20.95 -9.38 -23.23
N LYS A 678 20.40 -10.59 -23.33
CA LYS A 678 21.00 -11.77 -22.71
C LYS A 678 22.12 -12.25 -23.64
N VAL A 679 23.32 -12.44 -23.10
CA VAL A 679 24.56 -12.76 -23.86
C VAL A 679 25.24 -13.95 -23.18
N MET A 680 25.50 -15.01 -23.96
CA MET A 680 26.29 -16.19 -23.52
C MET A 680 27.74 -16.00 -23.95
N LEU A 681 28.71 -16.08 -23.02
CA LEU A 681 30.15 -15.80 -23.32
C LEU A 681 31.04 -16.89 -22.76
N GLU A 682 32.03 -17.29 -23.57
CA GLU A 682 33.11 -18.20 -23.13
C GLU A 682 34.06 -17.39 -22.24
N PRO A 683 34.89 -18.04 -21.42
CA PRO A 683 35.88 -17.32 -20.60
C PRO A 683 36.80 -16.48 -21.49
N GLY A 684 36.96 -15.19 -21.19
CA GLY A 684 37.77 -14.25 -21.96
C GLY A 684 37.10 -13.76 -23.24
N GLU A 685 35.91 -14.23 -23.58
CA GLU A 685 35.20 -13.73 -24.78
C GLU A 685 34.60 -12.35 -24.45
N SER A 686 34.57 -11.46 -25.46
CA SER A 686 33.94 -10.12 -25.41
C SER A 686 32.87 -10.04 -26.49
N ARG A 687 31.86 -9.22 -26.29
CA ARG A 687 30.81 -8.88 -27.27
C ARG A 687 30.47 -7.40 -27.13
N GLU A 688 30.40 -6.70 -28.25
CA GLU A 688 29.90 -5.30 -28.31
C GLU A 688 28.37 -5.38 -28.30
N ILE A 689 27.76 -4.65 -27.35
CA ILE A 689 26.28 -4.56 -27.25
C ILE A 689 25.87 -3.16 -27.67
N VAL A 690 24.90 -3.10 -28.57
CA VAL A 690 24.40 -1.83 -29.18
C VAL A 690 22.92 -1.76 -28.85
N PHE A 691 22.50 -0.71 -28.15
CA PHE A 691 21.07 -0.38 -27.95
C PHE A 691 20.73 0.82 -28.81
N ARG A 692 19.52 0.80 -29.40
CA ARG A 692 18.90 1.90 -30.16
C ARG A 692 17.82 2.55 -29.28
N LEU A 693 17.84 3.87 -29.18
CA LEU A 693 16.79 4.66 -28.50
C LEU A 693 16.22 5.66 -29.51
N GLY A 694 14.89 5.77 -29.58
CA GLY A 694 14.22 6.87 -30.29
C GLY A 694 13.23 7.62 -29.41
N GLU A 695 12.52 8.56 -30.01
CA GLU A 695 11.44 9.34 -29.37
C GLU A 695 10.49 8.40 -28.61
N ALA A 696 10.09 7.28 -29.20
CA ALA A 696 9.11 6.35 -28.58
C ALA A 696 9.57 5.96 -27.17
N ASP A 697 10.87 5.77 -26.96
CA ASP A 697 11.43 5.38 -25.63
C ASP A 697 11.44 6.53 -24.61
N LEU A 698 11.25 7.78 -25.06
CA LEU A 698 11.46 9.00 -24.22
C LEU A 698 10.13 9.60 -23.80
N LYS A 699 9.02 9.10 -24.36
CA LYS A 699 7.66 9.67 -24.14
C LYS A 699 7.14 9.23 -22.77
N PHE A 700 6.26 10.03 -22.19
CA PHE A 700 5.53 9.68 -20.94
C PHE A 700 4.19 10.40 -20.98
N TYR A 701 3.26 9.90 -20.18
CA TYR A 701 1.94 10.52 -19.98
C TYR A 701 2.08 11.59 -18.91
N ASP A 702 1.78 12.85 -19.26
CA ASP A 702 1.74 13.95 -18.27
C ASP A 702 0.38 13.94 -17.55
N SER A 703 0.16 14.93 -16.69
CA SER A 703 -1.05 15.07 -15.84
C SER A 703 -2.34 15.00 -16.66
N GLN A 704 -2.32 15.49 -17.90
CA GLN A 704 -3.52 15.58 -18.78
C GLN A 704 -3.49 14.44 -19.81
N LEU A 705 -2.62 13.45 -19.60
CA LEU A 705 -2.43 12.26 -20.47
C LEU A 705 -1.99 12.67 -21.87
N ARG A 706 -1.29 13.79 -22.03
CA ARG A 706 -0.49 14.02 -23.27
C ARG A 706 0.69 13.04 -23.28
N HIS A 707 0.81 12.23 -24.34
CA HIS A 707 1.91 11.24 -24.50
C HIS A 707 2.98 11.83 -25.41
N THR A 708 3.98 12.52 -24.87
CA THR A 708 5.08 13.09 -25.68
C THR A 708 6.39 13.01 -24.91
N ALA A 709 7.46 13.24 -25.65
CA ALA A 709 8.84 13.35 -25.14
C ALA A 709 9.16 14.84 -25.03
N GLU A 710 9.60 15.28 -23.86
CA GLU A 710 9.91 16.71 -23.66
C GLU A 710 11.38 16.91 -23.97
N PRO A 711 11.75 18.04 -24.63
CA PRO A 711 13.15 18.36 -24.88
C PRO A 711 13.87 18.51 -23.54
N GLY A 712 15.16 18.18 -23.52
CA GLY A 712 15.99 18.28 -22.30
C GLY A 712 16.87 17.05 -22.12
N GLU A 713 17.50 16.94 -20.96
CA GLU A 713 18.46 15.87 -20.65
C GLU A 713 17.72 14.55 -20.49
N PHE A 714 18.32 13.47 -20.97
CA PHE A 714 18.04 12.07 -20.53
C PHE A 714 19.34 11.44 -20.06
N LYS A 715 19.24 10.62 -19.03
CA LYS A 715 20.34 9.80 -18.51
C LYS A 715 20.11 8.36 -18.97
N VAL A 716 21.14 7.77 -19.56
CA VAL A 716 21.20 6.34 -19.99
C VAL A 716 22.10 5.63 -18.99
N PHE A 717 21.59 4.54 -18.43
CA PHE A 717 22.30 3.64 -17.50
C PHE A 717 22.42 2.27 -18.15
N VAL A 718 23.60 1.67 -18.05
CA VAL A 718 23.78 0.26 -18.49
C VAL A 718 24.43 -0.48 -17.32
N GLY A 719 23.98 -1.70 -17.08
CA GLY A 719 24.58 -2.55 -16.05
C GLY A 719 24.02 -3.96 -16.10
N LEU A 720 24.52 -4.80 -15.20
CA LEU A 720 24.07 -6.21 -15.08
C LEU A 720 22.96 -6.34 -14.02
N ASP A 721 22.52 -5.23 -13.42
CA ASP A 721 21.25 -5.13 -12.64
C ASP A 721 20.87 -3.66 -12.50
N SER A 722 19.70 -3.38 -11.90
CA SER A 722 19.14 -2.01 -11.75
C SER A 722 19.96 -1.18 -10.74
N ALA A 723 20.78 -1.81 -9.90
CA ALA A 723 21.52 -1.16 -8.79
C ALA A 723 22.94 -0.75 -9.20
N GLN A 724 23.62 -1.53 -10.06
CA GLN A 724 25.07 -1.39 -10.37
C GLN A 724 25.19 -1.00 -11.84
N THR A 725 25.09 0.30 -12.12
CA THR A 725 25.01 0.85 -13.48
C THR A 725 26.12 1.89 -13.67
N GLU A 726 26.48 2.18 -14.91
CA GLU A 726 27.20 3.43 -15.29
C GLU A 726 26.25 4.25 -16.17
N SER A 727 26.32 5.58 -16.13
CA SER A 727 25.39 6.45 -16.89
C SER A 727 26.11 7.49 -17.75
N ARG A 728 25.44 7.91 -18.81
CA ARG A 728 25.87 9.00 -19.72
C ARG A 728 24.62 9.78 -20.07
N SER A 729 24.75 11.08 -20.29
CA SER A 729 23.63 11.99 -20.61
C SER A 729 23.65 12.40 -22.09
N PHE A 730 22.46 12.62 -22.64
CA PHE A 730 22.26 13.33 -23.92
C PHE A 730 21.08 14.27 -23.76
N THR A 731 20.93 15.19 -24.72
CA THR A 731 19.84 16.18 -24.79
C THR A 731 18.95 15.86 -25.98
N LEU A 732 17.64 15.72 -25.78
CA LEU A 732 16.66 15.74 -26.88
C LEU A 732 16.37 17.21 -27.24
N LEU A 733 16.36 17.56 -28.53
CA LEU A 733 16.12 18.95 -29.04
C LEU A 733 14.63 19.17 -29.33
N THR B 1 -13.00 48.56 0.75
CA THR B 1 -12.67 48.04 2.12
C THR B 1 -11.41 48.76 2.62
N ASP B 2 -11.42 49.18 3.88
CA ASP B 2 -10.27 49.83 4.57
C ASP B 2 -9.03 48.93 4.42
N LYS B 3 -9.19 47.61 4.57
CA LYS B 3 -8.07 46.64 4.54
C LYS B 3 -7.36 46.71 3.19
N GLU B 4 -8.11 46.53 2.09
CA GLU B 4 -7.48 46.38 0.76
C GLU B 4 -6.88 47.74 0.37
N ARG B 5 -7.50 48.85 0.77
CA ARG B 5 -6.96 50.22 0.53
C ARG B 5 -5.68 50.42 1.34
N PHE B 6 -5.67 50.03 2.62
CA PHE B 6 -4.45 50.12 3.48
C PHE B 6 -3.31 49.34 2.80
N ILE B 7 -3.55 48.10 2.40
CA ILE B 7 -2.50 47.21 1.81
C ILE B 7 -2.06 47.74 0.44
N ALA B 8 -3.00 48.17 -0.42
CA ALA B 8 -2.72 48.71 -1.77
C ALA B 8 -1.80 49.93 -1.64
N SER B 9 -2.14 50.77 -0.68
CA SER B 9 -1.41 52.00 -0.31
C SER B 9 0.01 51.67 0.15
N LEU B 10 0.18 50.65 1.01
CA LEU B 10 1.52 50.21 1.47
C LEU B 10 2.32 49.61 0.30
N MET B 11 1.70 48.73 -0.47
CA MET B 11 2.39 48.05 -1.59
C MET B 11 2.79 49.06 -2.66
N ALA B 12 2.06 50.18 -2.82
CA ALA B 12 2.41 51.27 -3.75
C ALA B 12 3.76 51.89 -3.36
N ARG B 13 4.16 51.85 -2.10
CA ARG B 13 5.40 52.49 -1.60
C ARG B 13 6.56 51.49 -1.60
N MET B 14 6.31 50.23 -1.96
CA MET B 14 7.29 49.14 -1.74
C MET B 14 8.10 48.90 -3.03
N SER B 15 9.41 48.69 -2.90
CA SER B 15 10.27 48.14 -3.97
C SER B 15 9.98 46.63 -4.12
N ASN B 16 10.41 46.01 -5.22
CA ASN B 16 10.25 44.56 -5.42
C ASN B 16 11.15 43.82 -4.40
N ALA B 17 12.31 44.39 -4.03
CA ALA B 17 13.19 43.83 -2.97
C ALA B 17 12.37 43.68 -1.68
N GLU B 18 11.59 44.70 -1.33
CA GLU B 18 10.78 44.71 -0.10
C GLU B 18 9.60 43.76 -0.26
N LYS B 19 8.96 43.73 -1.43
CA LYS B 19 7.82 42.82 -1.66
C LYS B 19 8.29 41.37 -1.52
N ILE B 20 9.44 41.08 -2.12
CA ILE B 20 10.08 39.74 -2.08
C ILE B 20 10.49 39.42 -0.64
N GLY B 21 11.01 40.41 0.10
CA GLY B 21 11.38 40.25 1.52
C GLY B 21 10.22 39.72 2.37
N GLN B 22 9.01 40.17 2.09
CA GLN B 22 7.76 39.73 2.80
C GLN B 22 7.53 38.22 2.67
N LEU B 23 8.07 37.59 1.63
CA LEU B 23 7.79 36.15 1.31
C LEU B 23 8.74 35.23 2.06
N ARG B 24 9.77 35.78 2.69
CA ARG B 24 10.86 35.00 3.30
C ARG B 24 10.47 34.64 4.74
N LEU B 25 10.42 33.35 5.03
CA LEU B 25 10.09 32.76 6.35
C LEU B 25 11.31 31.99 6.85
N VAL B 26 11.94 32.43 7.93
CA VAL B 26 13.23 31.84 8.39
C VAL B 26 13.21 31.60 9.90
N SER B 27 14.15 30.80 10.37
CA SER B 27 14.38 30.55 11.81
C SER B 27 15.86 30.79 12.11
N VAL B 28 16.17 31.23 13.31
CA VAL B 28 17.57 31.33 13.80
C VAL B 28 18.14 29.92 13.84
N GLY B 29 19.36 29.75 13.30
CA GLY B 29 20.10 28.48 13.35
C GLY B 29 21.30 28.51 12.42
N ALA B 30 21.93 27.37 12.18
CA ALA B 30 23.19 27.26 11.38
C ALA B 30 22.99 27.93 10.01
N ASP B 31 21.85 27.70 9.36
CA ASP B 31 21.53 28.25 8.01
C ASP B 31 21.37 29.77 8.11
N HIS B 32 20.88 30.30 9.25
CA HIS B 32 20.59 31.74 9.43
C HIS B 32 21.04 32.20 10.82
N PRO B 33 22.34 32.49 11.00
CA PRO B 33 22.85 32.97 12.28
C PRO B 33 22.16 34.28 12.71
N LYS B 34 22.02 34.45 14.03
CA LYS B 34 21.16 35.48 14.66
C LYS B 34 21.51 36.86 14.08
N GLU B 35 22.79 37.24 14.04
CA GLU B 35 23.24 38.62 13.70
C GLU B 35 22.92 38.94 12.24
N ALA B 36 23.20 38.01 11.34
CA ALA B 36 22.89 38.15 9.90
C ALA B 36 21.37 38.33 9.74
N LEU B 37 20.60 37.58 10.53
CA LEU B 37 19.12 37.60 10.46
C LEU B 37 18.62 38.96 10.93
N MET B 38 19.21 39.51 11.99
CA MET B 38 18.82 40.82 12.57
C MET B 38 19.03 41.90 11.50
N ALA B 39 20.19 41.86 10.83
CA ALA B 39 20.54 42.78 9.72
C ALA B 39 19.49 42.66 8.59
N ASP B 40 19.09 41.45 8.25
CA ASP B 40 18.12 41.20 7.15
C ASP B 40 16.75 41.78 7.54
N ILE B 41 16.36 41.66 8.81
CA ILE B 41 15.09 42.25 9.31
C ILE B 41 15.15 43.77 9.07
N ARG B 42 16.27 44.40 9.46
CA ARG B 42 16.48 45.87 9.32
C ARG B 42 16.43 46.27 7.85
N ALA B 43 16.81 45.37 6.94
CA ALA B 43 16.87 45.64 5.49
C ALA B 43 15.51 45.34 4.84
N GLY B 44 14.50 44.94 5.61
CA GLY B 44 13.17 44.62 5.05
C GLY B 44 13.21 43.32 4.28
N LYS B 45 14.16 42.43 4.57
CA LYS B 45 14.39 41.18 3.79
C LYS B 45 13.84 39.95 4.54
N VAL B 46 13.01 40.15 5.55
CA VAL B 46 12.40 39.03 6.33
C VAL B 46 10.93 39.37 6.51
N GLY B 47 10.07 38.44 6.17
CA GLY B 47 8.61 38.58 6.36
C GLY B 47 8.13 37.94 7.64
N ALA B 48 8.71 36.80 8.03
CA ALA B 48 8.26 36.08 9.23
C ALA B 48 9.34 35.16 9.76
N ILE B 49 9.18 34.82 11.04
CA ILE B 49 10.12 33.99 11.83
C ILE B 49 9.34 32.77 12.30
N PHE B 50 9.98 31.60 12.36
CA PHE B 50 9.46 30.43 13.09
C PHE B 50 10.56 29.95 14.06
N ASN B 51 10.13 29.31 15.17
CA ASN B 51 10.98 28.70 16.23
C ASN B 51 11.61 29.73 17.18
N THR B 52 11.20 30.99 17.15
CA THR B 52 11.51 32.00 18.21
C THR B 52 10.22 32.21 19.02
N VAL B 53 10.24 31.88 20.31
CA VAL B 53 9.00 31.48 21.04
C VAL B 53 8.88 32.12 22.43
N THR B 54 9.73 33.09 22.81
CA THR B 54 9.57 33.79 24.10
C THR B 54 9.35 35.28 23.90
N ARG B 55 8.69 35.93 24.86
CA ARG B 55 8.43 37.38 24.81
C ARG B 55 9.75 38.15 24.59
N PRO B 56 10.82 38.00 25.39
CA PRO B 56 12.02 38.80 25.17
C PRO B 56 12.66 38.56 23.77
N ASP B 57 12.65 37.31 23.28
CA ASP B 57 13.26 36.96 21.96
C ASP B 57 12.42 37.59 20.83
N ILE B 58 11.09 37.52 20.93
CA ILE B 58 10.20 38.01 19.85
C ILE B 58 10.22 39.56 19.86
N ARG B 59 10.16 40.19 21.03
CA ARG B 59 10.29 41.65 21.20
C ARG B 59 11.58 42.13 20.50
N ALA B 60 12.70 41.45 20.71
CA ALA B 60 14.03 41.80 20.14
C ALA B 60 13.98 41.76 18.60
N MET B 61 13.28 40.78 18.00
CA MET B 61 13.09 40.72 16.53
C MET B 61 12.23 41.92 16.08
N GLN B 62 11.09 42.14 16.73
CA GLN B 62 10.12 43.18 16.35
C GLN B 62 10.76 44.58 16.51
N ASP B 63 11.67 44.73 17.49
CA ASP B 63 12.50 45.95 17.69
C ASP B 63 13.41 46.22 16.48
N GLN B 64 13.97 45.19 15.83
CA GLN B 64 14.77 45.36 14.58
C GLN B 64 13.91 45.94 13.46
N VAL B 65 12.61 45.64 13.39
CA VAL B 65 11.68 46.13 12.33
C VAL B 65 11.70 47.65 12.30
N ARG B 66 11.76 48.26 13.49
CA ARG B 66 11.77 49.73 13.69
C ARG B 66 12.89 50.37 12.86
N HIS B 67 14.00 49.67 12.61
CA HIS B 67 15.16 50.23 11.85
C HIS B 67 14.95 50.13 10.34
N SER B 68 13.93 49.42 9.86
CA SER B 68 13.68 49.20 8.41
C SER B 68 12.97 50.42 7.84
N ARG B 69 13.11 50.62 6.54
CA ARG B 69 12.51 51.79 5.86
C ARG B 69 11.00 51.80 6.09
N LEU B 70 10.28 50.68 5.91
CA LEU B 70 8.78 50.70 5.95
C LEU B 70 8.25 50.20 7.30
N LYS B 71 9.07 49.61 8.16
CA LYS B 71 8.65 49.16 9.51
C LYS B 71 7.50 48.14 9.39
N ILE B 72 7.52 47.28 8.38
CA ILE B 72 6.46 46.24 8.27
C ILE B 72 6.76 45.20 9.34
N PRO B 73 5.81 44.97 10.28
CA PRO B 73 6.04 44.04 11.38
C PRO B 73 6.20 42.59 10.89
N LEU B 74 6.97 41.81 11.65
CA LEU B 74 7.10 40.35 11.50
C LEU B 74 5.87 39.69 12.09
N PHE B 75 5.54 38.49 11.62
CA PHE B 75 4.73 37.53 12.41
C PHE B 75 5.67 36.41 12.83
N HIS B 76 5.38 35.81 13.97
CA HIS B 76 6.18 34.72 14.59
C HIS B 76 5.33 33.46 14.66
N ALA B 77 5.88 32.33 14.20
CA ALA B 77 5.12 31.08 14.10
C ALA B 77 5.87 29.99 14.82
N TYR B 78 5.18 28.89 15.11
CA TYR B 78 5.72 27.72 15.82
C TYR B 78 4.82 26.54 15.57
N ASP B 79 5.35 25.35 15.83
CA ASP B 79 4.59 24.07 15.74
C ASP B 79 3.92 23.84 17.10
N VAL B 80 2.82 24.56 17.36
CA VAL B 80 1.97 24.33 18.55
C VAL B 80 0.94 23.29 18.13
N ALA B 81 1.33 22.03 18.18
CA ALA B 81 0.58 20.90 17.59
C ALA B 81 -0.49 20.42 18.57
N HIS B 82 -0.12 20.22 19.83
CA HIS B 82 -1.03 19.69 20.89
C HIS B 82 -0.66 20.32 22.24
N GLY B 83 -0.44 21.63 22.26
CA GLY B 83 -0.02 22.39 23.45
C GLY B 83 1.21 23.21 23.17
N HIS B 84 1.41 24.29 23.92
CA HIS B 84 2.59 25.18 23.83
C HIS B 84 3.55 24.88 24.98
N ARG B 85 3.17 25.22 26.22
CA ARG B 85 3.98 24.89 27.44
C ARG B 85 3.30 23.75 28.19
N THR B 86 2.00 23.88 28.40
CA THR B 86 1.15 22.79 28.94
C THR B 86 0.84 21.85 27.79
N ILE B 87 1.38 20.64 27.82
CA ILE B 87 1.28 19.71 26.67
C ILE B 87 0.10 18.78 26.91
N PHE B 88 -0.87 18.83 26.00
CA PHE B 88 -2.04 17.94 25.93
C PHE B 88 -1.63 16.62 25.26
N PRO B 89 -2.48 15.57 25.28
CA PRO B 89 -2.23 14.39 24.48
C PRO B 89 -1.95 14.75 23.02
N ILE B 90 -1.15 13.92 22.35
CA ILE B 90 -1.01 14.01 20.87
C ILE B 90 -2.42 13.98 20.24
N SER B 91 -2.55 14.56 19.06
CA SER B 91 -3.85 14.69 18.34
C SER B 91 -4.53 13.33 18.23
N LEU B 92 -3.79 12.24 18.03
CA LEU B 92 -4.44 10.92 17.86
C LEU B 92 -5.17 10.53 19.16
N GLY B 93 -4.60 10.92 20.32
CA GLY B 93 -5.18 10.74 21.65
C GLY B 93 -6.35 11.69 21.88
N LEU B 94 -6.24 12.94 21.42
CA LEU B 94 -7.33 13.94 21.55
C LEU B 94 -8.54 13.46 20.77
N ALA B 95 -8.32 12.91 19.59
CA ALA B 95 -9.40 12.42 18.72
C ALA B 95 -10.17 11.34 19.47
N ALA B 96 -9.48 10.52 20.26
CA ALA B 96 -10.08 9.35 20.93
C ALA B 96 -11.03 9.82 22.04
N SER B 97 -11.04 11.10 22.36
CA SER B 97 -12.03 11.70 23.29
C SER B 97 -13.43 11.72 22.64
N TRP B 98 -13.50 11.70 21.32
CA TRP B 98 -14.78 11.82 20.57
C TRP B 98 -15.59 12.98 21.13
N ASP B 99 -14.93 14.08 21.46
CA ASP B 99 -15.58 15.26 22.08
C ASP B 99 -15.01 16.53 21.49
N PRO B 100 -15.74 17.18 20.57
CA PRO B 100 -15.32 18.46 19.99
C PRO B 100 -14.98 19.50 21.06
N GLU B 101 -15.68 19.51 22.20
CA GLU B 101 -15.43 20.49 23.30
C GLU B 101 -14.08 20.21 23.97
N VAL B 102 -13.68 18.94 24.12
CA VAL B 102 -12.37 18.60 24.75
C VAL B 102 -11.25 19.06 23.81
N VAL B 103 -11.42 18.82 22.52
CA VAL B 103 -10.39 19.20 21.51
C VAL B 103 -10.31 20.72 21.46
N ALA B 104 -11.46 21.43 21.44
CA ALA B 104 -11.52 22.91 21.37
C ALA B 104 -10.78 23.49 22.58
N ARG B 105 -10.96 22.87 23.75
CA ARG B 105 -10.33 23.33 25.00
C ARG B 105 -8.81 23.26 24.88
N SER B 106 -8.28 22.13 24.40
CA SER B 106 -6.81 21.97 24.24
C SER B 106 -6.27 23.04 23.26
N ALA B 107 -7.00 23.32 22.18
CA ALA B 107 -6.57 24.29 21.15
C ALA B 107 -6.65 25.72 21.72
N ARG B 108 -7.74 26.02 22.44
CA ARG B 108 -7.96 27.36 23.04
C ARG B 108 -6.82 27.67 24.01
N ILE B 109 -6.50 26.71 24.88
CA ILE B 109 -5.41 26.85 25.89
C ILE B 109 -4.06 26.96 25.18
N SER B 110 -3.84 26.19 24.11
CA SER B 110 -2.57 26.24 23.32
C SER B 110 -2.39 27.67 22.77
N ALA B 111 -3.43 28.21 22.16
CA ALA B 111 -3.41 29.55 21.54
C ALA B 111 -3.13 30.61 22.62
N LEU B 112 -3.76 30.42 23.78
CA LEU B 112 -3.65 31.36 24.91
C LEU B 112 -2.20 31.41 25.36
N GLU B 113 -1.60 30.25 25.56
CA GLU B 113 -0.20 30.12 26.06
C GLU B 113 0.80 30.60 24.99
N ALA B 114 0.57 30.27 23.72
CA ALA B 114 1.49 30.64 22.63
C ALA B 114 1.48 32.16 22.45
N SER B 115 0.29 32.74 22.33
CA SER B 115 0.05 34.20 22.18
C SER B 115 0.59 34.93 23.42
N ALA B 116 0.49 34.33 24.60
CA ALA B 116 1.03 34.91 25.85
C ALA B 116 2.55 35.04 25.76
N ASP B 117 3.21 34.22 24.95
CA ASP B 117 4.68 34.25 24.74
C ASP B 117 5.05 35.11 23.53
N GLY B 118 4.06 35.69 22.83
CA GLY B 118 4.34 36.56 21.68
C GLY B 118 4.08 35.93 20.31
N LEU B 119 3.69 34.65 20.23
CA LEU B 119 3.48 33.97 18.93
C LEU B 119 2.15 34.39 18.29
N ASP B 120 2.14 34.55 16.97
CA ASP B 120 0.95 34.96 16.19
C ASP B 120 0.31 33.79 15.43
N MET B 121 1.03 32.68 15.27
CA MET B 121 0.64 31.61 14.32
C MET B 121 1.17 30.25 14.78
N SER B 122 0.34 29.23 14.60
CA SER B 122 0.77 27.82 14.71
C SER B 122 0.66 27.17 13.34
N PHE B 123 1.65 26.34 13.06
CA PHE B 123 1.62 25.34 11.96
C PHE B 123 0.78 24.16 12.44
N SER B 124 -0.52 24.41 12.54
CA SER B 124 -1.54 23.48 13.07
CA SER B 124 -1.54 23.43 12.94
C SER B 124 -2.92 24.02 12.67
N PRO B 125 -3.98 23.19 12.62
CA PRO B 125 -3.91 21.75 12.86
C PRO B 125 -3.33 20.94 11.69
N MET B 126 -2.69 19.83 12.03
CA MET B 126 -2.37 18.73 11.09
C MET B 126 -3.64 17.89 10.89
N VAL B 127 -4.16 17.79 9.67
CA VAL B 127 -5.51 17.19 9.42
C VAL B 127 -5.39 16.14 8.31
N ASP B 128 -4.20 15.60 8.10
CA ASP B 128 -3.95 14.56 7.07
C ASP B 128 -4.65 13.26 7.51
N ILE B 129 -5.45 12.69 6.62
CA ILE B 129 -6.06 11.34 6.79
C ILE B 129 -4.95 10.29 6.74
N THR B 130 -5.00 9.33 7.68
CA THR B 130 -4.00 8.27 7.84
C THR B 130 -4.69 6.91 7.89
N ARG B 131 -4.44 6.07 6.86
CA ARG B 131 -4.82 4.64 6.84
C ARG B 131 -3.59 3.72 6.93
N ASP B 132 -2.39 4.27 7.09
CA ASP B 132 -1.15 3.47 7.13
C ASP B 132 -0.42 3.71 8.45
N ALA B 133 -0.50 2.76 9.37
CA ALA B 133 0.08 2.88 10.73
C ALA B 133 1.60 2.98 10.68
N ARG B 134 2.28 2.61 9.59
CA ARG B 134 3.77 2.67 9.54
C ARG B 134 4.24 4.11 9.58
N TRP B 135 3.48 5.05 9.04
CA TRP B 135 3.88 6.47 8.95
C TRP B 135 4.07 7.07 10.35
N GLY B 136 5.22 7.67 10.61
CA GLY B 136 5.54 8.23 11.95
C GLY B 136 4.68 9.44 12.31
N ARG B 137 4.06 10.10 11.34
CA ARG B 137 3.26 11.32 11.62
C ARG B 137 1.78 11.00 11.87
N VAL B 138 1.39 9.75 11.99
CA VAL B 138 -0.04 9.42 12.32
C VAL B 138 -0.38 9.99 13.71
N SER B 139 0.60 10.13 14.61
CA SER B 139 0.41 10.72 15.96
C SER B 139 -0.19 12.12 15.85
N GLU B 140 0.11 12.84 14.76
CA GLU B 140 -0.22 14.28 14.60
C GLU B 140 -1.63 14.48 14.07
N GLY B 141 -2.29 13.44 13.55
CA GLY B 141 -3.63 13.57 12.96
C GLY B 141 -4.70 13.09 13.92
N PHE B 142 -5.91 12.88 13.42
CA PHE B 142 -7.11 12.47 14.19
C PHE B 142 -7.56 11.07 13.78
N GLY B 143 -6.75 10.36 12.99
CA GLY B 143 -7.05 8.97 12.59
C GLY B 143 -7.51 8.85 11.14
N GLU B 144 -8.28 7.80 10.86
CA GLU B 144 -8.55 7.32 9.47
C GLU B 144 -9.87 7.87 8.94
N ASP B 145 -10.68 8.52 9.76
CA ASP B 145 -12.07 8.85 9.35
C ASP B 145 -12.19 10.30 8.83
N THR B 146 -12.79 10.44 7.66
CA THR B 146 -13.00 11.73 6.96
C THR B 146 -13.96 12.60 7.76
N TYR B 147 -15.05 12.05 8.26
CA TYR B 147 -16.06 12.84 9.02
C TYR B 147 -15.45 13.39 10.32
N LEU B 148 -14.84 12.54 11.14
CA LEU B 148 -14.27 12.96 12.44
C LEU B 148 -13.13 13.96 12.22
N THR B 149 -12.22 13.66 11.31
CA THR B 149 -11.04 14.53 11.07
C THR B 149 -11.53 15.91 10.56
N SER B 150 -12.53 15.92 9.68
CA SER B 150 -13.07 17.17 9.08
C SER B 150 -13.69 18.01 10.19
N LEU B 151 -14.50 17.37 11.01
CA LEU B 151 -15.14 18.03 12.17
C LEU B 151 -14.06 18.63 13.07
N LEU B 152 -13.09 17.83 13.51
CA LEU B 152 -12.06 18.31 14.47
C LEU B 152 -11.16 19.34 13.79
N SER B 153 -10.95 19.22 12.47
CA SER B 153 -10.19 20.23 11.71
C SER B 153 -10.83 21.61 11.94
N GLY B 154 -12.14 21.71 11.68
CA GLY B 154 -12.89 22.96 11.86
C GLY B 154 -12.82 23.46 13.30
N VAL B 155 -12.99 22.55 14.27
CA VAL B 155 -12.95 22.87 15.72
C VAL B 155 -11.61 23.49 16.10
N MET B 156 -10.50 22.90 15.66
CA MET B 156 -9.12 23.38 16.01
C MET B 156 -8.94 24.82 15.47
N VAL B 157 -9.32 25.05 14.23
CA VAL B 157 -9.18 26.38 13.57
C VAL B 157 -9.95 27.43 14.39
N ARG B 158 -11.23 27.16 14.67
CA ARG B 158 -12.12 28.09 15.40
C ARG B 158 -11.58 28.34 16.81
N ALA B 159 -11.06 27.32 17.48
CA ALA B 159 -10.53 27.45 18.86
C ALA B 159 -9.26 28.31 18.85
N TYR B 160 -8.39 28.12 17.87
CA TYR B 160 -7.10 28.85 17.79
C TYR B 160 -7.36 30.33 17.49
N GLN B 161 -8.25 30.59 16.53
CA GLN B 161 -8.42 31.95 15.92
C GLN B 161 -9.39 32.80 16.76
N GLY B 162 -10.28 32.16 17.53
CA GLY B 162 -11.33 32.84 18.30
C GLY B 162 -12.22 33.69 17.40
N SER B 163 -12.86 34.72 17.95
CA SER B 163 -13.85 35.57 17.20
C SER B 163 -13.11 36.70 16.48
N ASN B 164 -11.83 36.90 16.79
CA ASN B 164 -11.00 37.99 16.24
C ASN B 164 -9.54 37.59 16.22
N LEU B 165 -8.93 37.55 15.04
CA LEU B 165 -7.49 37.23 14.87
C LEU B 165 -6.56 38.30 15.47
N ALA B 166 -7.05 39.50 15.79
CA ALA B 166 -6.24 40.57 16.42
C ALA B 166 -6.22 40.42 17.95
N ALA B 167 -7.02 39.49 18.52
CA ALA B 167 -7.11 39.30 19.98
C ALA B 167 -5.76 38.79 20.51
N PRO B 168 -5.22 39.37 21.60
CA PRO B 168 -3.94 38.93 22.15
C PRO B 168 -3.93 37.52 22.78
N ASP B 169 -5.06 36.83 22.77
CA ASP B 169 -5.14 35.40 23.21
C ASP B 169 -5.46 34.49 22.02
N SER B 170 -5.47 35.03 20.81
CA SER B 170 -5.68 34.28 19.55
C SER B 170 -4.36 34.11 18.77
N ILE B 171 -4.30 33.05 17.97
CA ILE B 171 -3.25 32.85 16.93
C ILE B 171 -3.92 32.45 15.62
N MET B 172 -3.22 32.68 14.52
CA MET B 172 -3.65 32.20 13.19
C MET B 172 -3.31 30.70 13.09
N ALA B 173 -4.25 29.95 12.54
CA ALA B 173 -4.10 28.53 12.18
C ALA B 173 -3.55 28.45 10.75
N ALA B 174 -2.40 27.79 10.57
CA ALA B 174 -1.87 27.33 9.27
C ALA B 174 -2.14 25.82 9.17
N VAL B 175 -3.27 25.45 8.57
CA VAL B 175 -3.66 24.02 8.41
C VAL B 175 -2.63 23.32 7.51
N LYS B 176 -2.25 22.09 7.86
CA LYS B 176 -1.23 21.30 7.15
C LYS B 176 -1.69 19.85 7.10
N HIS B 177 -1.10 19.04 6.21
CA HIS B 177 -0.18 19.45 5.16
C HIS B 177 -0.87 19.28 3.82
N PHE B 178 -1.14 20.39 3.11
CA PHE B 178 -2.03 20.40 1.92
C PHE B 178 -1.22 19.92 0.72
N ALA B 179 -1.39 18.68 0.24
CA ALA B 179 -2.44 17.74 0.61
C ALA B 179 -1.93 16.30 0.51
N LEU B 180 -2.66 15.39 1.16
CA LEU B 180 -2.61 13.91 0.95
C LEU B 180 -1.33 13.34 1.53
N TYR B 181 -0.64 14.09 2.38
CA TYR B 181 0.72 13.76 2.88
C TYR B 181 0.70 12.37 3.56
N GLY B 182 -0.38 12.04 4.27
CA GLY B 182 -0.50 10.79 5.05
C GLY B 182 -0.74 9.53 4.22
N ALA B 183 -0.92 9.62 2.90
CA ALA B 183 -1.10 8.45 2.00
C ALA B 183 0.25 8.01 1.41
N ALA B 184 1.37 8.50 1.95
CA ALA B 184 2.73 8.13 1.51
C ALA B 184 2.80 6.62 1.26
N GLU B 185 3.23 6.24 0.06
CA GLU B 185 3.44 4.83 -0.33
C GLU B 185 4.43 4.19 0.65
N GLY B 186 4.12 3.00 1.13
CA GLY B 186 4.93 2.24 2.08
C GLY B 186 4.93 2.84 3.48
N GLY B 187 4.16 3.90 3.73
CA GLY B 187 4.22 4.65 4.99
C GLY B 187 5.60 5.28 5.18
N ARG B 188 6.38 5.39 4.13
CA ARG B 188 7.72 6.04 4.16
C ARG B 188 7.46 7.55 4.10
N ASP B 189 8.00 8.31 5.04
CA ASP B 189 7.75 9.77 5.04
C ASP B 189 8.25 10.37 3.72
N TYR B 190 7.54 11.39 3.24
CA TYR B 190 7.91 12.23 2.07
C TYR B 190 7.59 11.49 0.76
N ASN B 191 7.10 10.25 0.84
CA ASN B 191 7.01 9.34 -0.31
C ASN B 191 5.78 9.65 -1.17
N THR B 192 5.89 9.27 -2.43
CA THR B 192 4.86 9.30 -3.49
C THR B 192 3.44 9.08 -2.92
N VAL B 193 2.52 9.92 -3.37
CA VAL B 193 1.08 9.72 -3.17
C VAL B 193 0.42 9.63 -4.52
N ASP B 194 -0.34 8.56 -4.70
CA ASP B 194 -1.00 8.29 -6.00
C ASP B 194 -2.41 7.80 -5.69
N MET B 195 -3.41 8.54 -6.12
CA MET B 195 -4.83 8.17 -5.85
C MET B 195 -5.76 8.78 -6.88
N SER B 196 -6.90 8.11 -7.04
CA SER B 196 -8.00 8.52 -7.93
C SER B 196 -8.61 9.82 -7.41
N LEU B 197 -9.19 10.59 -8.31
CA LEU B 197 -9.82 11.87 -7.91
C LEU B 197 -11.03 11.58 -7.02
N PRO B 198 -11.88 10.55 -7.28
CA PRO B 198 -13.03 10.31 -6.41
C PRO B 198 -12.61 10.00 -4.97
N ARG B 199 -11.54 9.23 -4.77
CA ARG B 199 -11.04 8.93 -3.41
C ARG B 199 -10.49 10.21 -2.81
N MET B 200 -9.69 10.94 -3.58
CA MET B 200 -9.10 12.25 -3.16
C MET B 200 -10.22 13.20 -2.68
N PHE B 201 -11.27 13.40 -3.47
CA PHE B 201 -12.38 14.34 -3.14
C PHE B 201 -13.27 13.84 -1.99
N GLN B 202 -13.58 12.55 -1.94
CA GLN B 202 -14.50 11.95 -0.94
C GLN B 202 -13.82 11.85 0.43
N ASP B 203 -12.56 11.41 0.49
CA ASP B 203 -11.93 10.90 1.73
C ASP B 203 -10.76 11.78 2.19
N TYR B 204 -9.93 12.34 1.31
CA TYR B 204 -8.63 12.93 1.76
C TYR B 204 -8.68 14.45 1.79
N LEU B 205 -9.44 15.08 0.88
CA LEU B 205 -9.46 16.57 0.78
C LEU B 205 -10.39 17.23 1.80
N PRO B 206 -11.54 16.65 2.19
CA PRO B 206 -12.48 17.40 3.03
C PRO B 206 -11.93 18.02 4.33
N PRO B 207 -10.95 17.45 5.04
CA PRO B 207 -10.42 18.11 6.24
C PRO B 207 -9.78 19.47 5.96
N TYR B 208 -9.06 19.61 4.84
CA TYR B 208 -8.42 20.90 4.46
C TYR B 208 -9.53 21.90 4.13
N LYS B 209 -10.59 21.46 3.45
CA LYS B 209 -11.72 22.32 3.07
C LYS B 209 -12.45 22.76 4.35
N ALA B 210 -12.59 21.87 5.34
CA ALA B 210 -13.20 22.18 6.65
C ALA B 210 -12.40 23.29 7.36
N ALA B 211 -11.07 23.27 7.29
CA ALA B 211 -10.21 24.31 7.91
C ALA B 211 -10.38 25.64 7.13
N VAL B 212 -10.45 25.58 5.80
CA VAL B 212 -10.65 26.80 4.97
C VAL B 212 -12.00 27.43 5.32
N ASP B 213 -13.04 26.61 5.39
CA ASP B 213 -14.43 27.04 5.71
C ASP B 213 -14.56 27.53 7.16
N ALA B 214 -13.70 27.10 8.09
CA ALA B 214 -13.69 27.62 9.47
C ALA B 214 -12.94 28.95 9.55
N GLY B 215 -12.34 29.40 8.44
CA GLY B 215 -11.66 30.71 8.35
C GLY B 215 -10.17 30.63 8.63
N ALA B 216 -9.53 29.46 8.51
CA ALA B 216 -8.07 29.34 8.66
C ALA B 216 -7.37 30.44 7.83
N GLY B 217 -6.39 31.12 8.40
CA GLY B 217 -5.75 32.27 7.74
C GLY B 217 -4.64 31.83 6.79
N ALA B 218 -4.12 30.62 7.02
CA ALA B 218 -2.94 30.09 6.31
C ALA B 218 -3.12 28.59 6.02
N VAL B 219 -2.45 28.16 4.97
CA VAL B 219 -2.35 26.74 4.52
C VAL B 219 -0.87 26.45 4.29
N MET B 220 -0.35 25.42 4.94
CA MET B 220 1.00 24.93 4.70
C MET B 220 0.95 23.82 3.63
N VAL B 221 1.77 23.98 2.59
CA VAL B 221 1.78 23.09 1.41
C VAL B 221 2.69 21.91 1.73
N SER B 222 2.30 20.71 1.30
CA SER B 222 2.96 19.44 1.66
C SER B 222 4.25 19.18 0.84
N LEU B 223 5.07 18.22 1.29
CA LEU B 223 6.39 17.86 0.69
C LEU B 223 6.24 16.77 -0.38
N ASN B 224 5.07 16.14 -0.49
CA ASN B 224 4.86 14.93 -1.33
C ASN B 224 4.42 15.31 -2.75
N THR B 225 4.66 14.40 -3.71
CA THR B 225 3.95 14.39 -5.00
C THR B 225 2.49 14.00 -4.78
N ILE B 226 1.64 14.58 -5.61
CA ILE B 226 0.23 14.15 -5.82
C ILE B 226 0.11 13.74 -7.27
N ASN B 227 -0.06 12.45 -7.53
CA ASN B 227 -0.21 11.93 -8.91
C ASN B 227 0.92 12.47 -9.77
N GLY B 228 2.15 12.47 -9.22
CA GLY B 228 3.38 12.84 -9.94
C GLY B 228 3.77 14.30 -9.78
N VAL B 229 2.90 15.17 -9.25
CA VAL B 229 3.21 16.62 -9.18
C VAL B 229 3.39 17.03 -7.72
N PRO B 230 4.62 17.41 -7.30
CA PRO B 230 4.84 17.91 -5.94
C PRO B 230 3.79 18.97 -5.61
N ALA B 231 3.25 18.95 -4.39
CA ALA B 231 2.22 19.92 -3.99
C ALA B 231 2.79 21.34 -4.19
N THR B 232 4.08 21.52 -3.91
CA THR B 232 4.76 22.85 -4.00
C THR B 232 4.72 23.42 -5.44
N ALA B 233 4.56 22.58 -6.46
CA ALA B 233 4.54 23.03 -7.87
C ALA B 233 3.17 22.76 -8.50
N ASN B 234 2.13 22.53 -7.68
CA ASN B 234 0.86 21.95 -8.17
C ASN B 234 -0.17 23.09 -8.33
N ARG B 235 -0.19 23.72 -9.49
CA ARG B 235 -1.11 24.87 -9.75
C ARG B 235 -2.55 24.40 -9.65
N TRP B 236 -2.84 23.19 -10.12
CA TRP B 236 -4.20 22.60 -9.96
C TRP B 236 -4.60 22.64 -8.47
N LEU B 237 -3.73 22.15 -7.59
CA LEU B 237 -4.02 22.04 -6.15
C LEU B 237 -4.11 23.43 -5.50
N LEU B 238 -3.12 24.29 -5.73
CA LEU B 238 -2.97 25.55 -4.93
C LEU B 238 -3.79 26.69 -5.55
N THR B 239 -4.06 26.68 -6.86
CA THR B 239 -4.81 27.77 -7.54
C THR B 239 -6.21 27.28 -7.90
N ASP B 240 -6.34 26.22 -8.70
CA ASP B 240 -7.65 25.82 -9.27
C ASP B 240 -8.56 25.34 -8.12
N LEU B 241 -8.04 24.51 -7.21
CA LEU B 241 -8.85 23.91 -6.13
C LEU B 241 -8.92 24.90 -4.96
N LEU B 242 -7.78 25.21 -4.35
CA LEU B 242 -7.73 25.97 -3.07
C LEU B 242 -8.31 27.38 -3.26
N ARG B 243 -7.92 28.11 -4.32
CA ARG B 243 -8.35 29.52 -4.53
C ARG B 243 -9.67 29.56 -5.29
N GLN B 244 -9.74 29.02 -6.50
CA GLN B 244 -10.89 29.26 -7.40
C GLN B 244 -12.09 28.40 -6.97
N GLN B 245 -11.92 27.12 -6.63
CA GLN B 245 -13.07 26.25 -6.23
C GLN B 245 -13.45 26.50 -4.76
N TRP B 246 -12.49 26.54 -3.83
CA TRP B 246 -12.77 26.60 -2.37
C TRP B 246 -12.88 28.04 -1.87
N GLY B 247 -12.35 28.98 -2.62
CA GLY B 247 -12.47 30.42 -2.28
C GLY B 247 -11.54 30.82 -1.16
N PHE B 248 -10.44 30.08 -0.93
CA PHE B 248 -9.45 30.45 0.12
C PHE B 248 -8.84 31.81 -0.23
N LYS B 249 -8.83 32.72 0.74
CA LYS B 249 -8.39 34.13 0.56
C LYS B 249 -7.13 34.41 1.37
N GLY B 250 -6.57 33.40 2.02
CA GLY B 250 -5.46 33.61 2.97
C GLY B 250 -4.11 33.36 2.35
N LEU B 251 -3.19 32.89 3.18
CA LEU B 251 -1.75 32.84 2.89
C LEU B 251 -1.34 31.38 2.69
N THR B 252 -0.60 31.06 1.62
CA THR B 252 0.02 29.73 1.41
C THR B 252 1.48 29.81 1.83
N ILE B 253 1.95 28.81 2.57
CA ILE B 253 3.32 28.75 3.13
C ILE B 253 3.91 27.43 2.67
N SER B 254 5.10 27.45 2.11
CA SER B 254 5.86 26.22 1.75
C SER B 254 6.29 25.51 3.03
N ASP B 255 6.49 24.19 2.94
CA ASP B 255 7.12 23.41 4.03
C ASP B 255 8.63 23.65 3.92
N HIS B 256 9.42 23.06 4.81
CA HIS B 256 10.85 23.40 4.98
C HIS B 256 11.67 22.93 3.77
N GLY B 257 12.21 23.87 3.01
CA GLY B 257 13.03 23.56 1.82
C GLY B 257 12.23 22.97 0.68
N ALA B 258 10.90 23.05 0.71
CA ALA B 258 10.00 22.43 -0.29
C ALA B 258 10.30 22.98 -1.71
N VAL B 259 10.59 24.27 -1.84
CA VAL B 259 10.84 24.89 -3.18
C VAL B 259 12.11 24.29 -3.78
N LYS B 260 13.22 24.29 -3.05
CA LYS B 260 14.48 23.70 -3.53
C LYS B 260 14.30 22.21 -3.85
N GLU B 261 13.43 21.50 -3.11
CA GLU B 261 13.26 20.03 -3.27
C GLU B 261 12.59 19.70 -4.62
N LEU B 262 12.03 20.69 -5.30
CA LEU B 262 11.45 20.48 -6.65
C LEU B 262 12.54 19.94 -7.58
N ILE B 263 13.81 20.26 -7.31
CA ILE B 263 14.98 19.74 -8.07
C ILE B 263 15.07 18.22 -7.85
N LYS B 264 15.11 17.75 -6.61
CA LYS B 264 15.19 16.29 -6.32
C LYS B 264 13.95 15.57 -6.86
N HIS B 265 12.78 16.20 -6.84
CA HIS B 265 11.53 15.60 -7.37
C HIS B 265 11.62 15.45 -8.89
N GLY B 266 12.54 16.19 -9.52
CA GLY B 266 12.75 16.16 -10.97
C GLY B 266 11.74 17.00 -11.75
N LEU B 267 11.26 18.09 -11.15
CA LEU B 267 10.36 19.07 -11.83
C LEU B 267 11.22 20.25 -12.32
N ALA B 268 12.43 20.40 -11.79
CA ALA B 268 13.31 21.55 -12.05
C ALA B 268 14.76 21.10 -12.09
N GLY B 269 15.55 21.70 -12.96
CA GLY B 269 16.98 21.33 -13.07
C GLY B 269 17.84 22.26 -12.25
N ASN B 270 17.27 23.37 -11.80
CA ASN B 270 18.03 24.41 -11.07
C ASN B 270 17.07 25.20 -10.16
N GLU B 271 17.66 25.97 -9.24
CA GLU B 271 16.93 26.75 -8.21
C GLU B 271 16.01 27.79 -8.86
N ARG B 272 16.43 28.38 -9.98
CA ARG B 272 15.68 29.48 -10.63
C ARG B 272 14.37 28.92 -11.16
N ASP B 273 14.42 27.76 -11.80
CA ASP B 273 13.22 27.10 -12.38
C ASP B 273 12.32 26.64 -11.22
N ALA B 274 12.90 26.08 -10.15
CA ALA B 274 12.13 25.63 -8.96
C ALA B 274 11.36 26.82 -8.40
N THR B 275 12.05 27.96 -8.26
CA THR B 275 11.46 29.21 -7.73
C THR B 275 10.27 29.60 -8.61
N ARG B 276 10.45 29.61 -9.92
CA ARG B 276 9.37 30.00 -10.87
C ARG B 276 8.17 29.06 -10.70
N LEU B 277 8.40 27.75 -10.59
CA LEU B 277 7.27 26.79 -10.50
C LEU B 277 6.46 27.02 -9.23
N ALA B 278 7.14 27.25 -8.10
CA ALA B 278 6.46 27.37 -6.79
C ALA B 278 5.64 28.67 -6.78
N ILE B 279 6.20 29.80 -7.20
CA ILE B 279 5.45 31.08 -7.06
C ILE B 279 4.27 31.06 -8.03
N GLN B 280 4.42 30.53 -9.25
CA GLN B 280 3.31 30.51 -10.24
C GLN B 280 2.27 29.45 -9.87
N ALA B 281 2.64 28.38 -9.16
CA ALA B 281 1.65 27.36 -8.73
C ALA B 281 0.71 27.97 -7.67
N GLY B 282 1.26 28.87 -6.85
CA GLY B 282 0.49 29.62 -5.83
C GLY B 282 1.07 29.48 -4.43
N VAL B 283 2.38 29.30 -4.30
CA VAL B 283 3.07 29.32 -2.98
C VAL B 283 3.53 30.74 -2.68
N ASP B 284 2.98 31.36 -1.63
CA ASP B 284 3.21 32.79 -1.29
C ASP B 284 4.54 32.91 -0.55
N MET B 285 4.76 32.04 0.43
CA MET B 285 5.83 32.22 1.41
C MET B 285 6.79 31.02 1.37
N ASN B 286 8.09 31.31 1.43
CA ASN B 286 9.22 30.40 1.11
C ASN B 286 9.93 30.11 2.43
N MET B 287 9.82 28.87 2.93
CA MET B 287 10.39 28.46 4.23
C MET B 287 11.85 27.99 4.07
N ASN B 288 12.77 28.74 4.70
CA ASN B 288 14.18 28.39 5.01
C ASN B 288 15.13 28.47 3.80
N ASP B 289 14.80 27.91 2.63
CA ASP B 289 15.80 27.71 1.55
C ASP B 289 16.20 29.03 0.82
N ASP B 290 15.46 30.13 0.98
CA ASP B 290 15.86 31.48 0.52
C ASP B 290 15.89 31.57 -1.02
N LEU B 291 15.35 30.59 -1.73
CA LEU B 291 15.29 30.60 -3.21
C LEU B 291 14.50 31.81 -3.70
N TYR B 292 13.39 32.20 -3.05
CA TYR B 292 12.54 33.34 -3.49
C TYR B 292 13.41 34.61 -3.51
N SER B 293 14.15 34.84 -2.43
CA SER B 293 14.95 36.09 -2.27
C SER B 293 16.08 36.07 -3.32
N THR B 294 16.64 34.90 -3.59
CA THR B 294 17.79 34.69 -4.50
C THR B 294 17.34 34.88 -5.95
N TRP B 295 16.19 34.33 -6.38
CA TRP B 295 15.88 34.15 -7.83
C TRP B 295 14.71 35.00 -8.32
N LEU B 296 13.82 35.46 -7.47
CA LEU B 296 12.60 36.17 -7.95
C LEU B 296 13.01 37.44 -8.72
N PRO B 297 14.02 38.24 -8.31
CA PRO B 297 14.37 39.45 -9.05
C PRO B 297 14.84 39.11 -10.48
N LYS B 298 15.73 38.12 -10.62
CA LYS B 298 16.23 37.65 -11.94
C LYS B 298 15.06 37.10 -12.78
N LEU B 299 14.15 36.31 -12.21
CA LEU B 299 12.97 35.80 -12.96
C LEU B 299 12.13 36.96 -13.50
N LEU B 300 11.85 37.96 -12.67
CA LEU B 300 11.02 39.12 -13.06
C LEU B 300 11.74 39.90 -14.18
N ALA B 301 13.01 40.24 -13.95
CA ALA B 301 13.83 41.03 -14.91
C ALA B 301 13.78 40.33 -16.27
N ALA B 302 13.82 39.01 -16.29
CA ALA B 302 13.89 38.19 -17.52
C ALA B 302 12.48 37.95 -18.09
N GLY B 303 11.41 38.39 -17.45
CA GLY B 303 10.05 38.10 -17.93
C GLY B 303 9.64 36.64 -17.75
N GLU B 304 10.33 35.85 -16.91
CA GLU B 304 9.96 34.43 -16.63
C GLU B 304 8.78 34.33 -15.63
N ILE B 305 8.58 35.36 -14.79
CA ILE B 305 7.36 35.51 -13.93
C ILE B 305 6.78 36.91 -14.20
N ASP B 306 5.55 37.12 -13.75
CA ASP B 306 4.84 38.41 -13.84
C ASP B 306 5.01 39.16 -12.53
N GLN B 307 4.98 40.50 -12.58
CA GLN B 307 4.79 41.37 -11.39
C GLN B 307 3.61 40.84 -10.54
N ALA B 308 2.52 40.42 -11.18
CA ALA B 308 1.30 39.92 -10.51
C ALA B 308 1.60 38.72 -9.59
N ASP B 309 2.57 37.87 -9.91
CA ASP B 309 2.95 36.71 -9.05
C ASP B 309 3.56 37.23 -7.74
N ILE B 310 4.48 38.20 -7.82
CA ILE B 310 5.09 38.82 -6.60
C ILE B 310 3.97 39.54 -5.83
N ASP B 311 3.14 40.33 -6.51
CA ASP B 311 2.11 41.16 -5.82
C ASP B 311 1.08 40.28 -5.11
N ARG B 312 0.65 39.18 -5.73
CA ARG B 312 -0.33 38.24 -5.14
C ARG B 312 0.25 37.74 -3.82
N ALA B 313 1.49 37.24 -3.84
CA ALA B 313 2.17 36.60 -2.69
C ALA B 313 2.34 37.63 -1.57
N CYS B 314 2.81 38.82 -1.91
CA CYS B 314 3.07 39.92 -0.95
C CYS B 314 1.76 40.39 -0.30
N ARG B 315 0.71 40.61 -1.10
CA ARG B 315 -0.63 41.01 -0.59
C ARG B 315 -1.09 39.98 0.46
N ASP B 316 -0.92 38.67 0.18
CA ASP B 316 -1.34 37.59 1.10
C ASP B 316 -0.60 37.70 2.44
N VAL B 317 0.71 37.96 2.45
CA VAL B 317 1.49 38.09 3.72
C VAL B 317 1.01 39.33 4.47
N LEU B 318 0.87 40.47 3.78
CA LEU B 318 0.47 41.74 4.45
C LEU B 318 -0.96 41.58 4.99
N ALA B 319 -1.83 40.90 4.26
CA ALA B 319 -3.24 40.68 4.68
C ALA B 319 -3.28 39.80 5.94
N ALA B 320 -2.39 38.82 6.07
CA ALA B 320 -2.28 38.02 7.32
C ALA B 320 -1.88 38.91 8.49
N LYS B 321 -0.85 39.73 8.29
CA LYS B 321 -0.31 40.65 9.34
C LYS B 321 -1.39 41.66 9.73
N TYR B 322 -2.21 42.07 8.78
CA TYR B 322 -3.34 43.01 9.02
C TYR B 322 -4.35 42.32 9.94
N ASP B 323 -4.81 41.12 9.55
CA ASP B 323 -5.83 40.35 10.33
C ASP B 323 -5.31 40.06 11.75
N LEU B 324 -4.01 39.85 11.92
CA LEU B 324 -3.38 39.55 13.23
C LEU B 324 -3.24 40.82 14.09
N GLY B 325 -3.61 42.00 13.56
CA GLY B 325 -3.61 43.28 14.29
C GLY B 325 -2.23 43.94 14.34
N LEU B 326 -1.25 43.43 13.59
CA LEU B 326 0.18 43.83 13.79
C LEU B 326 0.44 45.23 13.20
N PHE B 327 -0.42 45.71 12.30
CA PHE B 327 -0.33 47.08 11.75
C PHE B 327 -0.93 48.08 12.76
N ALA B 328 -1.94 47.65 13.52
CA ALA B 328 -2.54 48.46 14.61
C ALA B 328 -1.54 48.54 15.76
N ASP B 329 -0.91 47.43 16.13
CA ASP B 329 0.04 47.39 17.27
C ASP B 329 0.91 46.15 17.11
N PRO B 330 2.17 46.33 16.64
CA PRO B 330 3.06 45.19 16.47
C PRO B 330 3.44 44.52 17.80
N TYR B 331 3.11 45.12 18.94
CA TYR B 331 3.46 44.61 20.29
C TYR B 331 2.21 44.12 21.03
N ARG B 332 1.09 43.94 20.32
CA ARG B 332 -0.19 43.56 20.95
C ARG B 332 -0.10 42.23 21.70
N ARG B 333 0.78 41.31 21.29
CA ARG B 333 1.00 40.01 21.97
C ARG B 333 2.27 40.04 22.84
N LEU B 334 2.89 41.20 23.06
CA LEU B 334 4.22 41.29 23.71
C LEU B 334 4.19 42.20 24.95
N GLY B 335 3.02 42.61 25.38
CA GLY B 335 2.84 43.46 26.56
C GLY B 335 3.38 44.85 26.33
N LYS B 336 3.43 45.63 27.41
CA LYS B 336 3.86 47.05 27.42
C LYS B 336 5.36 47.08 27.68
N PRO B 337 6.06 48.16 27.26
CA PRO B 337 7.53 48.21 27.30
C PRO B 337 8.16 48.19 28.70
N ASP B 338 7.41 48.52 29.75
CA ASP B 338 7.91 48.55 31.15
C ASP B 338 7.26 47.44 31.97
N ASP B 339 6.60 46.45 31.34
CA ASP B 339 6.15 45.21 32.02
C ASP B 339 7.36 44.58 32.69
N PRO B 340 7.25 44.09 33.95
CA PRO B 340 8.41 43.48 34.60
C PRO B 340 8.81 42.18 33.92
N PRO B 341 10.10 41.77 33.94
CA PRO B 341 10.47 40.44 33.47
C PRO B 341 9.74 39.33 34.27
N PHE B 342 9.59 38.17 33.65
CA PHE B 342 8.91 37.00 34.25
C PHE B 342 9.58 35.72 33.75
N ASP B 343 9.45 34.64 34.50
CA ASP B 343 9.93 33.30 34.07
C ASP B 343 8.91 32.76 33.05
N THR B 344 9.35 32.57 31.80
CA THR B 344 8.47 32.03 30.73
C THR B 344 7.89 30.71 31.22
N ASN B 345 8.68 29.93 31.97
CA ASN B 345 8.32 28.55 32.35
C ASN B 345 7.79 28.47 33.79
N ALA B 346 7.32 29.57 34.36
CA ALA B 346 6.75 29.58 35.73
C ALA B 346 5.54 28.64 35.80
N GLU B 347 5.44 27.89 36.90
CA GLU B 347 4.28 27.01 37.20
C GLU B 347 2.99 27.81 37.07
N SER B 348 3.01 29.08 37.45
CA SER B 348 1.81 29.94 37.47
C SER B 348 1.27 30.16 36.06
N ARG B 349 2.05 29.91 35.00
CA ARG B 349 1.62 30.19 33.61
C ARG B 349 1.12 28.92 32.91
N LEU B 350 1.10 27.79 33.63
CA LEU B 350 0.66 26.47 33.09
C LEU B 350 -0.84 26.31 33.33
N HIS B 351 -1.45 25.31 32.69
CA HIS B 351 -2.88 24.94 32.81
C HIS B 351 -2.99 23.45 33.11
N ARG B 352 -2.42 23.03 34.23
CA ARG B 352 -2.30 21.59 34.60
C ARG B 352 -3.68 20.94 34.77
N GLN B 353 -4.62 21.59 35.43
CA GLN B 353 -5.95 20.97 35.70
C GLN B 353 -6.60 20.68 34.34
N ALA B 354 -6.54 21.62 33.40
CA ALA B 354 -7.16 21.46 32.06
C ALA B 354 -6.48 20.28 31.35
N ALA B 355 -5.16 20.20 31.43
CA ALA B 355 -4.37 19.12 30.77
C ALA B 355 -4.77 17.77 31.34
N ARG B 356 -4.93 17.69 32.66
CA ARG B 356 -5.31 16.42 33.34
C ARG B 356 -6.73 16.00 32.92
N GLU B 357 -7.67 16.93 32.86
CA GLU B 357 -9.08 16.63 32.50
C GLU B 357 -9.15 16.22 31.04
N VAL B 358 -8.41 16.91 30.16
CA VAL B 358 -8.40 16.59 28.72
C VAL B 358 -7.78 15.20 28.53
N ALA B 359 -6.65 14.94 29.19
CA ALA B 359 -5.88 13.68 29.04
C ALA B 359 -6.71 12.46 29.48
N ARG B 360 -7.60 12.62 30.45
CA ARG B 360 -8.47 11.51 30.91
C ARG B 360 -9.35 11.01 29.77
N GLU B 361 -9.80 11.91 28.90
CA GLU B 361 -10.89 11.61 27.93
C GLU B 361 -10.40 10.72 26.77
N GLY B 362 -9.10 10.75 26.47
CA GLY B 362 -8.51 10.05 25.31
C GLY B 362 -8.01 8.65 25.63
N LEU B 363 -7.99 8.26 26.91
CA LEU B 363 -7.42 6.94 27.30
C LEU B 363 -8.41 5.85 26.88
N VAL B 364 -7.93 4.80 26.20
CA VAL B 364 -8.80 3.73 25.64
C VAL B 364 -8.48 2.42 26.36
N LEU B 365 -9.46 1.88 27.06
CA LEU B 365 -9.33 0.54 27.68
C LEU B 365 -9.53 -0.52 26.60
N LEU B 366 -8.52 -1.31 26.30
CA LEU B 366 -8.58 -2.28 25.16
C LEU B 366 -8.90 -3.67 25.70
N LYS B 367 -8.54 -3.94 26.94
CA LYS B 367 -8.79 -5.24 27.62
C LYS B 367 -8.85 -5.04 29.13
N ASN B 368 -9.71 -5.79 29.81
CA ASN B 368 -9.85 -5.76 31.29
C ASN B 368 -10.42 -7.08 31.76
N ARG B 369 -9.57 -8.09 31.89
CA ARG B 369 -10.01 -9.45 32.25
C ARG B 369 -10.45 -9.48 33.72
N ASP B 370 -11.65 -10.03 33.98
CA ASP B 370 -12.18 -10.32 35.34
C ASP B 370 -12.21 -9.04 36.20
N GLY B 371 -12.42 -7.87 35.60
CA GLY B 371 -12.48 -6.61 36.36
C GLY B 371 -11.23 -6.37 37.19
N LEU B 372 -10.04 -6.71 36.69
CA LEU B 372 -8.79 -6.35 37.38
C LEU B 372 -8.74 -4.84 37.58
N LEU B 373 -9.07 -4.06 36.54
CA LEU B 373 -9.19 -2.58 36.68
C LEU B 373 -10.64 -2.25 37.06
N PRO B 374 -10.90 -1.22 37.91
CA PRO B 374 -9.85 -0.38 38.48
C PRO B 374 -9.11 -1.03 39.64
N LEU B 375 -7.85 -0.65 39.85
CA LEU B 375 -6.98 -1.17 40.92
C LEU B 375 -7.40 -0.60 42.27
N LYS B 376 -7.04 -1.29 43.35
CA LYS B 376 -7.18 -0.78 44.73
C LYS B 376 -5.86 -0.14 45.14
N LYS B 377 -5.94 0.91 45.96
CA LYS B 377 -4.74 1.58 46.50
C LYS B 377 -4.29 0.84 47.76
N GLN B 378 -3.61 -0.29 47.59
CA GLN B 378 -3.15 -1.11 48.72
C GLN B 378 -2.03 -2.03 48.22
N GLY B 379 -1.35 -2.68 49.16
CA GLY B 379 -0.34 -3.71 48.94
C GLY B 379 0.89 -3.14 48.25
N ARG B 380 1.43 -3.93 47.32
CA ARG B 380 2.72 -3.70 46.63
C ARG B 380 2.45 -3.69 45.12
N ILE B 381 2.78 -2.60 44.44
CA ILE B 381 2.57 -2.48 42.98
C ILE B 381 3.95 -2.35 42.32
N ALA B 382 4.28 -3.29 41.45
CA ALA B 382 5.51 -3.25 40.64
C ALA B 382 5.21 -2.35 39.46
N VAL B 383 6.00 -1.31 39.25
CA VAL B 383 5.90 -0.43 38.06
C VAL B 383 7.15 -0.69 37.23
N ILE B 384 6.98 -1.31 36.07
CA ILE B 384 8.11 -1.90 35.31
C ILE B 384 8.04 -1.43 33.87
N GLY B 385 9.19 -1.06 33.29
CA GLY B 385 9.27 -0.79 31.85
C GLY B 385 9.95 0.53 31.56
N PRO B 386 10.51 0.69 30.34
CA PRO B 386 11.35 1.85 30.02
C PRO B 386 10.56 3.14 29.89
N LEU B 387 9.23 3.08 29.86
CA LEU B 387 8.43 4.30 29.70
C LEU B 387 7.81 4.73 31.05
N ALA B 388 7.95 3.89 32.09
CA ALA B 388 7.40 4.14 33.45
C ALA B 388 7.91 5.49 34.00
N LYS B 389 9.19 5.79 33.83
CA LYS B 389 9.80 7.01 34.42
C LYS B 389 10.22 8.00 33.33
N SER B 390 9.64 7.90 32.12
CA SER B 390 10.05 8.77 30.99
C SER B 390 9.27 10.07 30.95
N GLN B 391 9.92 11.17 31.28
CA GLN B 391 9.36 12.54 31.11
C GLN B 391 9.40 12.93 29.63
N ARG B 392 10.44 12.55 28.89
CA ARG B 392 10.58 12.98 27.47
CA ARG B 392 10.61 12.95 27.46
C ARG B 392 9.49 12.33 26.61
N ASP B 393 9.10 11.08 26.90
CA ASP B 393 8.16 10.36 26.01
C ASP B 393 6.71 10.76 26.28
N VAL B 394 6.35 11.03 27.53
CA VAL B 394 4.94 11.24 27.88
C VAL B 394 4.43 12.49 27.14
N ILE B 395 5.28 13.49 26.86
CA ILE B 395 4.87 14.73 26.17
C ILE B 395 4.84 14.55 24.64
N GLY B 396 5.34 13.43 24.11
CA GLY B 396 5.11 13.01 22.72
C GLY B 396 6.00 13.75 21.72
N SER B 397 5.81 13.49 20.45
CA SER B 397 6.48 14.24 19.36
C SER B 397 5.76 15.58 19.21
N TRP B 398 6.45 16.56 18.63
CA TRP B 398 5.95 17.94 18.40
C TRP B 398 5.43 18.50 19.73
N SER B 399 6.28 18.45 20.76
CA SER B 399 5.95 18.91 22.13
C SER B 399 6.22 20.40 22.29
N ALA B 400 6.51 21.15 21.23
CA ALA B 400 6.61 22.64 21.25
C ALA B 400 7.50 23.08 22.42
N ALA B 401 7.06 24.01 23.27
CA ALA B 401 7.89 24.56 24.37
C ALA B 401 7.68 23.76 25.65
N GLY B 402 7.10 22.55 25.56
CA GLY B 402 6.88 21.69 26.73
C GLY B 402 8.19 21.33 27.36
N VAL B 403 8.27 21.38 28.70
CA VAL B 403 9.52 21.13 29.46
C VAL B 403 9.40 19.72 30.05
N PRO B 404 10.21 18.75 29.61
CA PRO B 404 10.12 17.40 30.16
C PRO B 404 10.13 17.36 31.70
N ARG B 405 10.94 18.18 32.38
CA ARG B 405 11.07 18.15 33.86
C ARG B 405 9.73 18.52 34.53
N GLN B 406 8.81 19.22 33.84
CA GLN B 406 7.51 19.64 34.39
C GLN B 406 6.48 18.54 34.17
N ALA B 407 6.79 17.47 33.43
CA ALA B 407 5.78 16.46 33.05
C ALA B 407 5.64 15.41 34.17
N VAL B 408 4.43 14.86 34.28
CA VAL B 408 4.16 13.78 35.28
C VAL B 408 4.27 12.43 34.59
N THR B 409 5.25 11.63 35.00
CA THR B 409 5.45 10.27 34.49
C THR B 409 4.30 9.37 34.98
N VAL B 410 4.16 8.21 34.36
CA VAL B 410 3.22 7.16 34.84
C VAL B 410 3.61 6.78 36.28
N TYR B 411 4.89 6.57 36.53
CA TYR B 411 5.37 6.24 37.90
C TYR B 411 4.91 7.31 38.89
N GLN B 412 5.15 8.60 38.61
CA GLN B 412 4.89 9.69 39.58
C GLN B 412 3.37 9.82 39.77
N GLY B 413 2.58 9.63 38.70
CA GLY B 413 1.11 9.58 38.74
C GLY B 413 0.63 8.54 39.73
N LEU B 414 1.24 7.35 39.70
CA LEU B 414 0.90 6.27 40.65
C LEU B 414 1.32 6.69 42.07
N ALA B 415 2.51 7.24 42.26
CA ALA B 415 2.99 7.68 43.60
C ALA B 415 2.07 8.78 44.17
N ASN B 416 1.70 9.76 43.35
CA ASN B 416 0.75 10.83 43.73
C ASN B 416 -0.57 10.19 44.17
N ALA B 417 -1.04 9.15 43.49
CA ALA B 417 -2.36 8.54 43.70
C ALA B 417 -2.36 7.71 44.99
N VAL B 418 -1.32 6.94 45.22
CA VAL B 418 -1.37 5.93 46.32
C VAL B 418 -0.95 6.58 47.64
N GLY B 419 -0.17 7.67 47.59
CA GLY B 419 0.43 8.27 48.79
C GLY B 419 1.14 7.21 49.59
N GLU B 420 0.74 6.99 50.84
CA GLU B 420 1.35 6.00 51.76
C GLU B 420 0.50 4.73 51.81
N ARG B 421 -0.57 4.63 51.02
CA ARG B 421 -1.48 3.47 51.10
C ARG B 421 -0.90 2.22 50.45
N ALA B 422 0.05 2.35 49.53
CA ALA B 422 0.63 1.22 48.78
C ALA B 422 2.13 1.46 48.63
N THR B 423 2.91 0.40 48.46
CA THR B 423 4.34 0.53 48.13
C THR B 423 4.50 0.32 46.62
N LEU B 424 5.09 1.30 45.93
CA LEU B 424 5.51 1.20 44.51
C LEU B 424 6.94 0.67 44.44
N LEU B 425 7.15 -0.36 43.61
CA LEU B 425 8.47 -0.93 43.32
C LEU B 425 8.75 -0.66 41.86
N TYR B 426 9.89 -0.08 41.54
CA TYR B 426 10.26 0.24 40.14
C TYR B 426 11.30 -0.75 39.64
N ALA B 427 11.18 -1.17 38.39
CA ALA B 427 12.31 -1.77 37.64
C ALA B 427 12.22 -1.31 36.20
N LYS B 428 13.33 -0.88 35.62
CA LYS B 428 13.33 -0.48 34.20
C LYS B 428 12.90 -1.66 33.31
N GLY B 429 13.43 -2.85 33.57
CA GLY B 429 13.07 -4.10 32.88
C GLY B 429 13.76 -4.30 31.53
N ALA B 430 13.79 -3.27 30.71
CA ALA B 430 14.43 -3.26 29.37
C ALA B 430 14.68 -1.82 28.92
N ASN B 431 15.64 -1.66 28.01
CA ASN B 431 15.79 -0.42 27.20
C ASN B 431 14.62 -0.40 26.21
N VAL B 432 14.28 0.77 25.69
CA VAL B 432 13.12 0.97 24.78
C VAL B 432 13.33 0.12 23.51
N SER B 433 14.59 -0.15 23.15
CA SER B 433 14.98 -1.09 22.06
C SER B 433 16.23 -1.88 22.49
N GLY B 434 16.35 -3.11 22.02
CA GLY B 434 17.53 -3.98 22.18
C GLY B 434 18.52 -3.78 21.03
N ASP B 435 18.18 -3.00 20.02
CA ASP B 435 19.00 -2.82 18.81
C ASP B 435 19.84 -1.54 18.96
N GLN B 436 21.17 -1.64 19.06
CA GLN B 436 22.03 -0.45 19.29
C GLN B 436 21.86 0.61 18.18
N ALA B 437 21.64 0.16 16.95
CA ALA B 437 21.45 1.04 15.78
C ALA B 437 20.17 1.88 15.95
N ILE B 438 19.10 1.28 16.49
CA ILE B 438 17.83 2.04 16.76
C ILE B 438 18.08 3.01 17.91
N LEU B 439 18.78 2.59 18.97
CA LEU B 439 19.09 3.52 20.09
C LEU B 439 19.95 4.70 19.55
N ASP B 440 20.93 4.44 18.70
CA ASP B 440 21.81 5.51 18.13
C ASP B 440 20.98 6.43 17.21
N TYR B 441 20.08 5.88 16.39
CA TYR B 441 19.14 6.71 15.61
C TYR B 441 18.35 7.65 16.52
N LEU B 442 17.74 7.11 17.58
CA LEU B 442 16.89 7.92 18.49
C LEU B 442 17.74 8.96 19.23
N ASN B 443 19.00 8.65 19.52
CA ASN B 443 19.92 9.57 20.26
C ASN B 443 20.84 10.34 19.29
N SER B 444 20.60 10.31 17.97
CA SER B 444 21.50 10.89 16.94
C SER B 444 21.66 12.41 17.09
N TYR B 445 20.58 13.14 17.39
CA TYR B 445 20.57 14.63 17.45
C TYR B 445 20.73 15.11 18.91
N ASN B 446 19.96 14.53 19.84
CA ASN B 446 19.99 14.86 21.30
C ASN B 446 19.81 13.57 22.10
N PRO B 447 20.17 13.53 23.40
CA PRO B 447 19.90 12.36 24.24
C PRO B 447 18.39 12.29 24.50
N GLU B 448 17.69 11.38 23.83
CA GLU B 448 16.20 11.28 23.88
C GLU B 448 15.78 10.06 24.67
N VAL B 449 16.65 9.05 24.74
CA VAL B 449 16.36 7.71 25.29
C VAL B 449 17.55 7.33 26.16
N GLU B 450 17.29 7.06 27.44
CA GLU B 450 18.33 6.65 28.42
C GLU B 450 18.70 5.19 28.17
N VAL B 451 19.97 4.92 27.90
CA VAL B 451 20.42 3.54 27.59
C VAL B 451 21.04 2.97 28.86
N ASP B 452 20.34 2.02 29.47
CA ASP B 452 20.86 1.33 30.66
C ASP B 452 22.05 0.49 30.21
N PRO B 453 23.23 0.64 30.90
CA PRO B 453 24.43 -0.13 30.56
C PRO B 453 24.37 -1.61 30.98
N ARG B 454 23.40 -2.01 31.80
CA ARG B 454 23.27 -3.45 32.18
C ARG B 454 22.97 -4.27 30.92
N SER B 455 23.39 -5.54 30.91
CA SER B 455 22.90 -6.55 29.95
C SER B 455 21.36 -6.60 29.98
N ALA B 456 20.76 -7.03 28.88
CA ALA B 456 19.31 -7.33 28.79
C ALA B 456 18.93 -8.31 29.91
N GLU B 457 19.79 -9.29 30.21
CA GLU B 457 19.50 -10.40 31.14
C GLU B 457 19.41 -9.87 32.57
N ALA B 458 20.33 -8.98 32.95
CA ALA B 458 20.43 -8.36 34.29
C ALA B 458 19.19 -7.51 34.52
N MET B 459 18.75 -6.71 33.53
CA MET B 459 17.57 -5.84 33.67
C MET B 459 16.34 -6.75 33.86
N LEU B 460 16.28 -7.88 33.16
CA LEU B 460 15.15 -8.82 33.27
C LEU B 460 15.14 -9.45 34.66
N GLU B 461 16.32 -9.83 35.19
CA GLU B 461 16.48 -10.45 36.54
C GLU B 461 15.93 -9.50 37.60
N GLU B 462 16.30 -8.21 37.52
CA GLU B 462 15.79 -7.19 38.45
C GLU B 462 14.27 -7.09 38.32
N ALA B 463 13.73 -7.06 37.10
CA ALA B 463 12.26 -6.90 36.86
C ALA B 463 11.52 -8.10 37.43
N LEU B 464 12.03 -9.31 37.24
CA LEU B 464 11.37 -10.54 37.76
C LEU B 464 11.34 -10.50 39.30
N ARG B 465 12.40 -10.02 39.95
CA ARG B 465 12.48 -9.88 41.42
C ARG B 465 11.46 -8.87 41.92
N THR B 466 11.45 -7.68 41.32
CA THR B 466 10.49 -6.62 41.60
C THR B 466 9.07 -7.18 41.50
N ALA B 467 8.74 -7.85 40.40
CA ALA B 467 7.40 -8.41 40.15
C ALA B 467 7.05 -9.44 41.23
N ARG B 468 7.99 -10.32 41.56
CA ARG B 468 7.80 -11.41 42.56
C ARG B 468 7.55 -10.80 43.95
N ASP B 469 8.02 -9.57 44.19
CA ASP B 469 7.82 -8.86 45.47
C ASP B 469 6.54 -8.01 45.47
N ALA B 470 5.69 -8.10 44.45
CA ALA B 470 4.48 -7.24 44.35
C ALA B 470 3.22 -8.10 44.24
N ASP B 471 2.05 -7.48 44.41
CA ASP B 471 0.73 -8.14 44.29
C ASP B 471 0.36 -8.10 42.81
N LEU B 472 0.87 -7.09 42.09
CA LEU B 472 0.60 -6.98 40.64
C LEU B 472 1.61 -6.09 39.93
N VAL B 473 1.59 -6.19 38.60
CA VAL B 473 2.58 -5.51 37.73
C VAL B 473 1.85 -4.54 36.81
N VAL B 474 2.26 -3.29 36.86
CA VAL B 474 1.89 -2.28 35.84
C VAL B 474 3.10 -2.14 34.92
N ALA B 475 3.04 -2.75 33.74
CA ALA B 475 4.14 -2.70 32.73
C ALA B 475 3.91 -1.49 31.84
N VAL B 476 4.82 -0.51 31.86
CA VAL B 476 4.68 0.73 31.07
C VAL B 476 5.60 0.62 29.86
N VAL B 477 5.01 0.29 28.71
CA VAL B 477 5.76 -0.22 27.52
C VAL B 477 5.20 0.43 26.27
N GLY B 478 5.98 0.38 25.18
CA GLY B 478 5.56 0.85 23.86
C GLY B 478 6.70 1.56 23.14
N GLU B 479 6.36 2.67 22.50
CA GLU B 479 7.33 3.44 21.67
C GLU B 479 7.89 4.61 22.47
N SER B 480 9.15 4.98 22.23
CA SER B 480 9.63 6.35 22.57
C SER B 480 9.01 7.31 21.54
N GLN B 481 8.88 8.60 21.89
CA GLN B 481 8.24 9.61 21.03
C GLN B 481 9.01 9.76 19.71
N GLY B 482 10.32 9.54 19.71
CA GLY B 482 11.16 9.60 18.49
C GLY B 482 10.85 8.48 17.49
N MET B 483 10.13 7.45 17.89
CA MET B 483 9.72 6.35 17.01
C MET B 483 8.43 6.69 16.25
N ALA B 484 7.70 7.72 16.67
CA ALA B 484 6.41 8.13 16.08
C ALA B 484 6.46 9.65 15.84
N HIS B 485 7.18 10.03 14.80
CA HIS B 485 7.83 11.34 14.63
C HIS B 485 7.98 11.60 13.13
N GLU B 486 8.18 12.85 12.71
CA GLU B 486 8.58 13.12 11.31
C GLU B 486 9.77 12.23 10.94
N ALA B 487 9.68 11.54 9.80
CA ALA B 487 10.73 10.70 9.20
C ALA B 487 11.01 9.42 10.00
N SER B 488 10.15 9.02 10.93
CA SER B 488 10.36 7.77 11.70
CA SER B 488 10.36 7.77 11.70
C SER B 488 9.31 6.73 11.30
N SER B 489 9.39 6.24 10.08
CA SER B 489 8.53 5.15 9.55
C SER B 489 9.04 3.78 10.07
N ARG B 490 8.09 2.92 10.48
CA ARG B 490 8.38 1.59 11.08
C ARG B 490 7.95 0.50 10.09
N THR B 491 8.71 -0.59 10.04
CA THR B 491 8.41 -1.81 9.23
C THR B 491 7.74 -2.83 10.14
N ASP B 492 7.78 -2.58 11.45
CA ASP B 492 7.28 -3.50 12.50
C ASP B 492 6.33 -2.69 13.39
N LEU B 493 5.08 -3.11 13.54
CA LEU B 493 4.06 -2.39 14.36
C LEU B 493 3.98 -2.99 15.77
N ARG B 494 4.82 -3.95 16.11
CA ARG B 494 4.77 -4.53 17.46
C ARG B 494 5.45 -3.57 18.45
N ILE B 495 5.18 -3.77 19.73
CA ILE B 495 6.07 -3.30 20.82
C ILE B 495 7.49 -3.76 20.45
N PRO B 496 8.53 -2.91 20.64
CA PRO B 496 9.90 -3.33 20.43
C PRO B 496 10.24 -4.65 21.14
N ALA B 497 11.09 -5.46 20.51
CA ALA B 497 11.41 -6.84 20.90
C ALA B 497 11.97 -6.88 22.34
N SER B 498 12.78 -5.90 22.76
CA SER B 498 13.40 -5.89 24.10
C SER B 498 12.28 -5.87 25.16
N GLN B 499 11.23 -5.12 24.88
CA GLN B 499 10.07 -4.91 25.79
C GLN B 499 9.15 -6.13 25.73
N ARG B 500 8.97 -6.77 24.56
CA ARG B 500 8.12 -7.98 24.44
C ARG B 500 8.81 -9.12 25.20
N ARG B 501 10.14 -9.16 25.18
CA ARG B 501 10.91 -10.16 25.96
C ARG B 501 10.63 -9.96 27.45
N LEU B 502 10.67 -8.72 27.91
CA LEU B 502 10.32 -8.33 29.30
C LEU B 502 8.90 -8.80 29.64
N LEU B 503 7.90 -8.55 28.76
CA LEU B 503 6.50 -8.94 29.02
C LEU B 503 6.38 -10.47 29.18
N LYS B 504 7.03 -11.23 28.33
CA LYS B 504 7.01 -12.72 28.37
C LYS B 504 7.62 -13.21 29.68
N ALA B 505 8.75 -12.63 30.09
CA ALA B 505 9.43 -12.97 31.37
C ALA B 505 8.51 -12.64 32.57
N LEU B 506 7.79 -11.51 32.54
CA LEU B 506 6.89 -11.10 33.65
C LEU B 506 5.70 -12.07 33.78
N LYS B 507 5.21 -12.65 32.68
CA LYS B 507 4.14 -13.68 32.71
C LYS B 507 4.57 -14.87 33.57
N ALA B 508 5.86 -15.20 33.61
CA ALA B 508 6.34 -16.35 34.41
C ALA B 508 6.19 -16.10 35.92
N THR B 509 5.93 -14.86 36.35
CA THR B 509 5.77 -14.54 37.80
C THR B 509 4.36 -14.87 38.26
N GLY B 510 3.40 -15.06 37.34
CA GLY B 510 1.98 -15.38 37.67
C GLY B 510 1.20 -14.21 38.26
N LYS B 511 1.83 -13.03 38.35
CA LYS B 511 1.25 -11.80 38.88
C LYS B 511 0.31 -11.23 37.84
N PRO B 512 -0.82 -10.64 38.25
CA PRO B 512 -1.70 -9.90 37.34
C PRO B 512 -0.87 -8.86 36.58
N LEU B 513 -1.10 -8.76 35.26
CA LEU B 513 -0.28 -7.92 34.36
C LEU B 513 -1.17 -6.85 33.71
N VAL B 514 -0.95 -5.60 34.09
CA VAL B 514 -1.61 -4.43 33.47
C VAL B 514 -0.61 -3.82 32.49
N LEU B 515 -1.00 -3.65 31.24
CA LEU B 515 -0.16 -2.91 30.27
C LEU B 515 -0.68 -1.48 30.17
N VAL B 516 0.23 -0.54 30.39
CA VAL B 516 0.03 0.88 30.06
C VAL B 516 0.84 1.13 28.78
N LEU B 517 0.16 1.25 27.64
CA LEU B 517 0.80 1.49 26.32
C LEU B 517 1.06 2.98 26.13
N MET B 518 2.28 3.34 25.77
CA MET B 518 2.59 4.67 25.22
C MET B 518 3.05 4.45 23.78
N ASN B 519 2.55 5.23 22.83
CA ASN B 519 2.77 4.98 21.39
C ASN B 519 2.15 6.13 20.61
N GLY B 520 2.65 6.37 19.40
CA GLY B 520 2.15 7.46 18.54
C GLY B 520 1.43 6.92 17.33
N ARG B 521 1.27 5.61 17.26
CA ARG B 521 0.65 4.94 16.10
C ARG B 521 -0.08 3.70 16.61
N PRO B 522 -1.04 3.19 15.83
CA PRO B 522 -1.58 1.86 16.08
C PRO B 522 -0.45 0.83 16.20
N LEU B 523 -0.56 -0.06 17.18
CA LEU B 523 0.38 -1.19 17.40
C LEU B 523 -0.35 -2.51 17.13
N SER B 524 0.43 -3.50 16.71
CA SER B 524 0.06 -4.93 16.58
CA SER B 524 0.02 -4.91 16.58
C SER B 524 0.17 -5.59 17.96
N LEU B 525 -0.96 -5.96 18.57
CA LEU B 525 -1.01 -6.37 19.99
C LEU B 525 -1.65 -7.76 20.19
N GLY B 526 -1.50 -8.70 19.26
CA GLY B 526 -2.10 -10.04 19.38
C GLY B 526 -1.61 -10.78 20.62
N TRP B 527 -0.30 -10.79 20.88
CA TRP B 527 0.30 -11.46 22.07
C TRP B 527 -0.28 -10.84 23.34
N GLU B 528 -0.30 -9.51 23.39
CA GLU B 528 -0.74 -8.72 24.55
C GLU B 528 -2.23 -8.98 24.79
N GLN B 529 -3.07 -8.97 23.75
CA GLN B 529 -4.52 -9.23 23.90
C GLN B 529 -4.74 -10.64 24.45
N GLU B 530 -3.87 -11.59 24.14
CA GLU B 530 -3.97 -13.01 24.59
C GLU B 530 -3.44 -13.14 26.02
N ASN B 531 -2.39 -12.43 26.40
CA ASN B 531 -1.59 -12.74 27.61
C ASN B 531 -1.75 -11.71 28.73
N ALA B 532 -1.98 -10.43 28.43
CA ALA B 532 -2.08 -9.40 29.49
C ALA B 532 -3.45 -9.52 30.14
N ASP B 533 -3.54 -9.12 31.40
CA ASP B 533 -4.83 -9.08 32.16
C ASP B 533 -5.62 -7.85 31.73
N ALA B 534 -4.97 -6.71 31.64
CA ALA B 534 -5.64 -5.47 31.21
C ALA B 534 -4.69 -4.69 30.32
N ILE B 535 -5.25 -3.92 29.39
CA ILE B 535 -4.48 -3.09 28.44
C ILE B 535 -5.14 -1.72 28.40
N LEU B 536 -4.37 -0.69 28.72
CA LEU B 536 -4.83 0.73 28.62
C LEU B 536 -3.97 1.43 27.58
N GLU B 537 -4.58 1.90 26.48
CA GLU B 537 -3.90 2.74 25.47
C GLU B 537 -3.85 4.17 26.00
N THR B 538 -2.64 4.73 26.20
CA THR B 538 -2.46 6.11 26.72
C THR B 538 -1.83 7.04 25.69
N TRP B 539 -1.53 6.56 24.49
CA TRP B 539 -0.87 7.38 23.44
C TRP B 539 0.39 8.02 24.03
N PHE B 540 0.61 9.31 23.81
CA PHE B 540 1.51 10.17 24.62
C PHE B 540 0.57 11.23 25.21
N SER B 541 0.31 11.14 26.51
CA SER B 541 -0.84 11.84 27.17
CA SER B 541 -0.82 11.82 27.20
C SER B 541 -0.44 13.22 27.69
N GLY B 542 0.81 13.61 27.55
CA GLY B 542 1.21 15.02 27.77
C GLY B 542 1.75 15.32 29.16
N THR B 543 1.83 16.62 29.48
CA THR B 543 2.36 17.18 30.75
C THR B 543 1.69 16.53 31.98
N GLU B 544 0.37 16.30 31.96
CA GLU B 544 -0.34 15.72 33.13
C GLU B 544 -0.68 14.25 32.84
N GLY B 545 -0.01 13.63 31.87
CA GLY B 545 -0.38 12.28 31.41
C GLY B 545 -0.40 11.27 32.54
N GLY B 546 0.66 11.24 33.36
CA GLY B 546 0.77 10.28 34.46
C GLY B 546 -0.40 10.40 35.43
N ASN B 547 -0.83 11.64 35.74
CA ASN B 547 -1.96 11.88 36.67
C ASN B 547 -3.26 11.35 36.03
N ALA B 548 -3.54 11.69 34.76
CA ALA B 548 -4.74 11.22 34.05
C ALA B 548 -4.77 9.70 33.99
N ILE B 549 -3.62 9.07 33.74
CA ILE B 549 -3.50 7.58 33.65
C ILE B 549 -3.82 6.96 35.01
N ALA B 550 -3.22 7.43 36.11
CA ALA B 550 -3.53 6.96 37.49
C ALA B 550 -5.02 7.19 37.79
N ASP B 551 -5.62 8.30 37.34
CA ASP B 551 -7.07 8.58 37.53
C ASP B 551 -7.88 7.42 36.93
N VAL B 552 -7.50 6.96 35.75
CA VAL B 552 -8.22 5.83 35.09
C VAL B 552 -7.91 4.51 35.82
N LEU B 553 -6.65 4.25 36.14
CA LEU B 553 -6.23 2.93 36.70
C LEU B 553 -6.88 2.73 38.07
N PHE B 554 -7.05 3.79 38.87
CA PHE B 554 -7.65 3.70 40.22
C PHE B 554 -9.14 4.07 40.19
N GLY B 555 -9.73 4.36 39.02
CA GLY B 555 -11.20 4.35 38.85
C GLY B 555 -11.84 5.70 39.09
N GLU B 556 -11.05 6.75 39.30
CA GLU B 556 -11.56 8.13 39.45
C GLU B 556 -12.16 8.55 38.11
N HIS B 557 -11.61 8.08 36.99
CA HIS B 557 -12.19 8.29 35.65
C HIS B 557 -12.52 6.93 35.06
N ASN B 558 -13.75 6.74 34.61
CA ASN B 558 -14.20 5.51 33.90
C ASN B 558 -13.79 5.65 32.43
N PRO B 559 -12.84 4.82 31.96
CA PRO B 559 -12.31 4.93 30.60
C PRO B 559 -13.45 5.13 29.58
N SER B 560 -13.33 6.18 28.79
CA SER B 560 -14.35 6.61 27.81
C SER B 560 -13.73 6.82 26.42
N GLY B 561 -12.42 6.65 26.25
CA GLY B 561 -11.77 6.77 24.93
C GLY B 561 -12.20 5.68 23.96
N LYS B 562 -12.27 6.01 22.69
CA LYS B 562 -12.54 5.03 21.60
C LYS B 562 -11.54 5.29 20.48
N LEU B 563 -11.03 4.23 19.87
CA LEU B 563 -10.04 4.36 18.76
C LEU B 563 -10.65 5.12 17.57
N THR B 564 -9.84 5.96 16.92
CA THR B 564 -10.19 6.68 15.66
C THR B 564 -9.35 6.14 14.51
N MET B 565 -8.60 5.08 14.78
CA MET B 565 -7.80 4.40 13.75
C MET B 565 -7.79 2.90 14.07
N SER B 566 -8.09 2.06 13.08
CA SER B 566 -8.09 0.58 13.19
C SER B 566 -6.69 0.11 13.61
N PHE B 567 -6.61 -0.82 14.57
CA PHE B 567 -5.33 -1.47 15.00
C PHE B 567 -5.16 -2.77 14.23
N PRO B 568 -4.18 -2.82 13.29
CA PRO B 568 -3.97 -4.02 12.48
C PRO B 568 -3.48 -5.18 13.33
N ARG B 569 -3.78 -6.40 12.92
CA ARG B 569 -3.22 -7.60 13.60
C ARG B 569 -1.71 -7.70 13.32
N SER B 570 -1.27 -7.23 12.16
CA SER B 570 0.18 -7.17 11.81
C SER B 570 0.37 -6.15 10.69
N VAL B 571 1.62 -5.74 10.52
CA VAL B 571 2.03 -4.77 9.47
C VAL B 571 1.73 -5.38 8.09
N GLY B 572 1.68 -6.69 7.99
CA GLY B 572 1.40 -7.40 6.73
C GLY B 572 -0.02 -7.22 6.24
N GLN B 573 -0.92 -6.68 7.06
CA GLN B 573 -2.33 -6.42 6.67
C GLN B 573 -2.53 -4.97 6.21
N VAL B 574 -1.50 -4.12 6.32
CA VAL B 574 -1.65 -2.66 6.02
C VAL B 574 -1.98 -2.48 4.54
N PRO B 575 -2.98 -1.66 4.16
CA PRO B 575 -3.85 -0.94 5.11
C PRO B 575 -5.13 -1.67 5.54
N VAL B 576 -5.54 -1.44 6.78
CA VAL B 576 -6.87 -1.83 7.34
C VAL B 576 -7.52 -0.56 7.83
N TYR B 577 -8.79 -0.40 7.46
CA TYR B 577 -9.59 0.79 7.81
C TYR B 577 -11.04 0.38 7.66
N TYR B 578 -11.89 0.97 8.48
CA TYR B 578 -13.26 0.47 8.69
C TYR B 578 -14.08 0.75 7.41
N ASN B 579 -13.80 1.86 6.72
CA ASN B 579 -14.68 2.35 5.62
C ASN B 579 -14.15 1.83 4.28
N HIS B 580 -13.92 0.52 4.18
CA HIS B 580 -13.34 -0.15 2.99
C HIS B 580 -14.49 -0.55 2.06
N LEU B 581 -14.18 -0.93 0.83
CA LEU B 581 -15.19 -1.40 -0.14
C LEU B 581 -15.41 -2.89 0.09
N ASN B 582 -16.57 -3.36 -0.35
CA ASN B 582 -17.03 -4.75 -0.12
C ASN B 582 -16.22 -5.73 -0.97
N THR B 583 -15.83 -5.31 -2.18
CA THR B 583 -15.30 -6.17 -3.29
C THR B 583 -16.44 -7.04 -3.81
N GLY B 584 -16.15 -7.79 -4.88
CA GLY B 584 -17.13 -8.72 -5.47
C GLY B 584 -17.15 -10.02 -4.70
N ARG B 585 -16.18 -10.24 -3.80
CA ARG B 585 -16.00 -11.53 -3.09
C ARG B 585 -15.61 -11.29 -1.64
N PRO B 586 -16.50 -10.65 -0.86
CA PRO B 586 -16.19 -10.34 0.54
C PRO B 586 -16.12 -11.63 1.36
N MET B 587 -15.31 -11.66 2.40
CA MET B 587 -15.36 -12.73 3.44
C MET B 587 -16.80 -12.90 3.91
N ASP B 588 -17.35 -14.10 3.83
CA ASP B 588 -18.67 -14.47 4.42
C ASP B 588 -18.39 -15.27 5.71
N HIS B 589 -18.67 -14.72 6.88
CA HIS B 589 -18.35 -15.33 8.20
C HIS B 589 -19.33 -16.50 8.49
N ASP B 590 -20.54 -16.44 7.93
CA ASP B 590 -21.61 -17.47 8.06
C ASP B 590 -21.38 -18.62 7.09
N ASN B 591 -20.67 -18.35 5.98
CA ASN B 591 -20.32 -19.37 4.95
C ASN B 591 -18.89 -19.12 4.47
N PRO B 592 -17.85 -19.27 5.34
CA PRO B 592 -16.47 -18.94 4.98
C PRO B 592 -16.03 -19.68 3.72
N GLY B 593 -15.30 -18.97 2.85
CA GLY B 593 -14.81 -19.49 1.56
C GLY B 593 -13.37 -19.09 1.33
N LYS B 594 -12.62 -20.01 0.70
CA LYS B 594 -11.23 -19.75 0.24
C LYS B 594 -11.23 -18.56 -0.74
N TYR B 595 -12.19 -18.54 -1.68
CA TYR B 595 -12.20 -17.62 -2.85
C TYR B 595 -12.88 -16.31 -2.46
N THR B 596 -12.38 -15.68 -1.41
CA THR B 596 -12.86 -14.40 -0.87
C THR B 596 -11.63 -13.52 -0.66
N SER B 597 -11.85 -12.22 -0.48
CA SER B 597 -10.78 -11.23 -0.28
C SER B 597 -10.27 -11.36 1.14
N ARG B 598 -9.15 -12.03 1.35
CA ARG B 598 -8.63 -12.35 2.70
C ARG B 598 -7.18 -12.81 2.61
N TYR B 599 -6.51 -12.87 3.75
CA TYR B 599 -5.22 -13.56 3.96
C TYR B 599 -5.50 -14.97 4.52
N PHE B 600 -4.67 -15.96 4.21
CA PHE B 600 -4.93 -17.36 4.66
C PHE B 600 -4.06 -17.66 5.87
N ASP B 601 -3.06 -16.83 6.17
CA ASP B 601 -2.00 -17.17 7.16
C ASP B 601 -2.14 -16.36 8.45
N GLU B 602 -3.26 -15.68 8.61
CA GLU B 602 -3.52 -14.82 9.78
C GLU B 602 -5.02 -14.54 9.81
N ALA B 603 -5.59 -14.39 11.00
CA ALA B 603 -6.99 -13.95 11.19
C ALA B 603 -7.16 -12.63 10.43
N ASN B 604 -8.34 -12.42 9.88
CA ASN B 604 -8.67 -11.23 9.05
C ASN B 604 -9.41 -10.18 9.91
N GLY B 605 -9.43 -8.95 9.42
CA GLY B 605 -10.01 -7.81 10.16
C GLY B 605 -8.97 -7.27 11.13
N PRO B 606 -9.16 -6.03 11.60
CA PRO B 606 -8.24 -5.42 12.56
C PRO B 606 -8.33 -6.14 13.91
N LEU B 607 -7.31 -6.04 14.75
CA LEU B 607 -7.41 -6.60 16.11
C LEU B 607 -8.48 -5.81 16.88
N TYR B 608 -8.43 -4.49 16.77
CA TYR B 608 -9.38 -3.56 17.44
C TYR B 608 -9.92 -2.64 16.35
N PRO B 609 -11.26 -2.60 16.17
CA PRO B 609 -11.83 -1.81 15.10
C PRO B 609 -11.99 -0.33 15.46
N PHE B 610 -12.20 0.48 14.42
CA PHE B 610 -12.56 1.90 14.55
C PHE B 610 -13.75 2.01 15.53
N GLY B 611 -13.64 2.90 16.51
CA GLY B 611 -14.71 3.21 17.46
C GLY B 611 -14.71 2.28 18.67
N TYR B 612 -13.72 1.41 18.81
CA TYR B 612 -13.65 0.43 19.92
C TYR B 612 -13.07 1.10 21.17
N GLY B 613 -13.62 0.73 22.32
CA GLY B 613 -13.04 1.02 23.64
C GLY B 613 -13.95 0.49 24.73
N LEU B 614 -13.38 -0.04 25.80
CA LEU B 614 -14.21 -0.68 26.86
C LEU B 614 -14.47 0.34 27.97
N SER B 615 -15.26 -0.07 28.94
CA SER B 615 -15.65 0.74 30.12
C SER B 615 -15.54 -0.16 31.35
N TYR B 616 -15.53 0.45 32.53
CA TYR B 616 -15.72 -0.26 33.81
C TYR B 616 -17.21 -0.53 34.05
N THR B 617 -18.11 0.03 33.23
CA THR B 617 -19.55 -0.30 33.28
C THR B 617 -19.94 -0.94 31.96
N GLU B 618 -21.20 -1.32 31.83
CA GLU B 618 -21.81 -1.92 30.60
C GLU B 618 -22.87 -0.95 30.09
N PHE B 619 -23.04 -0.87 28.78
CA PHE B 619 -24.04 -0.01 28.10
C PHE B 619 -24.85 -0.87 27.15
N SER B 620 -26.12 -0.53 26.96
CA SER B 620 -27.04 -1.20 26.01
C SER B 620 -27.68 -0.14 25.13
N LEU B 621 -28.03 -0.51 23.92
CA LEU B 621 -28.81 0.34 23.00
C LEU B 621 -30.15 -0.37 22.76
N SER B 622 -31.24 0.39 22.81
CA SER B 622 -32.59 -0.03 22.34
C SER B 622 -32.54 -0.19 20.83
N PRO B 623 -33.53 -0.87 20.21
CA PRO B 623 -33.58 -0.98 18.75
C PRO B 623 -33.59 0.39 18.07
N LEU B 624 -32.92 0.50 16.93
CA LEU B 624 -32.85 1.76 16.15
C LEU B 624 -34.22 2.03 15.54
N ARG B 625 -34.68 3.28 15.63
CA ARG B 625 -35.96 3.75 15.04
C ARG B 625 -35.68 4.91 14.10
N LEU B 626 -36.18 4.83 12.87
CA LEU B 626 -36.09 5.95 11.89
C LEU B 626 -37.46 6.64 11.85
N SER B 627 -37.48 7.95 11.68
CA SER B 627 -38.72 8.78 11.60
C SER B 627 -39.59 8.39 10.39
N SER B 628 -39.05 7.86 9.29
CA SER B 628 -39.85 7.34 8.14
C SER B 628 -39.08 6.28 7.36
N GLU B 629 -39.81 5.57 6.49
CA GLU B 629 -39.28 4.61 5.50
C GLU B 629 -38.80 5.33 4.24
N ARG B 630 -39.31 6.52 3.95
CA ARG B 630 -38.98 7.32 2.75
C ARG B 630 -38.58 8.72 3.17
N LEU B 631 -37.59 9.31 2.51
CA LEU B 631 -37.11 10.69 2.76
C LEU B 631 -37.22 11.49 1.46
N ALA B 632 -38.03 12.55 1.48
CA ALA B 632 -38.17 13.49 0.35
C ALA B 632 -36.90 14.35 0.30
N ARG B 633 -36.45 14.68 -0.91
CA ARG B 633 -35.33 15.61 -1.14
C ARG B 633 -35.57 16.87 -0.28
N GLY B 634 -34.60 17.25 0.56
CA GLY B 634 -34.64 18.52 1.30
C GLY B 634 -35.27 18.38 2.68
N ALA B 635 -35.93 17.25 2.95
CA ALA B 635 -36.41 16.88 4.30
C ALA B 635 -35.22 16.29 5.08
N THR B 636 -35.35 16.24 6.41
CA THR B 636 -34.35 15.61 7.30
C THR B 636 -35.00 14.38 7.93
N LEU B 637 -34.20 13.35 8.13
CA LEU B 637 -34.62 12.04 8.72
C LEU B 637 -34.09 12.03 10.15
N GLU B 638 -34.85 11.47 11.08
CA GLU B 638 -34.42 11.31 12.48
C GLU B 638 -34.19 9.85 12.76
N ALA B 639 -33.05 9.54 13.37
CA ALA B 639 -32.69 8.20 13.84
C ALA B 639 -32.59 8.29 15.36
N ARG B 640 -33.35 7.44 16.05
CA ARG B 640 -33.54 7.52 17.52
C ARG B 640 -33.11 6.20 18.13
N VAL B 641 -32.38 6.27 19.22
CA VAL B 641 -32.00 5.07 19.99
C VAL B 641 -31.91 5.50 21.44
N THR B 642 -32.20 4.60 22.38
CA THR B 642 -32.02 4.86 23.82
C THR B 642 -30.78 4.11 24.30
N LEU B 643 -29.86 4.86 24.90
CA LEU B 643 -28.62 4.34 25.52
C LEU B 643 -28.87 4.16 27.01
N SER B 644 -28.48 3.01 27.56
CA SER B 644 -28.60 2.70 29.01
C SER B 644 -27.25 2.29 29.59
N ASN B 645 -26.92 2.81 30.77
CA ASN B 645 -25.85 2.29 31.66
C ASN B 645 -26.45 1.12 32.45
N SER B 646 -26.19 -0.11 32.02
CA SER B 646 -26.75 -1.35 32.62
C SER B 646 -25.75 -1.95 33.61
N GLY B 647 -24.75 -1.19 34.04
CA GLY B 647 -23.72 -1.67 35.00
C GLY B 647 -23.74 -0.90 36.30
N LYS B 648 -22.65 -0.94 37.07
CA LYS B 648 -22.63 -0.44 38.47
C LYS B 648 -21.82 0.85 38.63
N ARG B 649 -21.13 1.35 37.61
CA ARG B 649 -20.36 2.63 37.76
C ARG B 649 -20.86 3.64 36.73
N ALA B 650 -20.86 4.90 37.12
CA ALA B 650 -21.11 6.04 36.20
C ALA B 650 -20.04 5.97 35.11
N GLY B 651 -20.39 6.34 33.88
CA GLY B 651 -19.39 6.37 32.80
C GLY B 651 -19.98 6.85 31.51
N ALA B 652 -19.09 7.23 30.61
CA ALA B 652 -19.40 7.74 29.27
C ALA B 652 -19.08 6.66 28.22
N THR B 653 -19.81 6.70 27.13
CA THR B 653 -19.53 5.94 25.91
C THR B 653 -19.86 6.86 24.74
N VAL B 654 -19.67 6.36 23.52
CA VAL B 654 -19.89 7.17 22.30
C VAL B 654 -20.80 6.37 21.41
N VAL B 655 -21.99 6.92 21.17
CA VAL B 655 -22.95 6.32 20.22
C VAL B 655 -22.54 6.82 18.85
N GLN B 656 -22.34 5.88 17.94
CA GLN B 656 -21.76 6.15 16.60
C GLN B 656 -22.84 5.87 15.57
N LEU B 657 -23.08 6.81 14.68
CA LEU B 657 -24.01 6.58 13.55
C LEU B 657 -23.19 6.40 12.26
N TYR B 658 -23.44 5.30 11.55
CA TYR B 658 -22.81 4.95 10.26
C TYR B 658 -23.90 4.85 9.19
N LEU B 659 -23.50 5.17 7.97
CA LEU B 659 -24.36 5.13 6.76
C LEU B 659 -23.72 4.19 5.72
N GLN B 660 -24.53 3.40 5.04
CA GLN B 660 -24.14 2.69 3.82
C GLN B 660 -25.12 2.99 2.70
N ASP B 661 -24.57 3.22 1.51
CA ASP B 661 -25.29 3.37 0.23
C ASP B 661 -25.07 2.10 -0.57
N PRO B 662 -25.88 1.04 -0.39
CA PRO B 662 -25.57 -0.28 -0.95
C PRO B 662 -25.66 -0.43 -2.48
N VAL B 663 -26.28 0.51 -3.20
CA VAL B 663 -26.36 0.50 -4.69
C VAL B 663 -26.06 1.90 -5.19
N ALA B 664 -24.96 2.09 -5.90
CA ALA B 664 -24.55 3.42 -6.38
C ALA B 664 -23.81 3.30 -7.72
N SER B 665 -23.52 4.42 -8.33
CA SER B 665 -22.77 4.48 -9.61
C SER B 665 -21.27 4.26 -9.35
N LEU B 666 -20.83 4.28 -8.10
CA LEU B 666 -19.49 3.84 -7.65
C LEU B 666 -19.70 2.77 -6.58
N SER B 667 -18.74 1.86 -6.39
CA SER B 667 -18.75 0.95 -5.21
C SER B 667 -18.56 1.82 -3.98
N ARG B 668 -19.51 1.85 -3.03
CA ARG B 668 -19.36 2.74 -1.84
CA ARG B 668 -19.43 2.73 -1.83
C ARG B 668 -18.98 1.92 -0.62
N PRO B 669 -18.36 2.54 0.40
CA PRO B 669 -17.88 1.80 1.56
C PRO B 669 -18.97 1.01 2.27
N VAL B 670 -18.57 -0.02 3.01
CA VAL B 670 -19.52 -0.89 3.77
C VAL B 670 -20.21 -0.05 4.86
N LYS B 671 -19.48 0.96 5.37
CA LYS B 671 -20.00 1.93 6.37
C LYS B 671 -19.19 3.21 6.26
N GLU B 672 -19.79 4.33 6.62
CA GLU B 672 -19.14 5.66 6.73
C GLU B 672 -19.73 6.36 7.96
N LEU B 673 -18.89 6.81 8.88
CA LEU B 673 -19.33 7.59 10.05
C LEU B 673 -20.03 8.87 9.58
N ARG B 674 -21.24 9.12 10.09
CA ARG B 674 -22.03 10.33 9.73
C ARG B 674 -22.57 11.05 10.97
N GLY B 675 -22.29 10.53 12.16
CA GLY B 675 -22.70 11.19 13.41
C GLY B 675 -22.20 10.45 14.61
N PHE B 676 -22.12 11.13 15.73
CA PHE B 676 -21.81 10.51 17.03
C PHE B 676 -22.27 11.40 18.19
N ARG B 677 -22.39 10.80 19.37
CA ARG B 677 -22.79 11.51 20.61
C ARG B 677 -22.06 10.83 21.76
N LYS B 678 -21.19 11.55 22.43
CA LYS B 678 -20.57 11.07 23.68
C LYS B 678 -21.57 11.38 24.80
N VAL B 679 -21.92 10.37 25.58
CA VAL B 679 -22.97 10.46 26.65
C VAL B 679 -22.40 9.90 27.96
N MET B 680 -22.43 10.72 29.00
CA MET B 680 -22.09 10.33 30.39
C MET B 680 -23.36 9.91 31.13
N LEU B 681 -23.43 8.70 31.69
CA LEU B 681 -24.64 8.17 32.36
C LEU B 681 -24.31 7.59 33.74
N GLU B 682 -25.20 7.83 34.71
CA GLU B 682 -25.16 7.17 36.06
C GLU B 682 -25.58 5.73 35.89
N PRO B 683 -25.26 4.83 36.84
CA PRO B 683 -25.75 3.45 36.80
C PRO B 683 -27.29 3.44 36.76
N GLY B 684 -27.88 2.70 35.82
CA GLY B 684 -29.33 2.61 35.64
C GLY B 684 -29.92 3.75 34.82
N GLU B 685 -29.17 4.82 34.54
CA GLU B 685 -29.69 5.97 33.77
C GLU B 685 -29.81 5.62 32.28
N SER B 686 -30.83 6.18 31.62
CA SER B 686 -31.11 6.08 30.16
C SER B 686 -31.13 7.48 29.56
N ARG B 687 -30.73 7.61 28.30
CA ARG B 687 -30.90 8.85 27.52
C ARG B 687 -31.29 8.49 26.08
N GLU B 688 -32.30 9.20 25.57
CA GLU B 688 -32.70 9.12 24.16
C GLU B 688 -31.70 9.94 23.35
N ILE B 689 -31.13 9.32 22.31
CA ILE B 689 -30.21 9.98 21.35
C ILE B 689 -30.94 10.11 20.01
N VAL B 690 -30.91 11.31 19.47
CA VAL B 690 -31.56 11.68 18.19
C VAL B 690 -30.45 12.12 17.25
N PHE B 691 -30.31 11.44 16.12
CA PHE B 691 -29.46 11.91 14.99
C PHE B 691 -30.40 12.43 13.91
N ARG B 692 -30.02 13.55 13.32
CA ARG B 692 -30.68 14.16 12.13
C ARG B 692 -29.79 13.94 10.91
N LEU B 693 -30.38 13.41 9.84
CA LEU B 693 -29.68 13.18 8.55
C LEU B 693 -30.45 13.94 7.46
N GLY B 694 -29.71 14.62 6.58
CA GLY B 694 -30.29 15.23 5.37
C GLY B 694 -29.53 14.81 4.12
N GLU B 695 -29.92 15.36 2.99
CA GLU B 695 -29.29 15.12 1.68
C GLU B 695 -27.77 15.29 1.82
N ALA B 696 -27.29 16.33 2.52
CA ALA B 696 -25.84 16.61 2.67
C ALA B 696 -25.09 15.35 3.12
N ASP B 697 -25.68 14.55 4.02
CA ASP B 697 -25.03 13.34 4.59
C ASP B 697 -25.01 12.16 3.60
N LEU B 698 -25.80 12.21 2.54
CA LEU B 698 -26.04 11.09 1.59
C LEU B 698 -25.24 11.26 0.29
N LYS B 699 -24.59 12.41 0.10
CA LYS B 699 -23.88 12.76 -1.16
C LYS B 699 -22.51 12.05 -1.18
N PHE B 700 -22.02 11.75 -2.37
CA PHE B 700 -20.67 11.23 -2.63
C PHE B 700 -20.21 11.75 -4.00
N TYR B 701 -18.91 11.72 -4.20
CA TYR B 701 -18.27 12.04 -5.50
C TYR B 701 -18.31 10.81 -6.40
N ASP B 702 -19.03 10.90 -7.52
CA ASP B 702 -19.11 9.81 -8.52
C ASP B 702 -17.88 9.88 -9.45
N SER B 703 -17.84 9.01 -10.45
CA SER B 703 -16.73 8.86 -11.43
C SER B 703 -16.38 10.18 -12.10
N GLN B 704 -17.38 11.05 -12.30
CA GLN B 704 -17.27 12.34 -13.04
C GLN B 704 -17.11 13.48 -12.05
N LEU B 705 -16.90 13.18 -10.77
CA LEU B 705 -16.69 14.13 -9.65
C LEU B 705 -17.93 15.00 -9.46
N ARG B 706 -19.11 14.50 -9.83
CA ARG B 706 -20.37 15.12 -9.37
C ARG B 706 -20.57 14.77 -7.90
N HIS B 707 -20.88 15.77 -7.09
CA HIS B 707 -21.22 15.59 -5.65
C HIS B 707 -22.74 15.45 -5.49
N THR B 708 -23.25 14.22 -5.41
CA THR B 708 -24.68 13.90 -5.65
C THR B 708 -25.15 12.89 -4.61
N ALA B 709 -26.40 13.00 -4.13
CA ALA B 709 -27.09 11.91 -3.42
C ALA B 709 -28.00 11.22 -4.44
N GLU B 710 -27.82 9.92 -4.70
CA GLU B 710 -28.64 9.20 -5.70
C GLU B 710 -29.81 8.59 -4.99
N PRO B 711 -31.03 8.63 -5.57
CA PRO B 711 -32.21 8.03 -4.96
C PRO B 711 -31.97 6.53 -4.78
N GLY B 712 -32.61 5.95 -3.77
CA GLY B 712 -32.52 4.52 -3.45
C GLY B 712 -32.30 4.28 -1.97
N GLU B 713 -31.96 3.05 -1.61
CA GLU B 713 -31.82 2.62 -0.21
C GLU B 713 -30.56 3.25 0.41
N PHE B 714 -30.68 3.65 1.67
CA PHE B 714 -29.55 3.86 2.60
C PHE B 714 -29.80 3.01 3.84
N LYS B 715 -28.69 2.45 4.36
CA LYS B 715 -28.67 1.67 5.61
C LYS B 715 -28.06 2.57 6.68
N VAL B 716 -28.75 2.67 7.82
CA VAL B 716 -28.32 3.43 9.01
C VAL B 716 -27.93 2.40 10.05
N PHE B 717 -26.70 2.52 10.56
CA PHE B 717 -26.15 1.69 11.65
C PHE B 717 -25.92 2.57 12.86
N VAL B 718 -26.29 2.08 14.03
CA VAL B 718 -25.93 2.74 15.30
C VAL B 718 -25.26 1.70 16.19
N GLY B 719 -24.23 2.10 16.91
CA GLY B 719 -23.48 1.18 17.77
C GLY B 719 -22.50 1.89 18.66
N LEU B 720 -21.87 1.15 19.57
CA LEU B 720 -20.80 1.68 20.44
C LEU B 720 -19.43 1.40 19.82
N ASP B 721 -19.37 0.80 18.63
CA ASP B 721 -18.16 0.79 17.76
C ASP B 721 -18.56 0.43 16.33
N SER B 722 -17.63 0.45 15.38
CA SER B 722 -17.90 0.21 13.95
C SER B 722 -18.26 -1.25 13.67
N ALA B 723 -17.97 -2.17 14.58
CA ALA B 723 -18.12 -3.63 14.36
C ALA B 723 -19.44 -4.14 14.95
N GLN B 724 -19.96 -3.54 16.03
CA GLN B 724 -21.14 -4.06 16.78
C GLN B 724 -22.27 -3.04 16.64
N THR B 725 -23.03 -3.15 15.55
CA THR B 725 -24.06 -2.15 15.17
C THR B 725 -25.40 -2.85 14.98
N GLU B 726 -26.49 -2.10 15.06
CA GLU B 726 -27.81 -2.53 14.50
C GLU B 726 -28.16 -1.58 13.35
N SER B 727 -28.83 -2.07 12.30
CA SER B 727 -29.17 -1.22 11.13
C SER B 727 -30.67 -1.21 10.79
N ARG B 728 -31.10 -0.10 10.21
CA ARG B 728 -32.45 0.08 9.63
C ARG B 728 -32.28 0.77 8.27
N SER B 729 -33.19 0.53 7.33
CA SER B 729 -33.11 1.09 5.95
C SER B 729 -34.18 2.15 5.73
N PHE B 730 -33.87 3.14 4.91
CA PHE B 730 -34.86 4.05 4.29
C PHE B 730 -34.49 4.24 2.83
N THR B 731 -35.43 4.80 2.07
CA THR B 731 -35.29 5.17 0.64
C THR B 731 -35.25 6.68 0.51
N LEU B 732 -34.23 7.23 -0.15
CA LEU B 732 -34.25 8.61 -0.68
C LEU B 732 -35.06 8.62 -1.99
N LEU B 733 -35.97 9.59 -2.15
CA LEU B 733 -36.86 9.73 -3.34
C LEU B 733 -36.21 10.63 -4.40
C1 PGE C . -8.48 -33.76 -17.45
O1 PGE C . -9.01 -35.02 -17.15
C2 PGE C . -7.33 -33.38 -16.57
O2 PGE C . -7.67 -32.22 -15.81
C3 PGE C . -6.54 -31.57 -15.23
C4 PGE C . -6.18 -32.22 -13.93
O4 PGE C . -3.73 -35.69 -12.61
C6 PGE C . -3.42 -34.42 -13.18
C5 PGE C . -4.41 -33.35 -12.81
O3 PGE C . -4.83 -32.68 -14.00
C1 NOJ D . -10.65 -17.23 -12.17
C2 NOJ D . -9.37 -16.47 -12.52
O2 NOJ D . -9.49 -15.20 -11.94
C3 NOJ D . -8.94 -16.50 -14.00
O3 NOJ D . -7.54 -16.26 -14.03
C4 NOJ D . -9.40 -17.81 -14.71
O4 NOJ D . -9.06 -17.71 -16.08
C5 NOJ D . -10.91 -18.10 -14.54
N5 NOJ D . -11.35 -18.04 -13.13
C6 NOJ D . -11.36 -19.48 -15.05
O6 NOJ D . -10.54 -20.57 -14.66
MG MG E . 12.92 16.10 -19.37
C1 PGE F . -13.96 -6.38 19.36
O1 PGE F . -14.45 -6.53 18.05
C2 PGE F . -12.48 -6.35 19.42
O2 PGE F . -11.98 -7.65 19.77
C3 PGE F . -10.97 -7.64 20.76
C4 PGE F . -10.75 -9.02 21.24
O4 PGE F . -8.27 -11.70 18.66
C6 PGE F . -8.41 -11.61 20.09
C5 PGE F . -9.76 -11.08 20.55
O3 PGE F . -9.83 -9.67 20.37
C1 NOJ G . 8.48 20.41 8.94
C2 NOJ G . 7.09 19.77 8.98
O2 NOJ G . 6.94 18.93 7.85
C3 NOJ G . 5.92 20.69 9.34
O3 NOJ G . 4.88 19.84 9.86
C4 NOJ G . 6.42 21.86 10.26
O4 NOJ G . 5.33 22.73 10.41
C5 NOJ G . 7.60 22.66 9.69
N5 NOJ G . 8.69 21.79 9.31
C6 NOJ G . 8.22 23.67 10.69
O6 NOJ G . 8.73 23.05 11.85
MG MG H . -27.78 4.28 -3.70
#